data_7RLY
#
_entry.id   7RLY
#
_cell.length_a   71.723
_cell.length_b   82.287
_cell.length_c   82.747
_cell.angle_alpha   95.263
_cell.angle_beta   113.784
_cell.angle_gamma   111.471
#
_symmetry.space_group_name_H-M   'P 1'
#
loop_
_entity.id
_entity.type
_entity.pdbx_description
1 polymer 'peptide from Circumsporozoite protein variant VK210'
2 polymer '2F2 Fab light chain'
3 polymer '2F2 Fab heavy chain'
4 water water
#
loop_
_entity_poly.entity_id
_entity_poly.type
_entity_poly.pdbx_seq_one_letter_code
_entity_poly.pdbx_strand_id
1 'polypeptide(L)' DRAAGQPAGDRADGQPA P,R,Q
2 'polypeptide(L)'
;NSDIVMTQTPLSLSVTIGQPASISCKSSQSLLHSNGKTYLNWLQQRPGQAPKILMYLVSKLDPGIPDRFSGSGSETDFTL
KISRVEAEDLGVYYCLQGTYYPFTFGSGTKLEIKRTVAAPSVFIFPPSDEQLKSGTASVVCLLNNFYPREAKVQWKVDNA
LQSGNSQESVTEQDSKDSTYSLSSTLTLSKADYEKHKVYACEVTHQGLSSPVTKSFNRGEC
;
B,D,F
3 'polypeptide(L)'
;NSQLQQSGPELVKPGASVKISCKASGYSFTGYYMHWVKQSHVKSLEWIGRIDPYDGATSYNQNFKDKASLTVDKSSTTGF
MELHSLTSEDSAVYYCAREGHWDGDWYFDVWGAGTTVTVSSASTKGPSVFPLAPSSKSTSGGTAALGCLVKDYFPEPVTV
SWNSGALTSGVHTFPAVLQSSGLYSLSSVVTVPSSSLGTQTYICNVNHKPSNTKVDKKVEPKSC
;
A,C,E
#
# COMPACT_ATOMS: atom_id res chain seq x y z
N ASP A 1 -18.77 36.42 2.15
CA ASP A 1 -17.32 36.61 2.23
C ASP A 1 -16.61 35.35 1.74
N ARG A 2 -15.49 35.52 1.05
CA ARG A 2 -14.76 34.42 0.45
C ARG A 2 -13.47 34.12 1.22
N ALA A 3 -12.97 32.91 1.03
CA ALA A 3 -11.81 32.44 1.76
C ALA A 3 -10.53 33.09 1.25
N ALA A 4 -9.65 33.44 2.17
CA ALA A 4 -8.30 33.90 1.88
C ALA A 4 -7.34 33.15 2.79
N GLY A 5 -6.06 33.22 2.48
CA GLY A 5 -5.09 32.47 3.26
C GLY A 5 -3.68 32.94 3.02
N GLN A 6 -2.74 32.19 3.60
CA GLN A 6 -1.33 32.53 3.46
C GLN A 6 -0.83 32.17 2.06
N PRO A 7 0.14 32.91 1.54
CA PRO A 7 0.53 32.74 0.13
C PRO A 7 1.01 31.35 -0.25
N ALA A 8 1.51 30.55 0.69
CA ALA A 8 2.03 29.24 0.34
C ALA A 8 0.94 28.27 -0.12
N GLY A 9 -0.33 28.62 0.04
CA GLY A 9 -1.39 27.71 -0.36
C GLY A 9 -1.55 27.57 -1.86
N ASP A 10 -1.30 28.64 -2.60
CA ASP A 10 -1.43 28.64 -4.06
C ASP A 10 -0.08 28.94 -4.71
N ARG A 11 0.13 28.37 -5.90
CA ARG A 11 1.38 28.62 -6.61
C ARG A 11 1.47 30.04 -7.13
N ALA A 12 0.33 30.63 -7.51
CA ALA A 12 0.35 32.02 -7.97
C ALA A 12 0.59 33.00 -6.84
N ASP A 13 0.25 32.62 -5.60
CA ASP A 13 0.39 33.54 -4.47
C ASP A 13 1.80 33.55 -3.90
N GLY A 14 2.42 32.37 -3.76
CA GLY A 14 3.74 32.29 -3.16
C GLY A 14 4.84 31.89 -4.13
N GLN A 15 4.80 30.64 -4.58
CA GLN A 15 5.78 30.09 -5.52
C GLN A 15 7.20 30.20 -5.00
N ASP B 3 41.10 -23.65 24.60
CA ASP B 3 40.67 -22.57 23.72
C ASP B 3 39.66 -21.68 24.41
N ILE B 4 39.62 -20.40 24.03
CA ILE B 4 38.72 -19.44 24.63
C ILE B 4 37.28 -19.73 24.18
N VAL B 5 36.35 -19.75 25.13
CA VAL B 5 34.93 -19.95 24.85
C VAL B 5 34.26 -18.58 24.75
N MET B 6 33.53 -18.35 23.66
CA MET B 6 32.85 -17.08 23.42
C MET B 6 31.36 -17.31 23.54
N THR B 7 30.75 -16.74 24.58
CA THR B 7 29.33 -16.91 24.86
C THR B 7 28.58 -15.64 24.47
N GLN B 8 27.63 -15.78 23.54
CA GLN B 8 26.82 -14.65 23.09
C GLN B 8 25.42 -14.74 23.71
N THR B 9 24.91 -13.59 24.14
CA THR B 9 23.56 -13.48 24.69
C THR B 9 22.92 -12.24 24.09
N PRO B 10 21.70 -12.35 23.54
CA PRO B 10 20.96 -13.61 23.41
C PRO B 10 21.38 -14.39 22.17
N LEU B 11 20.77 -15.56 21.95
CA LEU B 11 21.04 -16.36 20.77
C LEU B 11 20.08 -16.08 19.61
N SER B 12 18.91 -15.54 19.91
CA SER B 12 17.96 -15.07 18.90
C SER B 12 17.36 -13.77 19.38
N LEU B 13 16.96 -12.93 18.42
CA LEU B 13 16.50 -11.58 18.75
C LEU B 13 15.50 -11.12 17.70
N SER B 14 14.34 -10.65 18.15
CA SER B 14 13.30 -10.12 17.28
C SER B 14 13.16 -8.62 17.54
N VAL B 15 13.45 -7.81 16.52
CA VAL B 15 13.47 -6.36 16.64
C VAL B 15 12.61 -5.75 15.55
N THR B 16 11.84 -4.73 15.91
CA THR B 16 11.09 -3.97 14.93
C THR B 16 12.01 -2.96 14.25
N ILE B 17 11.74 -2.69 12.96
CA ILE B 17 12.54 -1.73 12.22
C ILE B 17 12.46 -0.37 12.90
N GLY B 18 13.62 0.23 13.14
CA GLY B 18 13.71 1.50 13.82
C GLY B 18 14.01 1.40 15.30
N GLN B 19 13.99 0.19 15.86
CA GLN B 19 14.23 -0.01 17.27
C GLN B 19 15.70 -0.37 17.52
N PRO B 20 16.23 -0.06 18.70
CA PRO B 20 17.61 -0.43 18.99
C PRO B 20 17.75 -1.94 19.15
N ALA B 21 18.99 -2.42 19.03
CA ALA B 21 19.31 -3.82 19.23
C ALA B 21 20.65 -3.93 19.94
N SER B 22 20.75 -4.92 20.82
CA SER B 22 21.96 -5.13 21.60
C SER B 22 22.30 -6.61 21.59
N ILE B 23 23.59 -6.90 21.40
CA ILE B 23 24.12 -8.26 21.48
C ILE B 23 25.33 -8.24 22.41
N SER B 24 25.35 -9.14 23.37
CA SER B 24 26.45 -9.23 24.32
C SER B 24 27.32 -10.44 23.99
N CYS B 25 28.61 -10.30 24.28
CA CYS B 25 29.59 -11.37 24.09
C CYS B 25 30.47 -11.39 25.33
N LYS B 26 30.57 -12.55 25.97
CA LYS B 26 31.39 -12.72 27.16
C LYS B 26 32.44 -13.78 26.88
N SER B 27 33.69 -13.47 27.21
CA SER B 27 34.81 -14.37 26.98
C SER B 27 35.27 -14.97 28.29
N SER B 28 35.74 -16.22 28.23
CA SER B 28 36.14 -16.94 29.43
C SER B 28 37.36 -16.34 30.09
N GLN B 29 38.19 -15.61 29.34
CA GLN B 29 39.34 -14.92 29.88
C GLN B 29 39.40 -13.51 29.30
N SER B 30 40.13 -12.63 29.99
CA SER B 30 40.26 -11.25 29.52
C SER B 30 40.96 -11.22 28.18
N LEU B 31 40.32 -10.57 27.20
CA LEU B 31 40.86 -10.47 25.85
C LEU B 31 41.85 -9.33 25.68
N LEU B 32 42.30 -8.73 26.78
CA LEU B 32 43.30 -7.66 26.71
C LEU B 32 44.67 -8.28 26.55
N HIS B 33 45.28 -8.09 25.38
CA HIS B 33 46.58 -8.65 25.11
C HIS B 33 47.67 -7.83 25.82
N SER B 34 48.86 -8.43 25.94
CA SER B 34 49.97 -7.77 26.62
C SER B 34 50.42 -6.51 25.90
N ASN B 35 50.24 -6.46 24.58
CA ASN B 35 50.64 -5.28 23.81
C ASN B 35 49.67 -4.11 23.97
N GLY B 36 48.61 -4.27 24.75
CA GLY B 36 47.66 -3.20 25.02
C GLY B 36 46.41 -3.22 24.17
N LYS B 37 46.37 -4.05 23.13
CA LYS B 37 45.21 -4.13 22.27
C LYS B 37 44.25 -5.22 22.76
N THR B 38 42.97 -5.00 22.51
CA THR B 38 41.91 -5.96 22.85
C THR B 38 41.29 -6.44 21.54
N TYR B 39 41.73 -7.61 21.06
CA TYR B 39 41.35 -8.11 19.74
C TYR B 39 39.99 -8.80 19.82
N LEU B 40 38.95 -7.97 19.82
CA LEU B 40 37.57 -8.45 19.71
C LEU B 40 36.97 -7.99 18.39
N ASN B 41 36.38 -8.93 17.65
CA ASN B 41 35.81 -8.65 16.34
C ASN B 41 34.33 -9.03 16.33
N TRP B 42 33.53 -8.22 15.65
CA TRP B 42 32.12 -8.49 15.43
C TRP B 42 31.90 -8.75 13.95
N LEU B 43 31.21 -9.84 13.63
CA LEU B 43 30.99 -10.23 12.24
C LEU B 43 29.50 -10.36 11.96
N GLN B 44 29.13 -10.11 10.70
CA GLN B 44 27.75 -10.26 10.24
C GLN B 44 27.74 -11.20 9.04
N GLN B 45 26.80 -12.14 9.06
CA GLN B 45 26.61 -13.06 7.93
C GLN B 45 25.14 -13.02 7.50
N ARG B 46 24.88 -12.40 6.36
CA ARG B 46 23.53 -12.39 5.81
C ARG B 46 23.23 -13.70 5.09
N PRO B 47 21.96 -14.04 4.91
CA PRO B 47 21.62 -15.31 4.27
C PRO B 47 22.26 -15.44 2.89
N GLY B 48 22.94 -16.55 2.67
CA GLY B 48 23.56 -16.85 1.40
C GLY B 48 24.87 -16.13 1.14
N GLN B 49 25.45 -15.47 2.14
CA GLN B 49 26.68 -14.72 1.96
C GLN B 49 27.72 -15.16 2.98
N ALA B 50 28.97 -14.77 2.71
CA ALA B 50 30.07 -15.05 3.61
C ALA B 50 30.05 -14.08 4.79
N PRO B 51 30.67 -14.45 5.91
CA PRO B 51 30.77 -13.51 7.03
C PRO B 51 31.51 -12.26 6.62
N LYS B 52 31.20 -11.16 7.29
CA LYS B 52 31.82 -9.87 7.01
C LYS B 52 32.16 -9.20 8.33
N ILE B 53 33.35 -8.61 8.41
CA ILE B 53 33.74 -7.91 9.62
C ILE B 53 32.91 -6.64 9.73
N LEU B 54 32.24 -6.48 10.86
CA LEU B 54 31.61 -5.21 11.19
C LEU B 54 32.56 -4.29 11.94
N MET B 55 33.16 -4.80 13.00
CA MET B 55 34.05 -4.02 13.86
C MET B 55 35.24 -4.88 14.25
N TYR B 56 36.38 -4.20 14.44
CA TYR B 56 37.58 -4.83 14.95
C TYR B 56 38.10 -3.99 16.12
N LEU B 57 38.89 -4.63 16.99
CA LEU B 57 39.41 -3.99 18.19
C LEU B 57 38.29 -3.34 19.01
N VAL B 58 37.28 -4.16 19.33
CA VAL B 58 36.16 -3.79 20.19
C VAL B 58 35.23 -2.77 19.53
N SER B 59 35.76 -1.59 19.18
CA SER B 59 34.89 -0.49 18.79
C SER B 59 35.24 0.19 17.47
N LYS B 60 36.24 -0.30 16.73
CA LYS B 60 36.64 0.34 15.48
C LYS B 60 35.86 -0.29 14.32
N LEU B 61 35.16 0.54 13.56
CA LEU B 61 34.34 0.06 12.45
C LEU B 61 35.14 -0.04 11.17
N ASP B 62 34.80 -1.03 10.36
CA ASP B 62 35.29 -1.08 8.99
C ASP B 62 34.71 0.09 8.19
N PRO B 63 35.53 0.76 7.39
CA PRO B 63 35.07 2.01 6.74
C PRO B 63 33.77 1.88 5.93
N GLY B 64 33.47 0.70 5.39
CA GLY B 64 32.22 0.52 4.65
C GLY B 64 30.99 0.38 5.51
N ILE B 65 31.15 0.06 6.78
CA ILE B 65 30.00 -0.25 7.65
C ILE B 65 29.28 1.05 8.01
N PRO B 66 27.95 1.08 7.98
CA PRO B 66 27.23 2.29 8.40
C PRO B 66 27.42 2.58 9.87
N ASP B 67 27.33 3.87 10.21
CA ASP B 67 27.68 4.35 11.55
C ASP B 67 26.71 3.91 12.63
N ARG B 68 25.54 3.37 12.27
CA ARG B 68 24.58 2.94 13.29
C ARG B 68 25.05 1.73 14.08
N PHE B 69 26.10 1.04 13.63
CA PHE B 69 26.72 -0.02 14.41
C PHE B 69 27.75 0.56 15.36
N SER B 70 27.78 0.06 16.59
CA SER B 70 28.75 0.50 17.57
C SER B 70 29.10 -0.66 18.49
N GLY B 71 30.28 -0.57 19.10
CA GLY B 71 30.75 -1.61 19.99
C GLY B 71 31.38 -1.01 21.23
N SER B 72 31.23 -1.72 22.34
CA SER B 72 31.86 -1.30 23.59
C SER B 72 32.17 -2.53 24.42
N GLY B 73 32.85 -2.30 25.53
CA GLY B 73 33.17 -3.34 26.48
C GLY B 73 34.67 -3.55 26.60
N SER B 74 35.13 -3.90 27.79
CA SER B 74 36.53 -4.22 28.01
C SER B 74 36.68 -5.66 28.49
N GLU B 75 37.93 -6.11 28.56
CA GLU B 75 38.33 -7.38 29.15
C GLU B 75 37.47 -8.57 28.73
N THR B 76 36.39 -8.83 29.45
CA THR B 76 35.59 -10.04 29.26
C THR B 76 34.18 -9.80 28.75
N ASP B 77 33.57 -8.66 29.05
CA ASP B 77 32.21 -8.36 28.59
C ASP B 77 32.24 -7.38 27.43
N PHE B 78 31.50 -7.69 26.37
CA PHE B 78 31.45 -6.86 25.18
C PHE B 78 30.01 -6.78 24.67
N THR B 79 29.70 -5.71 23.96
CA THR B 79 28.34 -5.45 23.51
C THR B 79 28.33 -4.81 22.14
N LEU B 80 27.56 -5.37 21.21
CA LEU B 80 27.32 -4.78 19.90
C LEU B 80 25.93 -4.14 19.89
N LYS B 81 25.87 -2.88 19.47
CA LYS B 81 24.63 -2.12 19.46
C LYS B 81 24.32 -1.62 18.05
N ILE B 82 23.05 -1.73 17.67
CA ILE B 82 22.51 -1.10 16.47
C ILE B 82 21.52 -0.04 16.92
N SER B 83 21.82 1.22 16.60
CA SER B 83 20.99 2.32 17.10
C SER B 83 19.58 2.24 16.52
N ARG B 84 19.46 2.08 15.21
CA ARG B 84 18.17 1.97 14.54
C ARG B 84 18.24 0.81 13.56
N VAL B 85 17.56 -0.30 13.89
CA VAL B 85 17.63 -1.50 13.06
C VAL B 85 16.83 -1.28 11.78
N GLU B 86 17.44 -1.63 10.65
CA GLU B 86 16.79 -1.58 9.35
C GLU B 86 16.58 -2.99 8.82
N ALA B 87 15.80 -3.08 7.74
CA ALA B 87 15.42 -4.39 7.20
C ALA B 87 16.62 -5.17 6.70
N GLU B 88 17.64 -4.48 6.20
CA GLU B 88 18.83 -5.12 5.66
C GLU B 88 19.73 -5.72 6.74
N ASP B 89 19.49 -5.42 8.01
CA ASP B 89 20.34 -5.89 9.10
C ASP B 89 20.04 -7.32 9.54
N LEU B 90 19.09 -8.01 8.92
CA LEU B 90 18.82 -9.39 9.31
C LEU B 90 20.02 -10.29 8.97
N GLY B 91 20.29 -11.25 9.84
CA GLY B 91 21.37 -12.18 9.63
C GLY B 91 21.87 -12.70 10.97
N VAL B 92 23.02 -13.38 10.92
CA VAL B 92 23.64 -13.96 12.10
C VAL B 92 24.87 -13.13 12.46
N TYR B 93 25.01 -12.82 13.74
CA TYR B 93 26.11 -11.99 14.24
C TYR B 93 27.02 -12.84 15.12
N TYR B 94 28.32 -12.76 14.87
CA TYR B 94 29.32 -13.48 15.64
C TYR B 94 30.28 -12.51 16.31
N CYS B 95 30.83 -12.93 17.45
CA CYS B 95 32.02 -12.30 18.00
C CYS B 95 33.20 -13.24 17.81
N LEU B 96 34.36 -12.66 17.55
CA LEU B 96 35.58 -13.42 17.29
C LEU B 96 36.71 -12.79 18.08
N GLN B 97 37.42 -13.60 18.86
CA GLN B 97 38.57 -13.14 19.63
C GLN B 97 39.85 -13.49 18.89
N GLY B 98 40.80 -12.57 18.91
CA GLY B 98 42.07 -12.76 18.25
C GLY B 98 43.24 -12.62 19.20
N THR B 99 42.95 -12.68 20.51
CA THR B 99 44.00 -12.49 21.51
C THR B 99 44.76 -13.79 21.77
N TYR B 100 44.03 -14.88 22.01
CA TYR B 100 44.62 -16.16 22.36
C TYR B 100 44.53 -17.12 21.19
N TYR B 101 45.63 -17.80 20.88
CA TYR B 101 45.61 -18.85 19.88
C TYR B 101 44.85 -20.06 20.43
N PRO B 102 43.92 -20.64 19.66
CA PRO B 102 43.55 -20.22 18.30
C PRO B 102 42.35 -19.28 18.27
N PHE B 103 42.08 -18.70 17.11
CA PHE B 103 40.86 -17.93 16.90
C PHE B 103 39.63 -18.75 17.28
N THR B 104 38.72 -18.14 18.03
CA THR B 104 37.46 -18.79 18.39
C THR B 104 36.30 -17.84 18.17
N PHE B 105 35.24 -18.35 17.54
CA PHE B 105 34.02 -17.60 17.30
C PHE B 105 33.00 -17.88 18.39
N GLY B 106 32.02 -16.98 18.50
CA GLY B 106 30.88 -17.22 19.33
C GLY B 106 29.88 -18.14 18.68
N SER B 107 28.82 -18.47 19.43
CA SER B 107 27.80 -19.37 18.92
C SER B 107 26.97 -18.73 17.80
N GLY B 108 26.90 -17.40 17.76
CA GLY B 108 26.14 -16.73 16.74
C GLY B 108 24.76 -16.32 17.20
N THR B 109 24.35 -15.10 16.87
CA THR B 109 23.05 -14.56 17.27
C THR B 109 22.26 -14.23 16.02
N LYS B 110 21.07 -14.81 15.92
CA LYS B 110 20.18 -14.60 14.77
C LYS B 110 19.30 -13.38 15.03
N LEU B 111 19.42 -12.37 14.17
CA LEU B 111 18.61 -11.16 14.26
C LEU B 111 17.45 -11.26 13.28
N GLU B 112 16.23 -11.29 13.82
CA GLU B 112 15.02 -11.40 13.04
C GLU B 112 14.24 -10.09 13.11
N ILE B 113 13.60 -9.71 12.01
CA ILE B 113 12.85 -8.47 11.94
C ILE B 113 11.39 -8.76 12.29
N LYS B 114 10.79 -7.88 13.10
CA LYS B 114 9.36 -7.90 13.38
C LYS B 114 8.66 -6.83 12.55
N ARG B 115 7.61 -7.23 11.85
CA ARG B 115 6.80 -6.31 11.06
C ARG B 115 5.33 -6.68 11.23
N THR B 116 4.45 -5.86 10.66
CA THR B 116 3.02 -6.14 10.76
C THR B 116 2.64 -7.36 9.93
N VAL B 117 1.48 -7.93 10.26
CA VAL B 117 0.97 -9.08 9.54
C VAL B 117 0.74 -8.74 8.07
N ALA B 118 1.04 -9.69 7.19
CA ALA B 118 0.83 -9.54 5.76
C ALA B 118 0.27 -10.84 5.21
N ALA B 119 -0.86 -10.74 4.50
CA ALA B 119 -1.49 -11.93 3.95
C ALA B 119 -0.70 -12.46 2.75
N PRO B 120 -0.67 -13.78 2.56
CA PRO B 120 0.05 -14.35 1.42
C PRO B 120 -0.76 -14.29 0.13
N SER B 121 -0.04 -14.20 -0.98
CA SER B 121 -0.61 -14.41 -2.30
C SER B 121 -0.41 -15.87 -2.69
N VAL B 122 -1.51 -16.54 -3.03
CA VAL B 122 -1.51 -17.98 -3.27
C VAL B 122 -1.58 -18.25 -4.77
N PHE B 123 -0.69 -19.11 -5.25
CA PHE B 123 -0.67 -19.55 -6.65
C PHE B 123 -0.51 -21.06 -6.69
N ILE B 124 -1.10 -21.69 -7.70
CA ILE B 124 -1.00 -23.13 -7.89
C ILE B 124 -0.51 -23.39 -9.30
N PHE B 125 0.31 -24.43 -9.47
CA PHE B 125 0.92 -24.76 -10.75
C PHE B 125 0.62 -26.21 -11.07
N PRO B 126 -0.01 -26.50 -12.21
CA PRO B 126 -0.22 -27.91 -12.60
C PRO B 126 1.09 -28.56 -12.97
N PRO B 127 1.15 -29.89 -12.97
CA PRO B 127 2.37 -30.57 -13.42
C PRO B 127 2.62 -30.34 -14.89
N SER B 128 3.89 -30.19 -15.24
CA SER B 128 4.27 -29.93 -16.63
C SER B 128 4.16 -31.20 -17.46
N ASP B 129 4.09 -31.02 -18.78
CA ASP B 129 4.02 -32.16 -19.68
C ASP B 129 5.33 -32.94 -19.72
N GLU B 130 6.46 -32.25 -19.53
CA GLU B 130 7.76 -32.94 -19.52
C GLU B 130 7.85 -33.93 -18.36
N GLN B 131 7.33 -33.54 -17.19
CA GLN B 131 7.43 -34.42 -16.03
C GLN B 131 6.46 -35.58 -16.14
N LEU B 132 5.25 -35.34 -16.67
CA LEU B 132 4.28 -36.42 -16.83
C LEU B 132 4.80 -37.50 -17.76
N LYS B 133 5.63 -37.14 -18.73
CA LYS B 133 6.24 -38.15 -19.59
C LYS B 133 7.23 -39.03 -18.83
N SER B 134 7.86 -38.47 -17.79
CA SER B 134 8.84 -39.23 -17.01
C SER B 134 8.19 -40.24 -16.07
N GLY B 135 6.89 -40.10 -15.80
CA GLY B 135 6.18 -41.03 -14.94
C GLY B 135 5.82 -40.51 -13.57
N THR B 136 6.06 -39.24 -13.27
CA THR B 136 5.70 -38.65 -12.00
C THR B 136 4.94 -37.34 -12.25
N ALA B 137 4.33 -36.81 -11.20
CA ALA B 137 3.56 -35.58 -11.28
C ALA B 137 3.75 -34.79 -10.00
N SER B 138 4.11 -33.52 -10.14
CA SER B 138 4.34 -32.62 -9.01
C SER B 138 3.43 -31.41 -9.15
N VAL B 139 2.60 -31.17 -8.14
CA VAL B 139 1.74 -29.98 -8.07
C VAL B 139 2.34 -29.06 -7.02
N VAL B 140 2.57 -27.81 -7.39
CA VAL B 140 3.25 -26.83 -6.53
C VAL B 140 2.26 -25.75 -6.12
N CYS B 141 2.23 -25.44 -4.83
CA CYS B 141 1.42 -24.36 -4.27
C CYS B 141 2.38 -23.31 -3.71
N LEU B 142 2.25 -22.07 -4.18
CA LEU B 142 3.18 -20.99 -3.84
C LEU B 142 2.48 -19.98 -2.94
N LEU B 143 3.08 -19.73 -1.77
CA LEU B 143 2.66 -18.66 -0.87
C LEU B 143 3.74 -17.57 -0.92
N ASN B 144 3.36 -16.38 -1.39
CA ASN B 144 4.33 -15.34 -1.72
C ASN B 144 4.15 -14.14 -0.80
N ASN B 145 5.25 -13.72 -0.17
CA ASN B 145 5.33 -12.49 0.60
C ASN B 145 4.30 -12.41 1.72
N PHE B 146 4.53 -13.13 2.81
CA PHE B 146 3.63 -13.09 3.96
C PHE B 146 4.43 -12.97 5.24
N TYR B 147 3.72 -12.59 6.32
CA TYR B 147 4.26 -12.52 7.66
C TYR B 147 3.10 -12.67 8.62
N PRO B 148 3.23 -13.46 9.70
CA PRO B 148 4.45 -14.14 10.13
C PRO B 148 4.77 -15.42 9.36
N ARG B 149 5.82 -16.11 9.80
CA ARG B 149 6.32 -17.28 9.09
C ARG B 149 5.37 -18.46 9.19
N GLU B 150 4.55 -18.51 10.24
CA GLU B 150 3.64 -19.63 10.47
C GLU B 150 2.50 -19.60 9.46
N ALA B 151 2.35 -20.68 8.70
CA ALA B 151 1.27 -20.81 7.73
C ALA B 151 0.94 -22.28 7.56
N LYS B 152 -0.34 -22.57 7.35
CA LYS B 152 -0.83 -23.93 7.22
C LYS B 152 -1.31 -24.13 5.79
N VAL B 153 -0.73 -25.11 5.11
CA VAL B 153 -1.07 -25.44 3.72
C VAL B 153 -1.60 -26.87 3.70
N GLN B 154 -2.82 -27.05 3.22
CA GLN B 154 -3.46 -28.35 3.12
C GLN B 154 -3.79 -28.66 1.67
N TRP B 155 -3.48 -29.88 1.24
CA TRP B 155 -3.75 -30.34 -0.11
C TRP B 155 -5.03 -31.16 -0.13
N LYS B 156 -5.95 -30.81 -1.03
CA LYS B 156 -7.20 -31.55 -1.22
C LYS B 156 -7.28 -32.03 -2.65
N VAL B 157 -7.39 -33.34 -2.82
CA VAL B 157 -7.54 -33.97 -4.14
C VAL B 157 -8.93 -34.55 -4.19
N ASP B 158 -9.81 -33.94 -4.99
CA ASP B 158 -11.24 -34.26 -5.00
C ASP B 158 -11.82 -34.12 -3.60
N ASN B 159 -11.46 -33.01 -2.94
CA ASN B 159 -11.94 -32.69 -1.59
C ASN B 159 -11.53 -33.74 -0.55
N ALA B 160 -10.43 -34.45 -0.81
CA ALA B 160 -9.91 -35.45 0.12
C ALA B 160 -8.56 -34.95 0.65
N LEU B 161 -8.46 -34.83 1.98
CA LEU B 161 -7.26 -34.27 2.58
C LEU B 161 -6.05 -35.17 2.36
N GLN B 162 -4.95 -34.56 1.96
CA GLN B 162 -3.72 -35.28 1.66
C GLN B 162 -2.74 -35.15 2.83
N SER B 163 -2.10 -36.27 3.18
CA SER B 163 -1.11 -36.27 4.25
C SER B 163 0.02 -37.22 3.88
N GLY B 164 1.26 -36.77 4.11
CA GLY B 164 2.42 -37.60 3.92
C GLY B 164 2.96 -37.65 2.50
N ASN B 165 2.38 -36.90 1.56
CA ASN B 165 2.83 -36.90 0.18
C ASN B 165 3.20 -35.50 -0.31
N SER B 166 3.51 -34.58 0.61
CA SER B 166 3.88 -33.22 0.25
C SER B 166 5.00 -32.74 1.14
N GLN B 167 5.85 -31.88 0.57
CA GLN B 167 6.93 -31.23 1.30
C GLN B 167 6.83 -29.71 1.13
N GLU B 168 7.28 -28.99 2.15
CA GLU B 168 7.27 -27.54 2.15
C GLU B 168 8.70 -27.01 2.18
N SER B 169 8.87 -25.81 1.64
CA SER B 169 10.13 -25.10 1.72
C SER B 169 9.82 -23.64 2.00
N VAL B 170 10.60 -23.02 2.90
CA VAL B 170 10.39 -21.63 3.31
C VAL B 170 11.67 -20.86 3.07
N THR B 171 11.56 -19.72 2.40
CA THR B 171 12.71 -18.85 2.20
C THR B 171 13.09 -18.19 3.52
N GLU B 172 14.33 -17.66 3.55
CA GLU B 172 14.71 -16.80 4.65
C GLU B 172 13.89 -15.50 4.60
N GLN B 173 13.97 -14.72 5.67
CA GLN B 173 13.27 -13.45 5.70
C GLN B 173 13.82 -12.53 4.63
N ASP B 174 12.95 -11.76 4.00
CA ASP B 174 13.37 -10.89 2.91
C ASP B 174 14.11 -9.68 3.46
N SER B 175 15.15 -9.26 2.74
CA SER B 175 15.98 -8.16 3.20
C SER B 175 15.37 -6.79 2.94
N LYS B 176 14.24 -6.71 2.24
CA LYS B 176 13.59 -5.45 1.94
C LYS B 176 12.28 -5.25 2.69
N ASP B 177 11.35 -6.20 2.60
CA ASP B 177 10.07 -6.08 3.28
C ASP B 177 9.90 -7.05 4.44
N SER B 178 10.93 -7.85 4.75
CA SER B 178 10.94 -8.72 5.93
C SER B 178 9.85 -9.78 5.90
N THR B 179 9.48 -10.24 4.71
CA THR B 179 8.44 -11.26 4.59
C THR B 179 9.04 -12.63 4.30
N TYR B 180 8.19 -13.64 4.35
CA TYR B 180 8.57 -15.02 4.05
C TYR B 180 7.78 -15.51 2.84
N SER B 181 8.32 -16.52 2.17
CA SER B 181 7.63 -17.19 1.09
C SER B 181 7.77 -18.69 1.25
N LEU B 182 6.75 -19.43 0.83
CA LEU B 182 6.66 -20.87 1.02
C LEU B 182 6.25 -21.54 -0.27
N SER B 183 6.83 -22.71 -0.56
CA SER B 183 6.45 -23.53 -1.70
C SER B 183 6.17 -24.94 -1.20
N SER B 184 4.98 -25.45 -1.52
CA SER B 184 4.58 -26.80 -1.15
C SER B 184 4.42 -27.63 -2.41
N THR B 185 5.07 -28.79 -2.43
CA THR B 185 5.09 -29.67 -3.60
C THR B 185 4.37 -30.97 -3.26
N LEU B 186 3.25 -31.21 -3.92
CA LEU B 186 2.51 -32.46 -3.80
C LEU B 186 2.96 -33.39 -4.93
N THR B 187 3.58 -34.51 -4.57
CA THR B 187 4.13 -35.44 -5.55
C THR B 187 3.27 -36.69 -5.60
N LEU B 188 2.80 -37.04 -6.79
CA LEU B 188 2.03 -38.24 -7.02
C LEU B 188 2.52 -38.92 -8.28
N SER B 189 2.23 -40.21 -8.40
CA SER B 189 2.52 -40.93 -9.62
C SER B 189 1.64 -40.43 -10.76
N LYS B 190 2.10 -40.64 -11.98
CA LYS B 190 1.29 -40.29 -13.15
C LYS B 190 -0.03 -41.04 -13.14
N ALA B 191 -0.03 -42.28 -12.66
CA ALA B 191 -1.27 -43.05 -12.56
C ALA B 191 -2.23 -42.42 -11.57
N ASP B 192 -1.74 -42.07 -10.37
CA ASP B 192 -2.62 -41.44 -9.39
C ASP B 192 -3.07 -40.06 -9.85
N TYR B 193 -2.21 -39.33 -10.57
CA TYR B 193 -2.60 -38.00 -11.02
C TYR B 193 -3.72 -38.06 -12.05
N GLU B 194 -3.66 -39.02 -12.96
CA GLU B 194 -4.70 -39.18 -13.97
C GLU B 194 -5.98 -39.81 -13.41
N LYS B 195 -5.92 -40.37 -12.21
CA LYS B 195 -7.10 -40.99 -11.59
C LYS B 195 -8.06 -39.97 -10.99
N HIS B 196 -7.62 -38.74 -10.75
CA HIS B 196 -8.43 -37.72 -10.12
C HIS B 196 -8.57 -36.49 -11.01
N LYS B 197 -9.45 -35.58 -10.60
CA LYS B 197 -9.85 -34.43 -11.39
C LYS B 197 -9.49 -33.10 -10.75
N VAL B 198 -9.90 -32.87 -9.50
CA VAL B 198 -9.78 -31.57 -8.86
C VAL B 198 -8.59 -31.59 -7.90
N TYR B 199 -7.74 -30.57 -8.02
CA TYR B 199 -6.56 -30.41 -7.16
C TYR B 199 -6.59 -29.02 -6.57
N ALA B 200 -6.47 -28.92 -5.25
CA ALA B 200 -6.56 -27.63 -4.57
C ALA B 200 -5.64 -27.63 -3.35
N CYS B 201 -5.05 -26.47 -3.09
CA CYS B 201 -4.35 -26.23 -1.83
C CYS B 201 -5.09 -25.14 -1.06
N GLU B 202 -5.35 -25.41 0.21
CA GLU B 202 -6.03 -24.49 1.10
C GLU B 202 -5.01 -23.91 2.07
N VAL B 203 -4.94 -22.58 2.11
CA VAL B 203 -3.94 -21.87 2.90
C VAL B 203 -4.62 -21.17 4.06
N THR B 204 -4.14 -21.41 5.28
CA THR B 204 -4.60 -20.74 6.48
C THR B 204 -3.45 -19.92 7.05
N HIS B 205 -3.70 -18.62 7.25
CA HIS B 205 -2.67 -17.70 7.71
C HIS B 205 -3.34 -16.58 8.49
N GLN B 206 -2.53 -15.93 9.33
CA GLN B 206 -3.07 -14.88 10.20
C GLN B 206 -3.56 -13.68 9.41
N GLY B 207 -2.94 -13.39 8.27
CA GLY B 207 -3.39 -12.28 7.43
C GLY B 207 -4.69 -12.56 6.71
N LEU B 208 -5.12 -13.81 6.65
CA LEU B 208 -6.34 -14.20 5.98
C LEU B 208 -7.47 -14.31 7.00
N SER B 209 -8.57 -13.60 6.75
CA SER B 209 -9.73 -13.72 7.63
C SER B 209 -10.38 -15.08 7.51
N SER B 210 -10.34 -15.69 6.34
CA SER B 210 -10.85 -17.02 6.07
C SER B 210 -9.87 -17.74 5.15
N PRO B 211 -9.78 -19.06 5.25
CA PRO B 211 -8.81 -19.80 4.42
C PRO B 211 -9.03 -19.59 2.93
N VAL B 212 -7.92 -19.39 2.21
CA VAL B 212 -7.93 -19.17 0.77
C VAL B 212 -7.63 -20.49 0.08
N THR B 213 -8.39 -20.78 -0.99
CA THR B 213 -8.23 -22.03 -1.73
C THR B 213 -8.03 -21.70 -3.20
N LYS B 214 -6.93 -22.21 -3.77
CA LYS B 214 -6.66 -22.14 -5.19
C LYS B 214 -6.72 -23.55 -5.77
N SER B 215 -7.41 -23.71 -6.90
CA SER B 215 -7.66 -25.04 -7.46
C SER B 215 -7.55 -24.99 -8.97
N PHE B 216 -7.49 -26.18 -9.57
CA PHE B 216 -7.54 -26.34 -11.02
C PHE B 216 -8.05 -27.74 -11.34
N ASN B 217 -8.71 -27.87 -12.48
CA ASN B 217 -9.17 -29.17 -12.98
C ASN B 217 -8.16 -29.74 -13.95
N ARG B 218 -7.83 -31.01 -13.78
CA ARG B 218 -6.90 -31.69 -14.67
C ARG B 218 -7.49 -31.78 -16.06
N GLY B 219 -6.81 -31.17 -17.03
CA GLY B 219 -7.26 -31.19 -18.41
C GLY B 219 -7.87 -29.91 -18.94
N GLU B 220 -7.69 -28.78 -18.25
CA GLU B 220 -8.21 -27.51 -18.72
C GLU B 220 -7.09 -26.50 -18.95
N GLN C 3 37.82 -10.01 -4.88
CA GLN C 3 39.24 -10.06 -4.52
C GLN C 3 39.72 -11.48 -4.23
N LEU C 4 38.82 -12.35 -3.75
CA LEU C 4 39.13 -13.74 -3.50
C LEU C 4 38.10 -14.63 -4.20
N GLN C 5 38.58 -15.57 -5.02
CA GLN C 5 37.72 -16.45 -5.80
C GLN C 5 38.03 -17.90 -5.43
N GLN C 6 37.02 -18.61 -4.92
CA GLN C 6 37.17 -19.99 -4.47
C GLN C 6 36.68 -20.97 -5.53
N SER C 7 37.17 -22.21 -5.41
CA SER C 7 36.79 -23.25 -6.36
C SER C 7 35.35 -23.70 -6.14
N GLY C 8 34.86 -24.51 -7.08
CA GLY C 8 33.49 -24.94 -7.07
C GLY C 8 33.21 -25.99 -6.04
N PRO C 9 31.94 -26.42 -5.98
CA PRO C 9 31.54 -27.42 -5.00
C PRO C 9 32.17 -28.78 -5.27
N GLU C 10 32.35 -29.55 -4.20
CA GLU C 10 33.04 -30.83 -4.26
C GLU C 10 32.17 -31.94 -3.68
N LEU C 11 32.16 -33.08 -4.36
CA LEU C 11 31.60 -34.32 -3.82
C LEU C 11 32.75 -35.29 -3.63
N VAL C 12 33.03 -35.66 -2.37
CA VAL C 12 34.22 -36.42 -2.01
C VAL C 12 33.80 -37.73 -1.37
N LYS C 13 34.45 -38.81 -1.78
CA LYS C 13 34.19 -40.11 -1.18
C LYS C 13 34.73 -40.13 0.25
N PRO C 14 34.06 -40.81 1.18
CA PRO C 14 34.60 -40.92 2.53
C PRO C 14 35.94 -41.65 2.51
N GLY C 15 36.89 -41.12 3.28
CA GLY C 15 38.24 -41.65 3.30
C GLY C 15 39.16 -41.10 2.23
N ALA C 16 38.63 -40.32 1.28
CA ALA C 16 39.43 -39.75 0.21
C ALA C 16 39.91 -38.35 0.62
N SER C 17 40.61 -37.69 -0.28
CA SER C 17 41.12 -36.34 -0.04
C SER C 17 40.54 -35.38 -1.07
N VAL C 18 40.50 -34.11 -0.68
CA VAL C 18 40.04 -33.04 -1.56
C VAL C 18 40.95 -31.83 -1.34
N LYS C 19 41.18 -31.09 -2.43
CA LYS C 19 42.01 -29.89 -2.40
C LYS C 19 41.23 -28.77 -3.06
N ILE C 20 40.94 -27.72 -2.30
CA ILE C 20 40.17 -26.59 -2.79
C ILE C 20 41.08 -25.37 -2.83
N SER C 21 40.78 -24.45 -3.73
CA SER C 21 41.65 -23.33 -4.04
C SER C 21 40.97 -22.01 -3.73
N CYS C 22 41.79 -20.97 -3.58
CA CYS C 22 41.34 -19.60 -3.32
C CYS C 22 42.22 -18.69 -4.15
N LYS C 23 41.71 -18.26 -5.30
CA LYS C 23 42.47 -17.44 -6.24
C LYS C 23 42.41 -15.98 -5.80
N ALA C 24 43.58 -15.40 -5.57
CA ALA C 24 43.68 -14.01 -5.16
C ALA C 24 44.03 -13.13 -6.36
N SER C 25 43.53 -11.90 -6.33
CA SER C 25 43.76 -10.96 -7.42
C SER C 25 43.49 -9.55 -6.91
N GLY C 26 44.18 -8.58 -7.51
CA GLY C 26 43.99 -7.19 -7.18
C GLY C 26 44.77 -6.68 -5.98
N TYR C 27 45.63 -7.51 -5.39
CA TYR C 27 46.45 -7.06 -4.28
C TYR C 27 47.74 -7.86 -4.25
N SER C 28 48.71 -7.37 -3.49
CA SER C 28 49.99 -8.06 -3.34
C SER C 28 49.77 -9.36 -2.58
N PHE C 29 49.88 -10.49 -3.29
CA PHE C 29 49.53 -11.78 -2.72
C PHE C 29 50.40 -12.13 -1.51
N THR C 30 51.70 -11.87 -1.60
CA THR C 30 52.64 -12.29 -0.58
C THR C 30 52.70 -11.36 0.63
N GLY C 31 51.91 -10.30 0.66
CA GLY C 31 51.95 -9.36 1.76
C GLY C 31 50.90 -9.55 2.83
N TYR C 32 50.02 -10.54 2.70
CA TYR C 32 48.90 -10.70 3.62
C TYR C 32 48.66 -12.19 3.86
N TYR C 33 48.33 -12.53 5.10
CA TYR C 33 47.98 -13.90 5.45
C TYR C 33 46.69 -14.32 4.74
N MET C 34 46.62 -15.60 4.40
CA MET C 34 45.39 -16.21 3.89
C MET C 34 44.93 -17.22 4.93
N HIS C 35 43.77 -16.96 5.54
CA HIS C 35 43.18 -17.84 6.54
C HIS C 35 42.07 -18.69 5.92
N TRP C 36 41.72 -19.76 6.63
CA TRP C 36 40.65 -20.65 6.22
C TRP C 36 39.71 -20.90 7.39
N VAL C 37 38.42 -20.82 7.13
CA VAL C 37 37.38 -20.95 8.16
C VAL C 37 36.40 -22.04 7.72
N LYS C 38 35.98 -22.87 8.66
CA LYS C 38 35.01 -23.92 8.41
C LYS C 38 33.65 -23.51 8.99
N GLN C 39 32.59 -23.72 8.22
CA GLN C 39 31.22 -23.50 8.68
C GLN C 39 30.49 -24.84 8.63
N SER C 40 30.42 -25.52 9.78
CA SER C 40 29.82 -26.85 9.83
C SER C 40 28.30 -26.79 9.77
N HIS C 41 27.68 -26.24 10.80
CA HIS C 41 26.23 -26.18 10.91
C HIS C 41 25.74 -24.81 10.41
N VAL C 42 24.54 -24.42 10.84
CA VAL C 42 23.96 -23.16 10.37
C VAL C 42 24.72 -21.98 10.95
N LYS C 43 25.19 -22.09 12.19
CA LYS C 43 25.77 -20.95 12.90
C LYS C 43 27.09 -21.32 13.58
N SER C 44 27.84 -22.26 13.01
CA SER C 44 29.10 -22.73 13.59
C SER C 44 30.26 -22.28 12.71
N LEU C 45 31.18 -21.52 13.31
CA LEU C 45 32.37 -21.03 12.61
C LEU C 45 33.61 -21.50 13.35
N GLU C 46 34.50 -22.19 12.64
CA GLU C 46 35.77 -22.65 13.20
C GLU C 46 36.92 -22.13 12.35
N TRP C 47 37.97 -21.65 13.04
CA TRP C 47 39.17 -21.19 12.37
C TRP C 47 40.09 -22.40 12.13
N ILE C 48 40.43 -22.64 10.88
CA ILE C 48 41.25 -23.79 10.51
C ILE C 48 42.74 -23.48 10.62
N GLY C 49 43.18 -22.36 10.04
CA GLY C 49 44.58 -22.00 10.10
C GLY C 49 44.87 -20.88 9.11
N ARG C 50 46.16 -20.51 9.07
CA ARG C 50 46.61 -19.44 8.19
C ARG C 50 47.92 -19.86 7.52
N ILE C 51 48.26 -19.13 6.46
CA ILE C 51 49.50 -19.37 5.72
C ILE C 51 50.08 -18.03 5.29
N ASP C 52 51.41 -17.91 5.35
CA ASP C 52 52.11 -16.76 4.83
C ASP C 52 52.46 -17.05 3.37
N PRO C 53 51.81 -16.41 2.40
CA PRO C 53 52.06 -16.76 1.00
C PRO C 53 53.48 -16.48 0.52
N TYR C 54 54.26 -15.68 1.25
CA TYR C 54 55.63 -15.40 0.81
C TYR C 54 56.51 -16.64 0.94
N ASP C 55 56.54 -17.24 2.12
CA ASP C 55 57.39 -18.40 2.38
C ASP C 55 56.63 -19.68 2.68
N GLY C 56 55.29 -19.65 2.63
CA GLY C 56 54.51 -20.84 2.89
C GLY C 56 54.42 -21.27 4.34
N ALA C 57 54.82 -20.42 5.28
CA ALA C 57 54.74 -20.77 6.69
C ALA C 57 53.28 -20.92 7.10
N THR C 58 52.97 -22.00 7.79
CA THR C 58 51.59 -22.35 8.15
C THR C 58 51.44 -22.43 9.67
N SER C 59 50.28 -22.01 10.15
CA SER C 59 49.88 -22.13 11.54
C SER C 59 48.50 -22.74 11.57
N TYR C 60 48.35 -23.87 12.25
CA TYR C 60 47.11 -24.64 12.24
C TYR C 60 46.43 -24.59 13.59
N ASN C 61 45.10 -24.66 13.56
CA ASN C 61 44.34 -25.00 14.75
C ASN C 61 44.63 -26.44 15.13
N GLN C 62 44.83 -26.68 16.43
CA GLN C 62 45.15 -28.03 16.88
C GLN C 62 44.08 -29.02 16.48
N ASN C 63 42.83 -28.58 16.39
CA ASN C 63 41.75 -29.49 16.01
C ASN C 63 41.88 -29.94 14.55
N PHE C 64 42.46 -29.10 13.69
CA PHE C 64 42.55 -29.42 12.27
C PHE C 64 43.94 -29.84 11.84
N LYS C 65 44.86 -30.01 12.79
CA LYS C 65 46.15 -30.58 12.46
C LYS C 65 45.95 -32.02 11.99
N ASP C 66 46.75 -32.45 11.02
CA ASP C 66 46.64 -33.76 10.39
C ASP C 66 45.34 -33.94 9.61
N LYS C 67 44.52 -32.88 9.51
CA LYS C 67 43.28 -32.89 8.74
C LYS C 67 43.33 -31.91 7.58
N ALA C 68 43.94 -30.75 7.77
CA ALA C 68 44.07 -29.74 6.74
C ALA C 68 45.55 -29.47 6.48
N SER C 69 45.90 -29.22 5.22
CA SER C 69 47.24 -28.81 4.83
C SER C 69 47.12 -27.62 3.88
N LEU C 70 47.84 -26.55 4.21
CA LEU C 70 47.75 -25.29 3.47
C LEU C 70 48.99 -25.11 2.60
N THR C 71 48.78 -24.86 1.30
CA THR C 71 49.86 -24.56 0.38
C THR C 71 49.46 -23.37 -0.47
N VAL C 72 50.46 -22.74 -1.10
CA VAL C 72 50.22 -21.62 -2.00
C VAL C 72 51.03 -21.81 -3.26
N ASP C 73 50.53 -21.24 -4.36
CA ASP C 73 51.23 -21.15 -5.63
C ASP C 73 51.47 -19.66 -5.90
N LYS C 74 52.71 -19.22 -5.70
CA LYS C 74 53.04 -17.81 -5.85
C LYS C 74 52.92 -17.34 -7.29
N SER C 75 53.14 -18.22 -8.25
CA SER C 75 53.11 -17.81 -9.65
C SER C 75 51.69 -17.55 -10.11
N SER C 76 50.73 -18.34 -9.64
CA SER C 76 49.32 -18.14 -9.96
C SER C 76 48.57 -17.41 -8.84
N THR C 77 49.27 -16.97 -7.79
CA THR C 77 48.69 -16.23 -6.66
C THR C 77 47.43 -16.92 -6.13
N THR C 78 47.53 -18.23 -5.93
CA THR C 78 46.41 -19.03 -5.45
C THR C 78 46.82 -19.78 -4.19
N GLY C 79 45.92 -19.78 -3.20
CA GLY C 79 46.12 -20.54 -1.99
C GLY C 79 45.29 -21.81 -2.02
N PHE C 80 45.80 -22.86 -1.39
CA PHE C 80 45.17 -24.17 -1.44
C PHE C 80 44.99 -24.72 -0.03
N MET C 81 43.87 -25.41 0.19
CA MET C 81 43.66 -26.19 1.41
C MET C 81 43.29 -27.60 1.00
N GLU C 82 44.06 -28.57 1.48
CA GLU C 82 43.79 -29.98 1.26
C GLU C 82 43.26 -30.59 2.54
N LEU C 83 42.13 -31.28 2.44
CA LEU C 83 41.53 -31.98 3.56
C LEU C 83 41.78 -33.47 3.39
N HIS C 84 42.25 -34.12 4.44
CA HIS C 84 42.69 -35.51 4.39
C HIS C 84 41.69 -36.41 5.08
N SER C 85 41.49 -37.59 4.50
CA SER C 85 40.68 -38.66 5.08
C SER C 85 39.34 -38.12 5.60
N LEU C 86 38.54 -37.61 4.67
CA LEU C 86 37.31 -36.95 5.05
C LEU C 86 36.28 -37.95 5.57
N THR C 87 35.52 -37.52 6.57
CA THR C 87 34.36 -38.22 7.08
C THR C 87 33.14 -37.31 6.94
N SER C 88 31.98 -37.82 7.36
CA SER C 88 30.77 -37.01 7.28
C SER C 88 30.87 -35.73 8.09
N GLU C 89 31.70 -35.72 9.14
CA GLU C 89 31.89 -34.51 9.93
C GLU C 89 32.59 -33.40 9.15
N ASP C 90 33.27 -33.73 8.06
CA ASP C 90 33.97 -32.73 7.25
C ASP C 90 33.09 -32.07 6.20
N SER C 91 31.88 -32.56 5.99
CA SER C 91 30.95 -31.93 5.05
C SER C 91 30.55 -30.56 5.61
N ALA C 92 31.01 -29.50 4.96
CA ALA C 92 30.75 -28.15 5.45
C ALA C 92 31.01 -27.17 4.32
N VAL C 93 30.84 -25.88 4.62
CA VAL C 93 31.20 -24.79 3.72
C VAL C 93 32.49 -24.17 4.26
N TYR C 94 33.51 -24.10 3.41
CA TYR C 94 34.83 -23.62 3.80
C TYR C 94 35.10 -22.27 3.14
N TYR C 95 35.57 -21.32 3.94
CA TYR C 95 35.89 -19.98 3.46
C TYR C 95 37.40 -19.73 3.54
N CYS C 96 37.89 -18.90 2.63
CA CYS C 96 39.20 -18.29 2.75
C CYS C 96 39.02 -16.80 2.97
N ALA C 97 39.92 -16.21 3.75
CA ALA C 97 39.86 -14.79 4.04
C ALA C 97 41.27 -14.21 4.02
N ARG C 98 41.35 -12.92 3.73
CA ARG C 98 42.60 -12.18 3.79
C ARG C 98 42.60 -11.34 5.06
N GLU C 99 43.72 -11.37 5.77
CA GLU C 99 43.89 -10.49 6.93
C GLU C 99 44.53 -9.21 6.41
N GLY C 100 43.68 -8.23 6.10
CA GLY C 100 44.13 -7.01 5.49
C GLY C 100 44.59 -5.98 6.51
N HIS C 101 45.07 -4.85 5.98
CA HIS C 101 45.68 -3.81 6.78
C HIS C 101 44.93 -2.51 6.53
N TRP C 102 44.52 -1.85 7.61
CA TRP C 102 43.88 -0.54 7.50
C TRP C 102 44.20 0.28 8.73
N ASP C 103 44.93 1.37 8.54
CA ASP C 103 45.25 2.32 9.61
C ASP C 103 46.07 1.66 10.71
N GLY C 104 46.99 0.77 10.32
CA GLY C 104 47.86 0.11 11.26
C GLY C 104 47.24 -1.06 12.01
N ASP C 105 46.01 -1.45 11.68
CA ASP C 105 45.34 -2.57 12.32
C ASP C 105 45.03 -3.65 11.30
N TRP C 106 44.88 -4.88 11.78
CA TRP C 106 44.70 -6.05 10.93
C TRP C 106 43.41 -6.77 11.30
N TYR C 107 42.66 -7.16 10.27
CA TYR C 107 41.42 -7.91 10.43
C TYR C 107 41.07 -8.55 9.11
N PHE C 108 40.05 -9.41 9.14
CA PHE C 108 39.62 -10.14 7.95
C PHE C 108 38.74 -9.20 7.12
N ASP C 109 39.36 -8.52 6.16
CA ASP C 109 38.66 -7.50 5.39
C ASP C 109 38.09 -8.01 4.08
N VAL C 110 38.52 -9.17 3.59
CA VAL C 110 38.03 -9.75 2.35
C VAL C 110 37.78 -11.23 2.57
N TRP C 111 36.62 -11.70 2.08
CA TRP C 111 36.24 -13.10 2.21
C TRP C 111 35.91 -13.67 0.84
N GLY C 112 36.15 -14.97 0.68
CA GLY C 112 35.67 -15.67 -0.48
C GLY C 112 34.21 -16.07 -0.33
N ALA C 113 33.62 -16.49 -1.45
CA ALA C 113 32.20 -16.84 -1.44
C ALA C 113 31.93 -18.16 -0.73
N GLY C 114 32.94 -18.96 -0.50
CA GLY C 114 32.76 -20.24 0.16
C GLY C 114 32.74 -21.38 -0.84
N THR C 115 33.27 -22.53 -0.41
CA THR C 115 33.26 -23.75 -1.21
C THR C 115 32.52 -24.81 -0.44
N THR C 116 31.48 -25.38 -1.05
CA THR C 116 30.68 -26.43 -0.43
C THR C 116 31.35 -27.77 -0.71
N VAL C 117 31.64 -28.52 0.34
CA VAL C 117 32.24 -29.84 0.26
C VAL C 117 31.24 -30.84 0.84
N THR C 118 30.84 -31.82 0.05
CA THR C 118 29.92 -32.86 0.46
C THR C 118 30.65 -34.20 0.46
N VAL C 119 30.66 -34.87 1.60
CA VAL C 119 31.31 -36.18 1.74
C VAL C 119 30.22 -37.25 1.64
N SER C 120 30.28 -38.04 0.57
CA SER C 120 29.26 -39.05 0.33
C SER C 120 29.85 -40.12 -0.58
N SER C 121 29.30 -41.33 -0.45
CA SER C 121 29.69 -42.44 -1.32
C SER C 121 28.89 -42.48 -2.61
N ALA C 122 27.81 -41.72 -2.70
CA ALA C 122 26.91 -41.73 -3.86
C ALA C 122 27.49 -40.95 -5.03
N SER C 123 27.01 -41.29 -6.22
CA SER C 123 27.44 -40.64 -7.45
C SER C 123 26.69 -39.34 -7.68
N THR C 124 27.30 -38.46 -8.48
CA THR C 124 26.65 -37.22 -8.87
C THR C 124 25.47 -37.50 -9.79
N LYS C 125 24.41 -36.71 -9.65
CA LYS C 125 23.27 -36.77 -10.56
C LYS C 125 22.82 -35.36 -10.92
N GLY C 126 22.66 -35.10 -12.21
CA GLY C 126 22.20 -33.81 -12.68
C GLY C 126 20.70 -33.64 -12.47
N PRO C 127 20.25 -32.40 -12.35
CA PRO C 127 18.82 -32.14 -12.13
C PRO C 127 18.01 -32.19 -13.42
N SER C 128 16.72 -32.49 -13.25
CA SER C 128 15.71 -32.29 -14.27
C SER C 128 14.98 -30.98 -14.00
N VAL C 129 14.83 -30.15 -15.02
CA VAL C 129 14.21 -28.84 -14.89
C VAL C 129 12.86 -28.88 -15.60
N PHE C 130 11.78 -28.65 -14.83
CA PHE C 130 10.43 -28.60 -15.35
C PHE C 130 9.84 -27.21 -15.14
N PRO C 131 9.04 -26.72 -16.08
CA PRO C 131 8.45 -25.38 -15.93
C PRO C 131 7.22 -25.38 -15.04
N LEU C 132 7.07 -24.30 -14.27
CA LEU C 132 5.85 -24.01 -13.54
C LEU C 132 5.12 -22.92 -14.32
N ALA C 133 4.24 -23.34 -15.24
CA ALA C 133 3.71 -22.42 -16.24
C ALA C 133 2.65 -21.49 -15.63
N PRO C 134 2.69 -20.21 -15.95
CA PRO C 134 1.66 -19.29 -15.45
C PRO C 134 0.36 -19.41 -16.24
N SER C 135 -0.75 -19.29 -15.53
CA SER C 135 -2.08 -19.36 -16.15
C SER C 135 -3.03 -18.51 -15.33
N SER C 136 -4.33 -18.62 -15.61
CA SER C 136 -5.33 -17.88 -14.85
C SER C 136 -5.39 -18.34 -13.40
N LYS C 137 -4.93 -19.55 -13.10
CA LYS C 137 -4.86 -20.06 -11.74
C LYS C 137 -3.61 -19.64 -10.99
N SER C 138 -2.71 -18.89 -11.64
CA SER C 138 -1.53 -18.32 -11.01
C SER C 138 -1.47 -16.81 -11.22
N THR C 139 -2.63 -16.18 -11.40
CA THR C 139 -2.76 -14.74 -11.55
C THR C 139 -3.58 -14.20 -10.40
N SER C 140 -3.06 -13.16 -9.75
CA SER C 140 -3.73 -12.52 -8.62
C SER C 140 -3.76 -11.04 -8.93
N GLY C 141 -4.92 -10.54 -9.32
CA GLY C 141 -5.08 -9.15 -9.69
C GLY C 141 -4.26 -8.82 -10.93
N GLY C 142 -3.19 -8.06 -10.76
CA GLY C 142 -2.34 -7.70 -11.87
C GLY C 142 -1.01 -8.44 -11.89
N THR C 143 -0.75 -9.25 -10.87
CA THR C 143 0.50 -9.98 -10.75
C THR C 143 0.31 -11.47 -10.99
N ALA C 144 1.12 -12.03 -11.90
CA ALA C 144 1.14 -13.44 -12.21
C ALA C 144 2.41 -14.07 -11.65
N ALA C 145 2.37 -15.38 -11.43
CA ALA C 145 3.49 -16.13 -10.89
C ALA C 145 3.88 -17.26 -11.83
N LEU C 146 5.18 -17.41 -12.07
CA LEU C 146 5.74 -18.50 -12.85
C LEU C 146 7.05 -18.94 -12.20
N GLY C 147 7.55 -20.10 -12.59
CA GLY C 147 8.75 -20.58 -11.96
C GLY C 147 9.31 -21.82 -12.64
N CYS C 148 10.29 -22.42 -11.95
CA CYS C 148 10.96 -23.63 -12.42
C CYS C 148 11.10 -24.61 -11.27
N LEU C 149 11.02 -25.90 -11.61
CA LEU C 149 11.15 -26.98 -10.64
C LEU C 149 12.45 -27.73 -10.93
N VAL C 150 13.43 -27.60 -10.05
CA VAL C 150 14.73 -28.25 -10.17
C VAL C 150 14.70 -29.52 -9.33
N LYS C 151 14.58 -30.68 -9.96
CA LYS C 151 14.24 -31.91 -9.28
C LYS C 151 15.29 -32.99 -9.48
N ASP C 152 15.57 -33.74 -8.41
CA ASP C 152 16.34 -34.99 -8.42
C ASP C 152 17.79 -34.75 -8.85
N TYR C 153 18.52 -34.03 -8.00
CA TYR C 153 19.93 -33.78 -8.21
C TYR C 153 20.70 -34.04 -6.92
N PHE C 154 21.99 -34.34 -7.07
CA PHE C 154 22.85 -34.54 -5.93
C PHE C 154 24.28 -34.30 -6.41
N PRO C 155 25.13 -33.60 -5.64
CA PRO C 155 24.77 -32.99 -4.35
C PRO C 155 24.44 -31.50 -4.45
N GLU C 156 24.62 -30.80 -3.34
CA GLU C 156 24.44 -29.36 -3.29
C GLU C 156 25.71 -28.66 -3.79
N PRO C 157 25.59 -27.42 -4.26
CA PRO C 157 24.35 -26.67 -4.45
C PRO C 157 23.88 -26.61 -5.89
N VAL C 158 22.88 -25.76 -6.14
CA VAL C 158 22.44 -25.46 -7.50
C VAL C 158 22.19 -23.96 -7.55
N THR C 159 22.62 -23.32 -8.63
CA THR C 159 22.38 -21.90 -8.84
C THR C 159 21.30 -21.71 -9.89
N VAL C 160 20.26 -20.95 -9.55
CA VAL C 160 19.16 -20.65 -10.47
C VAL C 160 19.06 -19.14 -10.63
N SER C 161 19.18 -18.68 -11.87
CA SER C 161 18.94 -17.29 -12.22
C SER C 161 17.85 -17.22 -13.28
N TRP C 162 17.34 -16.01 -13.52
CA TRP C 162 16.27 -15.78 -14.48
C TRP C 162 16.73 -14.80 -15.53
N ASN C 163 16.54 -15.16 -16.81
CA ASN C 163 16.89 -14.30 -17.94
C ASN C 163 18.35 -13.84 -17.87
N SER C 164 19.24 -14.78 -17.51
CA SER C 164 20.68 -14.54 -17.46
C SER C 164 21.05 -13.41 -16.50
N GLY C 165 20.30 -13.31 -15.39
CA GLY C 165 20.57 -12.31 -14.40
C GLY C 165 19.90 -10.97 -14.62
N ALA C 166 19.18 -10.80 -15.73
CA ALA C 166 18.51 -9.53 -16.00
C ALA C 166 17.29 -9.35 -15.11
N LEU C 167 16.61 -10.44 -14.75
CA LEU C 167 15.42 -10.39 -13.92
C LEU C 167 15.80 -10.85 -12.51
N THR C 168 15.79 -9.92 -11.56
CA THR C 168 16.12 -10.27 -10.18
C THR C 168 15.01 -9.84 -9.24
N SER C 169 14.28 -8.79 -9.60
CA SER C 169 13.21 -8.29 -8.74
C SER C 169 12.04 -9.27 -8.76
N GLY C 170 11.58 -9.66 -7.57
CA GLY C 170 10.50 -10.59 -7.43
C GLY C 170 10.87 -12.06 -7.50
N VAL C 171 12.16 -12.37 -7.54
CA VAL C 171 12.61 -13.76 -7.62
C VAL C 171 12.74 -14.34 -6.22
N HIS C 172 12.23 -15.55 -6.03
CA HIS C 172 12.41 -16.31 -4.80
C HIS C 172 12.92 -17.69 -5.18
N THR C 173 14.16 -18.01 -4.80
CA THR C 173 14.70 -19.35 -4.98
C THR C 173 14.67 -20.02 -3.61
N PHE C 174 13.79 -21.01 -3.46
CA PHE C 174 13.57 -21.62 -2.17
C PHE C 174 14.75 -22.52 -1.80
N PRO C 175 15.05 -22.64 -0.51
CA PRO C 175 16.08 -23.60 -0.09
C PRO C 175 15.69 -25.01 -0.50
N ALA C 176 16.69 -25.79 -0.91
CA ALA C 176 16.43 -27.14 -1.37
C ALA C 176 15.92 -28.01 -0.23
N VAL C 177 14.97 -28.88 -0.56
CA VAL C 177 14.45 -29.87 0.37
C VAL C 177 14.91 -31.24 -0.07
N LEU C 178 15.13 -32.10 0.91
CA LEU C 178 15.61 -33.45 0.68
C LEU C 178 14.43 -34.39 0.44
N GLN C 179 14.41 -35.04 -0.71
CA GLN C 179 13.33 -35.97 -1.03
C GLN C 179 13.57 -37.32 -0.39
N SER C 180 12.53 -38.15 -0.37
CA SER C 180 12.64 -39.49 0.19
C SER C 180 13.62 -40.37 -0.58
N SER C 181 13.89 -40.05 -1.84
CA SER C 181 14.86 -40.80 -2.62
C SER C 181 16.30 -40.47 -2.23
N GLY C 182 16.52 -39.45 -1.40
CA GLY C 182 17.85 -39.01 -1.06
C GLY C 182 18.39 -37.91 -1.95
N LEU C 183 17.66 -37.50 -2.98
CA LEU C 183 18.09 -36.46 -3.88
C LEU C 183 17.43 -35.14 -3.50
N TYR C 184 18.04 -34.05 -3.94
CA TYR C 184 17.56 -32.72 -3.61
C TYR C 184 16.58 -32.22 -4.67
N SER C 185 15.72 -31.29 -4.24
CA SER C 185 14.79 -30.62 -5.12
C SER C 185 14.57 -29.21 -4.59
N LEU C 186 14.52 -28.24 -5.50
CA LEU C 186 14.17 -26.89 -5.14
C LEU C 186 13.34 -26.29 -6.26
N SER C 187 12.66 -25.19 -5.94
CA SER C 187 11.89 -24.43 -6.91
C SER C 187 12.34 -22.98 -6.86
N SER C 188 12.29 -22.33 -8.01
CA SER C 188 12.56 -20.91 -8.13
C SER C 188 11.39 -20.27 -8.84
N VAL C 189 10.78 -19.27 -8.21
CA VAL C 189 9.59 -18.61 -8.76
C VAL C 189 9.87 -17.12 -8.87
N VAL C 190 9.03 -16.46 -9.66
CA VAL C 190 9.11 -15.00 -9.81
C VAL C 190 7.72 -14.48 -10.12
N THR C 191 7.37 -13.37 -9.50
CA THR C 191 6.11 -12.69 -9.76
C THR C 191 6.34 -11.56 -10.76
N VAL C 192 5.56 -11.55 -11.83
CA VAL C 192 5.68 -10.56 -12.89
C VAL C 192 4.30 -10.01 -13.21
N PRO C 193 4.24 -8.85 -13.87
CA PRO C 193 2.94 -8.34 -14.32
C PRO C 193 2.28 -9.31 -15.30
N SER C 194 0.99 -9.59 -15.06
CA SER C 194 0.27 -10.51 -15.93
C SER C 194 0.13 -9.98 -17.36
N SER C 195 0.31 -8.67 -17.55
CA SER C 195 0.25 -8.10 -18.89
C SER C 195 1.48 -8.46 -19.72
N SER C 196 2.62 -8.71 -19.07
CA SER C 196 3.86 -9.01 -19.78
C SER C 196 3.98 -10.48 -20.18
N LEU C 197 2.98 -11.32 -19.86
CA LEU C 197 3.07 -12.74 -20.19
C LEU C 197 3.10 -12.96 -21.70
N GLY C 198 2.38 -12.14 -22.45
CA GLY C 198 2.35 -12.29 -23.90
C GLY C 198 3.57 -11.72 -24.59
N THR C 199 4.21 -10.72 -23.99
CA THR C 199 5.32 -10.02 -24.63
C THR C 199 6.69 -10.51 -24.15
N GLN C 200 6.90 -10.58 -22.84
CA GLN C 200 8.22 -10.89 -22.27
C GLN C 200 8.46 -12.39 -22.18
N THR C 201 9.63 -12.82 -22.61
CA THR C 201 10.03 -14.22 -22.52
C THR C 201 10.78 -14.43 -21.20
N TYR C 202 10.41 -15.48 -20.48
CA TYR C 202 11.01 -15.79 -19.18
C TYR C 202 11.73 -17.13 -19.27
N ILE C 203 13.04 -17.11 -18.98
CA ILE C 203 13.88 -18.29 -19.00
C ILE C 203 14.61 -18.38 -17.67
N CYS C 204 14.55 -19.55 -17.04
CA CYS C 204 15.32 -19.81 -15.83
C CYS C 204 16.60 -20.55 -16.20
N ASN C 205 17.71 -20.11 -15.64
CA ASN C 205 19.03 -20.66 -15.93
C ASN C 205 19.46 -21.47 -14.72
N VAL C 206 19.49 -22.79 -14.87
CA VAL C 206 19.87 -23.71 -13.81
C VAL C 206 21.27 -24.23 -14.10
N ASN C 207 22.17 -24.10 -13.12
CA ASN C 207 23.54 -24.56 -13.25
C ASN C 207 23.86 -25.43 -12.05
N HIS C 208 24.18 -26.70 -12.30
CA HIS C 208 24.61 -27.64 -11.27
C HIS C 208 26.05 -28.04 -11.59
N LYS C 209 27.00 -27.35 -10.96
CA LYS C 209 28.41 -27.56 -11.29
C LYS C 209 28.91 -28.98 -11.00
N PRO C 210 28.52 -29.65 -9.90
CA PRO C 210 29.07 -31.00 -9.66
C PRO C 210 28.82 -31.99 -10.78
N SER C 211 27.79 -31.79 -11.61
CA SER C 211 27.50 -32.70 -12.71
C SER C 211 27.67 -32.04 -14.06
N ASN C 212 28.15 -30.79 -14.10
CA ASN C 212 28.32 -30.03 -15.35
C ASN C 212 27.02 -29.97 -16.13
N THR C 213 25.93 -29.67 -15.42
CA THR C 213 24.59 -29.60 -15.99
C THR C 213 24.14 -28.14 -16.02
N LYS C 214 24.04 -27.58 -17.22
CA LYS C 214 23.49 -26.25 -17.44
C LYS C 214 22.22 -26.38 -18.26
N VAL C 215 21.09 -25.95 -17.70
CA VAL C 215 19.79 -26.05 -18.35
C VAL C 215 19.18 -24.66 -18.42
N ASP C 216 18.68 -24.29 -19.60
CA ASP C 216 17.93 -23.05 -19.81
C ASP C 216 16.53 -23.45 -20.27
N LYS C 217 15.56 -23.38 -19.37
CA LYS C 217 14.19 -23.80 -19.62
C LYS C 217 13.31 -22.56 -19.77
N LYS C 218 12.64 -22.45 -20.90
CA LYS C 218 11.73 -21.33 -21.15
C LYS C 218 10.36 -21.64 -20.56
N VAL C 219 9.84 -20.71 -19.75
CA VAL C 219 8.54 -20.87 -19.11
C VAL C 219 7.50 -20.14 -19.95
N GLU C 220 6.56 -20.90 -20.52
CA GLU C 220 5.53 -20.29 -21.35
C GLU C 220 4.17 -20.33 -20.67
N PRO C 221 3.35 -19.31 -20.86
CA PRO C 221 2.00 -19.33 -20.28
C PRO C 221 1.15 -20.41 -20.92
N LYS C 222 0.07 -20.76 -20.20
CA LYS C 222 -0.90 -21.73 -20.70
C LYS C 222 -2.31 -21.15 -20.56
N SER C 223 -3.18 -21.54 -21.49
CA SER C 223 -4.56 -21.09 -21.47
C SER C 223 -5.35 -21.81 -20.37
N ASP D 3 11.54 23.83 -2.80
CA ASP D 3 10.76 24.13 -1.60
C ASP D 3 11.65 24.68 -0.50
N ILE D 4 11.09 25.51 0.38
CA ILE D 4 11.86 26.09 1.46
C ILE D 4 12.17 25.00 2.49
N VAL D 5 13.44 24.93 2.89
CA VAL D 5 13.88 23.97 3.89
C VAL D 5 13.88 24.66 5.25
N MET D 6 13.21 24.04 6.23
CA MET D 6 13.08 24.59 7.57
C MET D 6 13.90 23.74 8.52
N THR D 7 14.98 24.32 9.04
CA THR D 7 15.89 23.62 9.94
C THR D 7 15.67 24.10 11.37
N GLN D 8 15.32 23.18 12.25
CA GLN D 8 15.10 23.48 13.67
C GLN D 8 16.27 22.98 14.49
N THR D 9 16.72 23.80 15.45
CA THR D 9 17.77 23.42 16.39
C THR D 9 17.34 23.91 17.76
N PRO D 10 17.43 23.06 18.81
CA PRO D 10 17.84 21.65 18.69
C PRO D 10 16.67 20.76 18.29
N LEU D 11 16.91 19.46 18.13
CA LEU D 11 15.84 18.52 17.83
C LEU D 11 15.23 17.89 19.06
N SER D 12 15.95 17.89 20.18
CA SER D 12 15.40 17.46 21.46
C SER D 12 15.88 18.41 22.55
N LEU D 13 15.07 18.55 23.59
CA LEU D 13 15.33 19.54 24.63
C LEU D 13 14.76 19.05 25.95
N SER D 14 15.58 19.09 26.99
CA SER D 14 15.16 18.71 28.34
C SER D 14 15.24 19.94 29.24
N VAL D 15 14.10 20.36 29.79
CA VAL D 15 14.00 21.57 30.59
C VAL D 15 13.32 21.24 31.91
N THR D 16 13.84 21.80 32.99
CA THR D 16 13.21 21.69 34.30
C THR D 16 12.05 22.67 34.40
N ILE D 17 11.05 22.29 35.19
CA ILE D 17 9.90 23.15 35.40
C ILE D 17 10.35 24.47 36.00
N GLY D 18 9.94 25.58 35.37
CA GLY D 18 10.30 26.90 35.81
C GLY D 18 11.47 27.52 35.06
N GLN D 19 12.18 26.73 34.22
CA GLN D 19 13.35 27.20 33.50
C GLN D 19 12.98 27.65 32.08
N PRO D 20 13.76 28.56 31.50
CA PRO D 20 13.49 29.01 30.14
C PRO D 20 13.79 27.92 29.11
N ALA D 21 13.23 28.10 27.93
CA ALA D 21 13.49 27.22 26.80
C ALA D 21 13.51 28.03 25.52
N SER D 22 14.39 27.66 24.59
CA SER D 22 14.53 28.36 23.32
C SER D 22 14.63 27.33 22.19
N ILE D 23 13.93 27.60 21.10
CA ILE D 23 13.98 26.76 19.90
C ILE D 23 14.23 27.67 18.70
N SER D 24 15.20 27.30 17.87
CA SER D 24 15.56 28.07 16.69
C SER D 24 15.04 27.40 15.44
N CYS D 25 14.71 28.22 14.44
CA CYS D 25 14.26 27.75 13.13
C CYS D 25 14.95 28.62 12.08
N LYS D 26 15.61 27.97 11.12
CA LYS D 26 16.28 28.67 10.04
C LYS D 26 15.71 28.20 8.70
N SER D 27 15.37 29.16 7.84
CA SER D 27 14.79 28.88 6.53
C SER D 27 15.82 29.14 5.44
N SER D 28 15.73 28.36 4.36
CA SER D 28 16.69 28.47 3.26
C SER D 28 16.57 29.79 2.50
N GLN D 29 15.40 30.44 2.56
CA GLN D 29 15.23 31.73 1.92
C GLN D 29 14.49 32.68 2.86
N SER D 30 14.59 33.97 2.57
CA SER D 30 13.94 34.99 3.39
C SER D 30 12.42 34.82 3.34
N LEU D 31 11.81 34.71 4.51
CA LEU D 31 10.36 34.52 4.61
C LEU D 31 9.59 35.83 4.56
N LEU D 32 10.25 36.93 4.20
CA LEU D 32 9.58 38.22 4.06
C LEU D 32 8.91 38.26 2.69
N HIS D 33 7.57 38.26 2.69
CA HIS D 33 6.80 38.29 1.46
C HIS D 33 6.82 39.69 0.85
N SER D 34 6.44 39.76 -0.42
CA SER D 34 6.44 41.03 -1.12
C SER D 34 5.45 42.02 -0.51
N ASN D 35 4.37 41.53 0.08
CA ASN D 35 3.39 42.40 0.72
C ASN D 35 3.85 42.93 2.07
N GLY D 36 5.05 42.56 2.52
CA GLY D 36 5.60 43.07 3.76
C GLY D 36 5.44 42.16 4.96
N LYS D 37 4.65 41.09 4.84
CA LYS D 37 4.43 40.17 5.95
C LYS D 37 5.44 39.04 5.92
N THR D 38 5.77 38.52 7.10
CA THR D 38 6.68 37.38 7.23
C THR D 38 5.89 36.21 7.79
N TYR D 39 5.47 35.31 6.90
CA TYR D 39 4.55 34.23 7.27
C TYR D 39 5.35 33.08 7.89
N LEU D 40 5.71 33.26 9.16
CA LEU D 40 6.30 32.20 9.96
C LEU D 40 5.35 31.84 11.09
N ASN D 41 5.07 30.55 11.22
CA ASN D 41 4.14 30.04 12.24
C ASN D 41 4.86 29.04 13.12
N TRP D 42 4.56 29.09 14.41
CA TRP D 42 5.05 28.13 15.39
C TRP D 42 3.88 27.26 15.85
N LEU D 43 4.09 25.95 15.85
CA LEU D 43 3.04 25.00 16.23
C LEU D 43 3.53 24.10 17.35
N GLN D 44 2.58 23.64 18.16
CA GLN D 44 2.84 22.72 19.25
C GLN D 44 1.97 21.49 19.07
N GLN D 45 2.56 20.31 19.23
CA GLN D 45 1.82 19.05 19.14
C GLN D 45 2.07 18.24 20.41
N ARG D 46 1.07 18.18 21.27
CA ARG D 46 1.12 17.38 22.48
C ARG D 46 0.82 15.92 22.15
N PRO D 47 1.27 15.00 23.01
CA PRO D 47 1.05 13.58 22.73
C PRO D 47 -0.43 13.24 22.55
N GLY D 48 -0.74 12.56 21.45
CA GLY D 48 -2.08 12.13 21.17
C GLY D 48 -3.02 13.21 20.68
N GLN D 49 -2.49 14.38 20.31
CA GLN D 49 -3.33 15.49 19.88
C GLN D 49 -2.85 16.01 18.53
N ALA D 50 -3.71 16.79 17.90
CA ALA D 50 -3.37 17.42 16.63
C ALA D 50 -2.48 18.62 16.88
N PRO D 51 -1.72 19.05 15.86
CA PRO D 51 -0.91 20.26 16.02
C PRO D 51 -1.80 21.47 16.30
N LYS D 52 -1.22 22.44 17.01
CA LYS D 52 -1.94 23.65 17.35
C LYS D 52 -1.03 24.86 17.15
N ILE D 53 -1.58 25.91 16.54
CA ILE D 53 -0.81 27.13 16.31
C ILE D 53 -0.55 27.82 17.64
N LEU D 54 0.72 28.07 17.94
CA LEU D 54 1.07 28.93 19.06
C LEU D 54 1.14 30.39 18.61
N MET D 55 1.92 30.64 17.56
CA MET D 55 2.16 32.00 17.07
C MET D 55 2.14 32.00 15.56
N TYR D 56 1.71 33.11 14.99
CA TYR D 56 1.70 33.34 13.56
C TYR D 56 2.35 34.69 13.29
N LEU D 57 2.83 34.87 12.06
CA LEU D 57 3.53 36.09 11.67
C LEU D 57 4.67 36.40 12.64
N VAL D 58 5.53 35.41 12.86
CA VAL D 58 6.75 35.52 13.66
C VAL D 58 6.44 35.68 15.14
N SER D 59 5.73 36.74 15.53
CA SER D 59 5.64 37.10 16.94
C SER D 59 4.22 37.34 17.45
N LYS D 60 3.19 37.10 16.63
CA LYS D 60 1.81 37.31 17.06
C LYS D 60 1.26 36.03 17.67
N LEU D 61 0.79 36.10 18.91
CA LEU D 61 0.24 34.93 19.60
C LEU D 61 -1.23 34.74 19.26
N ASP D 62 -1.64 33.50 19.17
CA ASP D 62 -3.06 33.20 19.14
C ASP D 62 -3.66 33.53 20.50
N PRO D 63 -4.81 34.20 20.55
CA PRO D 63 -5.34 34.71 21.83
C PRO D 63 -5.46 33.68 22.94
N GLY D 64 -5.66 32.40 22.62
CA GLY D 64 -5.75 31.42 23.68
C GLY D 64 -4.43 31.03 24.31
N ILE D 65 -3.32 31.31 23.63
CA ILE D 65 -1.99 30.86 24.06
C ILE D 65 -1.53 31.70 25.26
N PRO D 66 -0.95 31.09 26.29
CA PRO D 66 -0.44 31.88 27.42
C PRO D 66 0.75 32.74 27.03
N ASP D 67 0.92 33.85 27.76
CA ASP D 67 1.89 34.88 27.42
C ASP D 67 3.34 34.43 27.61
N ARG D 68 3.58 33.30 28.29
CA ARG D 68 4.97 32.87 28.49
C ARG D 68 5.64 32.43 27.19
N PHE D 69 4.87 32.20 26.13
CA PHE D 69 5.41 31.95 24.80
C PHE D 69 5.62 33.28 24.09
N SER D 70 6.74 33.38 23.38
CA SER D 70 7.07 34.57 22.62
C SER D 70 7.84 34.17 21.37
N GLY D 71 7.82 35.06 20.38
CA GLY D 71 8.49 34.80 19.13
C GLY D 71 9.27 36.01 18.67
N SER D 72 10.40 35.74 18.01
CA SER D 72 11.26 36.78 17.49
C SER D 72 11.97 36.23 16.26
N GLY D 73 12.79 37.06 15.64
CA GLY D 73 13.53 36.61 14.47
C GLY D 73 13.34 37.46 13.24
N SER D 74 14.35 37.44 12.36
CA SER D 74 14.34 38.18 11.11
C SER D 74 14.20 37.23 9.95
N GLU D 75 14.03 37.82 8.76
CA GLU D 75 13.92 37.16 7.46
C GLU D 75 14.30 35.69 7.40
N THR D 76 15.49 35.30 7.89
CA THR D 76 15.92 33.92 7.75
C THR D 76 16.07 33.16 9.07
N ASP D 77 16.41 33.83 10.17
CA ASP D 77 16.58 33.18 11.46
C ASP D 77 15.40 33.52 12.37
N PHE D 78 14.86 32.50 13.04
CA PHE D 78 13.71 32.68 13.92
C PHE D 78 13.91 31.90 15.21
N THR D 79 13.25 32.37 16.27
CA THR D 79 13.42 31.79 17.60
C THR D 79 12.10 31.80 18.35
N LEU D 80 11.73 30.65 18.90
CA LEU D 80 10.60 30.53 19.82
C LEU D 80 11.14 30.41 21.24
N LYS D 81 10.62 31.24 22.15
CA LYS D 81 11.09 31.28 23.52
C LYS D 81 9.94 31.00 24.48
N ILE D 82 10.22 30.18 25.49
CA ILE D 82 9.31 29.98 26.62
C ILE D 82 10.01 30.56 27.84
N SER D 83 9.41 31.59 28.44
CA SER D 83 10.05 32.24 29.58
C SER D 83 10.14 31.30 30.78
N ARG D 84 9.03 30.65 31.12
CA ARG D 84 8.98 29.70 32.24
C ARG D 84 8.27 28.45 31.77
N VAL D 85 9.02 27.36 31.60
CA VAL D 85 8.43 26.12 31.09
C VAL D 85 7.55 25.50 32.16
N GLU D 86 6.35 25.11 31.77
CA GLU D 86 5.41 24.42 32.64
C GLU D 86 5.22 22.98 32.17
N ALA D 87 4.58 22.18 33.02
CA ALA D 87 4.45 20.76 32.74
C ALA D 87 3.62 20.51 31.49
N GLU D 88 2.64 21.38 31.21
CA GLU D 88 1.77 21.22 30.05
C GLU D 88 2.46 21.55 28.74
N ASP D 89 3.66 22.14 28.78
CA ASP D 89 4.36 22.54 27.56
C ASP D 89 5.05 21.39 26.87
N LEU D 90 4.91 20.17 27.39
CA LEU D 90 5.52 19.00 26.78
C LEU D 90 4.92 18.73 25.40
N GLY D 91 5.77 18.32 24.47
CA GLY D 91 5.32 17.98 23.13
C GLY D 91 6.41 18.28 22.11
N VAL D 92 6.00 18.23 20.85
CA VAL D 92 6.87 18.51 19.71
C VAL D 92 6.48 19.87 19.13
N TYR D 93 7.47 20.69 18.85
CA TYR D 93 7.26 22.05 18.35
C TYR D 93 7.75 22.13 16.91
N TYR D 94 6.92 22.72 16.05
CA TYR D 94 7.24 22.90 14.64
C TYR D 94 7.24 24.38 14.28
N CYS D 95 8.03 24.71 13.28
CA CYS D 95 7.88 25.98 12.57
C CYS D 95 7.31 25.71 11.19
N LEU D 96 6.48 26.63 10.73
CA LEU D 96 5.77 26.52 9.46
C LEU D 96 5.88 27.83 8.71
N GLN D 97 6.34 27.77 7.47
CA GLN D 97 6.43 28.96 6.62
C GLN D 97 5.25 28.99 5.66
N GLY D 98 4.72 30.19 5.44
CA GLY D 98 3.59 30.38 4.54
C GLY D 98 3.90 31.36 3.44
N THR D 99 5.19 31.63 3.23
CA THR D 99 5.60 32.63 2.24
C THR D 99 5.65 32.05 0.83
N TYR D 100 6.34 30.93 0.66
CA TYR D 100 6.56 30.32 -0.64
C TYR D 100 5.73 29.05 -0.77
N TYR D 101 5.08 28.90 -1.92
CA TYR D 101 4.39 27.66 -2.23
C TYR D 101 5.42 26.55 -2.48
N PRO D 102 5.25 25.37 -1.88
CA PRO D 102 4.16 25.00 -0.98
C PRO D 102 4.50 25.20 0.49
N PHE D 103 3.50 25.07 1.37
CA PHE D 103 3.74 25.05 2.80
C PHE D 103 4.77 23.97 3.14
N THR D 104 5.75 24.33 3.97
CA THR D 104 6.75 23.38 4.43
C THR D 104 6.92 23.52 5.94
N PHE D 105 6.92 22.38 6.63
CA PHE D 105 7.11 22.32 8.07
C PHE D 105 8.57 22.04 8.39
N GLY D 106 8.95 22.33 9.63
CA GLY D 106 10.26 21.94 10.13
C GLY D 106 10.27 20.48 10.56
N SER D 107 11.46 20.01 10.94
CA SER D 107 11.62 18.63 11.36
C SER D 107 10.95 18.37 12.70
N GLY D 108 10.78 19.39 13.54
CA GLY D 108 10.14 19.21 14.84
C GLY D 108 11.14 19.07 15.96
N THR D 109 10.87 19.72 17.08
CA THR D 109 11.73 19.70 18.27
C THR D 109 10.94 19.10 19.42
N LYS D 110 11.48 18.04 20.02
CA LYS D 110 10.83 17.36 21.14
C LYS D 110 11.26 18.02 22.45
N LEU D 111 10.30 18.58 23.18
CA LEU D 111 10.55 19.20 24.47
C LEU D 111 10.14 18.24 25.59
N GLU D 112 11.12 17.80 26.37
CA GLU D 112 10.89 16.88 27.49
C GLU D 112 11.11 17.61 28.81
N ILE D 113 10.32 17.23 29.80
CA ILE D 113 10.39 17.85 31.13
C ILE D 113 11.38 17.08 31.99
N LYS D 114 12.21 17.81 32.72
CA LYS D 114 13.08 17.25 33.74
C LYS D 114 12.45 17.46 35.10
N ARG D 115 12.34 16.39 35.88
CA ARG D 115 11.82 16.49 37.24
C ARG D 115 12.68 15.62 38.14
N THR D 116 12.40 15.68 39.43
CA THR D 116 13.18 14.88 40.36
C THR D 116 12.85 13.40 40.20
N VAL D 117 13.79 12.57 40.66
CA VAL D 117 13.58 11.13 40.61
C VAL D 117 12.35 10.76 41.42
N ALA D 118 11.57 9.81 40.90
CA ALA D 118 10.37 9.31 41.58
C ALA D 118 10.33 7.80 41.41
N ALA D 119 10.22 7.09 42.54
CA ALA D 119 10.21 5.64 42.48
C ALA D 119 8.88 5.12 41.93
N PRO D 120 8.90 4.02 41.19
CA PRO D 120 7.66 3.46 40.64
C PRO D 120 6.88 2.64 41.66
N SER D 121 5.57 2.61 41.46
CA SER D 121 4.69 1.68 42.16
C SER D 121 4.57 0.43 41.30
N VAL D 122 4.88 -0.73 41.88
CA VAL D 122 4.96 -1.98 41.13
C VAL D 122 3.73 -2.83 41.44
N PHE D 123 3.08 -3.32 40.39
CA PHE D 123 1.95 -4.22 40.51
C PHE D 123 2.10 -5.36 39.52
N ILE D 124 1.58 -6.53 39.89
CA ILE D 124 1.62 -7.70 39.02
C ILE D 124 0.21 -8.26 38.90
N PHE D 125 -0.13 -8.77 37.71
CA PHE D 125 -1.48 -9.26 37.42
C PHE D 125 -1.37 -10.69 36.89
N PRO D 126 -2.02 -11.66 37.52
CA PRO D 126 -2.00 -13.02 36.97
C PRO D 126 -2.83 -13.10 35.70
N PRO D 127 -2.62 -14.13 34.87
CA PRO D 127 -3.42 -14.27 33.66
C PRO D 127 -4.88 -14.54 33.99
N SER D 128 -5.77 -13.98 33.17
CA SER D 128 -7.19 -14.08 33.41
C SER D 128 -7.70 -15.48 33.06
N ASP D 129 -8.88 -15.82 33.62
CA ASP D 129 -9.49 -17.10 33.31
C ASP D 129 -9.98 -17.16 31.87
N GLU D 130 -10.38 -16.02 31.31
CA GLU D 130 -10.82 -15.98 29.92
C GLU D 130 -9.69 -16.34 28.97
N GLN D 131 -8.48 -15.84 29.22
CA GLN D 131 -7.36 -16.11 28.33
C GLN D 131 -6.85 -17.53 28.50
N LEU D 132 -6.84 -18.04 29.74
CA LEU D 132 -6.39 -19.40 29.98
C LEU D 132 -7.27 -20.41 29.26
N LYS D 133 -8.54 -20.08 29.05
CA LYS D 133 -9.41 -20.95 28.25
C LYS D 133 -8.99 -20.97 26.79
N SER D 134 -8.40 -19.87 26.30
CA SER D 134 -7.98 -19.81 24.91
C SER D 134 -6.68 -20.56 24.64
N GLY D 135 -5.92 -20.89 25.68
CA GLY D 135 -4.69 -21.64 25.52
C GLY D 135 -3.40 -20.86 25.70
N THR D 136 -3.47 -19.59 26.10
CA THR D 136 -2.28 -18.79 26.34
C THR D 136 -2.41 -18.12 27.71
N ALA D 137 -1.31 -17.54 28.16
CA ALA D 137 -1.27 -16.89 29.48
C ALA D 137 -0.38 -15.65 29.40
N SER D 138 -0.91 -14.52 29.87
CA SER D 138 -0.18 -13.27 29.90
C SER D 138 -0.15 -12.73 31.34
N VAL D 139 1.06 -12.52 31.85
CA VAL D 139 1.29 -11.91 33.16
C VAL D 139 1.78 -10.50 32.94
N VAL D 140 1.13 -9.53 33.58
CA VAL D 140 1.43 -8.12 33.36
C VAL D 140 2.06 -7.54 34.63
N CYS D 141 3.18 -6.84 34.44
CA CYS D 141 3.88 -6.14 35.51
C CYS D 141 3.78 -4.65 35.22
N LEU D 142 3.22 -3.90 36.17
CA LEU D 142 2.94 -2.47 35.97
C LEU D 142 3.86 -1.63 36.83
N LEU D 143 4.58 -0.70 36.20
CA LEU D 143 5.37 0.32 36.88
C LEU D 143 4.64 1.65 36.68
N ASN D 144 4.19 2.25 37.78
CA ASN D 144 3.29 3.39 37.72
C ASN D 144 3.96 4.64 38.26
N ASN D 145 3.96 5.71 37.46
CA ASN D 145 4.41 7.04 37.86
C ASN D 145 5.84 7.03 38.38
N PHE D 146 6.82 6.97 37.49
CA PHE D 146 8.23 7.00 37.87
C PHE D 146 8.99 7.98 36.98
N TYR D 147 10.20 8.32 37.44
CA TYR D 147 11.12 9.16 36.69
C TYR D 147 12.53 8.84 37.18
N PRO D 148 13.52 8.72 36.29
CA PRO D 148 13.46 8.92 34.83
C PRO D 148 12.87 7.76 34.05
N ARG D 149 12.91 7.88 32.73
CA ARG D 149 12.27 6.89 31.86
C ARG D 149 13.01 5.55 31.89
N GLU D 150 14.30 5.57 32.22
CA GLU D 150 15.08 4.34 32.23
C GLU D 150 14.66 3.46 33.41
N ALA D 151 14.24 2.24 33.11
CA ALA D 151 13.85 1.28 34.13
C ALA D 151 14.09 -0.12 33.60
N LYS D 152 14.51 -1.01 34.49
CA LYS D 152 14.85 -2.39 34.15
C LYS D 152 13.81 -3.32 34.76
N VAL D 153 13.15 -4.10 33.92
CA VAL D 153 12.15 -5.06 34.35
C VAL D 153 12.63 -6.44 33.91
N GLN D 154 12.81 -7.34 34.88
CA GLN D 154 13.25 -8.70 34.61
C GLN D 154 12.19 -9.67 35.09
N TRP D 155 11.86 -10.64 34.25
CA TRP D 155 10.88 -11.67 34.60
C TRP D 155 11.62 -12.92 35.06
N LYS D 156 11.26 -13.40 36.25
CA LYS D 156 11.80 -14.64 36.81
C LYS D 156 10.65 -15.60 37.06
N VAL D 157 10.73 -16.78 36.48
CA VAL D 157 9.75 -17.83 36.66
C VAL D 157 10.43 -18.95 37.45
N ASP D 158 10.02 -19.12 38.70
CA ASP D 158 10.71 -20.02 39.65
C ASP D 158 12.19 -19.64 39.77
N ASN D 159 12.44 -18.34 39.91
CA ASN D 159 13.78 -17.78 40.05
C ASN D 159 14.66 -18.07 38.84
N ALA D 160 14.04 -18.25 37.67
CA ALA D 160 14.76 -18.46 36.42
C ALA D 160 14.52 -17.25 35.53
N LEU D 161 15.59 -16.57 35.14
CA LEU D 161 15.46 -15.35 34.36
C LEU D 161 14.92 -15.65 32.97
N GLN D 162 13.95 -14.86 32.53
CA GLN D 162 13.28 -15.07 31.25
C GLN D 162 13.82 -14.09 30.21
N SER D 163 14.00 -14.59 28.99
CA SER D 163 14.47 -13.77 27.89
C SER D 163 13.74 -14.19 26.60
N GLY D 164 13.30 -13.19 25.84
CA GLY D 164 12.67 -13.43 24.56
C GLY D 164 11.18 -13.73 24.59
N ASN D 165 10.55 -13.72 25.76
CA ASN D 165 9.12 -14.01 25.87
C ASN D 165 8.34 -12.88 26.54
N SER D 166 8.90 -11.66 26.55
CA SER D 166 8.23 -10.52 27.14
C SER D 166 8.48 -9.28 26.30
N GLN D 167 7.50 -8.39 26.28
CA GLN D 167 7.62 -7.09 25.63
C GLN D 167 7.22 -6.00 26.61
N GLU D 168 7.82 -4.82 26.43
CA GLU D 168 7.55 -3.69 27.30
C GLU D 168 6.92 -2.55 26.51
N SER D 169 6.13 -1.74 27.21
CA SER D 169 5.61 -0.49 26.66
C SER D 169 5.66 0.57 27.75
N VAL D 170 6.09 1.77 27.39
CA VAL D 170 6.21 2.88 28.32
C VAL D 170 5.42 4.05 27.76
N THR D 171 4.55 4.63 28.60
CA THR D 171 3.75 5.77 28.17
C THR D 171 4.63 6.99 27.94
N GLU D 172 4.06 7.95 27.20
CA GLU D 172 4.72 9.23 27.04
C GLU D 172 4.62 10.02 28.34
N GLN D 173 5.42 11.08 28.43
CA GLN D 173 5.51 11.83 29.67
C GLN D 173 4.16 12.46 30.02
N ASP D 174 3.85 12.49 31.31
CA ASP D 174 2.55 12.99 31.77
C ASP D 174 2.52 14.52 31.71
N SER D 175 1.36 15.07 31.36
CA SER D 175 1.22 16.51 31.24
C SER D 175 0.97 17.20 32.58
N LYS D 176 0.81 16.45 33.67
CA LYS D 176 0.57 17.03 34.99
C LYS D 176 1.75 16.85 35.93
N ASP D 177 2.22 15.61 36.14
CA ASP D 177 3.34 15.36 37.03
C ASP D 177 4.61 14.94 36.30
N SER D 178 4.59 14.89 34.97
CA SER D 178 5.79 14.66 34.15
C SER D 178 6.45 13.32 34.45
N THR D 179 5.67 12.31 34.81
CA THR D 179 6.20 10.98 35.10
C THR D 179 5.90 10.03 33.95
N TYR D 180 6.50 8.85 34.04
CA TYR D 180 6.30 7.78 33.08
C TYR D 180 5.67 6.57 33.75
N SER D 181 5.02 5.74 32.95
CA SER D 181 4.50 4.46 33.39
C SER D 181 4.88 3.40 32.38
N LEU D 182 5.11 2.19 32.88
CA LEU D 182 5.61 1.09 32.06
C LEU D 182 4.80 -0.16 32.34
N SER D 183 4.52 -0.92 31.28
CA SER D 183 3.83 -2.20 31.39
C SER D 183 4.63 -3.26 30.65
N SER D 184 4.97 -4.34 31.36
CA SER D 184 5.68 -5.47 30.78
C SER D 184 4.77 -6.69 30.80
N THR D 185 4.64 -7.34 29.65
CA THR D 185 3.76 -8.50 29.49
C THR D 185 4.59 -9.74 29.21
N LEU D 186 4.54 -10.71 30.13
CA LEU D 186 5.18 -12.01 29.94
C LEU D 186 4.15 -12.98 29.36
N THR D 187 4.40 -13.45 28.15
CA THR D 187 3.47 -14.34 27.46
C THR D 187 4.07 -15.75 27.34
N LEU D 188 3.32 -16.74 27.83
CA LEU D 188 3.70 -18.14 27.71
C LEU D 188 2.47 -18.94 27.29
N SER D 189 2.72 -20.12 26.75
CA SER D 189 1.62 -21.03 26.47
C SER D 189 0.99 -21.51 27.77
N LYS D 190 -0.27 -21.91 27.70
CA LYS D 190 -0.95 -22.45 28.87
C LYS D 190 -0.23 -23.67 29.42
N ALA D 191 0.36 -24.49 28.54
CA ALA D 191 1.13 -25.64 28.99
C ALA D 191 2.35 -25.20 29.78
N ASP D 192 3.11 -24.23 29.25
CA ASP D 192 4.27 -23.73 29.97
C ASP D 192 3.89 -23.01 31.25
N TYR D 193 2.74 -22.33 31.26
CA TYR D 193 2.33 -21.61 32.46
C TYR D 193 1.97 -22.57 33.58
N GLU D 194 1.29 -23.68 33.26
CA GLU D 194 0.97 -24.67 34.27
C GLU D 194 2.18 -25.51 34.66
N LYS D 195 3.28 -25.40 33.92
CA LYS D 195 4.49 -26.16 34.22
C LYS D 195 5.26 -25.56 35.41
N HIS D 196 5.01 -24.31 35.75
CA HIS D 196 5.74 -23.62 36.81
C HIS D 196 4.77 -23.09 37.86
N LYS D 197 5.33 -22.59 38.96
CA LYS D 197 4.56 -22.20 40.13
C LYS D 197 4.67 -20.72 40.47
N VAL D 198 5.89 -20.20 40.60
CA VAL D 198 6.11 -18.84 41.09
C VAL D 198 6.45 -17.94 39.90
N TYR D 199 5.78 -16.80 39.81
CA TYR D 199 5.99 -15.83 38.76
C TYR D 199 6.26 -14.48 39.38
N ALA D 200 7.36 -13.85 38.98
CA ALA D 200 7.78 -12.59 39.59
C ALA D 200 8.45 -11.71 38.55
N CYS D 201 8.27 -10.40 38.69
CA CYS D 201 9.03 -9.41 37.96
C CYS D 201 9.89 -8.62 38.93
N GLU D 202 11.16 -8.46 38.59
CA GLU D 202 12.12 -7.71 39.40
C GLU D 202 12.35 -6.37 38.72
N VAL D 203 12.17 -5.29 39.47
CA VAL D 203 12.23 -3.93 38.94
C VAL D 203 13.45 -3.24 39.50
N THR D 204 14.29 -2.71 38.61
CA THR D 204 15.45 -1.91 38.98
C THR D 204 15.24 -0.49 38.45
N HIS D 205 15.37 0.50 39.34
CA HIS D 205 15.11 1.88 38.96
C HIS D 205 15.95 2.80 39.85
N GLN D 206 16.17 4.02 39.36
CA GLN D 206 17.00 4.98 40.08
C GLN D 206 16.37 5.42 41.39
N GLY D 207 15.04 5.45 41.46
CA GLY D 207 14.36 5.81 42.70
C GLY D 207 14.40 4.75 43.77
N LEU D 208 14.74 3.52 43.41
CA LEU D 208 14.79 2.41 44.35
C LEU D 208 16.21 2.20 44.86
N SER D 209 16.37 2.20 46.19
CA SER D 209 17.67 1.90 46.77
C SER D 209 18.07 0.46 46.54
N SER D 210 17.09 -0.45 46.50
CA SER D 210 17.31 -1.86 46.21
C SER D 210 16.19 -2.32 45.27
N PRO D 211 16.46 -3.29 44.40
CA PRO D 211 15.44 -3.74 43.46
C PRO D 211 14.22 -4.31 44.16
N VAL D 212 13.04 -3.94 43.65
CA VAL D 212 11.76 -4.37 44.21
C VAL D 212 11.24 -5.54 43.39
N THR D 213 10.67 -6.54 44.08
CA THR D 213 10.13 -7.73 43.44
C THR D 213 8.69 -7.96 43.89
N LYS D 214 7.79 -8.07 42.93
CA LYS D 214 6.41 -8.45 43.16
C LYS D 214 6.17 -9.82 42.53
N SER D 215 5.52 -10.72 43.28
CA SER D 215 5.38 -12.11 42.87
C SER D 215 3.99 -12.62 43.24
N PHE D 216 3.65 -13.77 42.68
CA PHE D 216 2.43 -14.49 43.03
C PHE D 216 2.63 -15.96 42.70
N ASN D 217 1.94 -16.82 43.45
CA ASN D 217 1.95 -18.25 43.20
C ASN D 217 0.75 -18.63 42.34
N ARG D 218 0.98 -19.45 41.32
CA ARG D 218 -0.10 -19.88 40.45
C ARG D 218 -1.14 -20.66 41.26
N GLY D 219 -2.36 -20.13 41.32
CA GLY D 219 -3.45 -20.77 42.02
C GLY D 219 -3.84 -20.13 43.34
N GLU D 220 -3.37 -18.92 43.64
CA GLU D 220 -3.75 -18.25 44.87
C GLU D 220 -4.39 -16.91 44.54
N GLN E 3 -15.02 21.45 16.47
CA GLN E 3 -15.31 22.26 15.28
C GLN E 3 -15.09 21.48 13.98
N LEU E 4 -14.12 20.56 14.01
CA LEU E 4 -13.83 19.68 12.87
C LEU E 4 -13.83 18.24 13.34
N GLN E 5 -14.61 17.39 12.69
CA GLN E 5 -14.76 15.99 13.05
C GLN E 5 -14.35 15.12 11.87
N GLN E 6 -13.32 14.29 12.06
CA GLN E 6 -12.81 13.43 11.00
C GLN E 6 -13.36 12.01 11.12
N SER E 7 -13.32 11.30 10.00
CA SER E 7 -13.81 9.92 9.96
C SER E 7 -12.83 8.99 10.67
N GLY E 8 -13.29 7.75 10.88
CA GLY E 8 -12.53 6.78 11.64
C GLY E 8 -11.38 6.18 10.87
N PRO E 9 -10.66 5.28 11.52
CA PRO E 9 -9.49 4.66 10.89
C PRO E 9 -9.86 3.75 9.72
N GLU E 10 -8.93 3.63 8.78
CA GLU E 10 -9.12 2.88 7.55
C GLU E 10 -8.01 1.86 7.38
N LEU E 11 -8.39 0.65 6.95
CA LEU E 11 -7.45 -0.37 6.50
C LEU E 11 -7.66 -0.58 5.01
N VAL E 12 -6.65 -0.26 4.21
CA VAL E 12 -6.76 -0.22 2.75
C VAL E 12 -5.76 -1.20 2.16
N LYS E 13 -6.21 -1.99 1.19
CA LYS E 13 -5.30 -2.86 0.48
C LYS E 13 -4.41 -2.05 -0.46
N PRO E 14 -3.16 -2.47 -0.65
CA PRO E 14 -2.28 -1.75 -1.57
C PRO E 14 -2.84 -1.74 -2.98
N GLY E 15 -2.71 -0.58 -3.64
CA GLY E 15 -3.27 -0.38 -4.95
C GLY E 15 -4.71 0.08 -4.96
N ALA E 16 -5.36 0.10 -3.79
CA ALA E 16 -6.74 0.53 -3.70
C ALA E 16 -6.81 2.02 -3.36
N SER E 17 -8.03 2.53 -3.20
CA SER E 17 -8.26 3.92 -2.86
C SER E 17 -9.03 4.02 -1.56
N VAL E 18 -8.87 5.16 -0.89
CA VAL E 18 -9.57 5.44 0.35
C VAL E 18 -10.04 6.89 0.33
N LYS E 19 -11.19 7.14 0.94
CA LYS E 19 -11.77 8.48 1.02
C LYS E 19 -12.10 8.77 2.47
N ILE E 20 -11.50 9.81 3.03
CA ILE E 20 -11.72 10.20 4.41
C ILE E 20 -12.42 11.56 4.42
N SER E 21 -13.17 11.81 5.49
CA SER E 21 -14.02 12.99 5.55
C SER E 21 -13.64 13.89 6.72
N CYS E 22 -14.04 15.16 6.61
CA CYS E 22 -13.80 16.17 7.65
C CYS E 22 -15.07 17.01 7.75
N LYS E 23 -15.88 16.71 8.76
CA LYS E 23 -17.16 17.40 8.96
C LYS E 23 -16.93 18.73 9.69
N ALA E 24 -17.36 19.82 9.07
CA ALA E 24 -17.24 21.15 9.63
C ALA E 24 -18.57 21.59 10.23
N SER E 25 -18.49 22.40 11.29
CA SER E 25 -19.68 22.87 11.98
C SER E 25 -19.34 24.10 12.79
N GLY E 26 -20.34 24.95 12.99
CA GLY E 26 -20.18 26.13 13.82
C GLY E 26 -19.60 27.35 13.13
N TYR E 27 -19.35 27.29 11.83
CA TYR E 27 -18.84 28.44 11.10
C TYR E 27 -19.30 28.35 9.65
N SER E 28 -19.17 29.47 8.95
CA SER E 28 -19.55 29.52 7.55
C SER E 28 -18.61 28.65 6.74
N PHE E 29 -19.12 27.52 6.25
CA PHE E 29 -18.28 26.51 5.61
C PHE E 29 -17.57 27.06 4.38
N THR E 30 -18.28 27.86 3.57
CA THR E 30 -17.73 28.33 2.30
C THR E 30 -16.81 29.54 2.45
N GLY E 31 -16.57 30.01 3.66
CA GLY E 31 -15.72 31.17 3.88
C GLY E 31 -14.30 30.89 4.25
N TYR E 32 -13.89 29.62 4.33
CA TYR E 32 -12.56 29.28 4.82
C TYR E 32 -11.98 28.11 4.03
N TYR E 33 -10.67 28.18 3.76
CA TYR E 33 -9.97 27.06 3.14
C TYR E 33 -9.92 25.88 4.10
N MET E 34 -9.98 24.68 3.54
CA MET E 34 -9.77 23.44 4.28
C MET E 34 -8.50 22.79 3.77
N HIS E 35 -7.48 22.72 4.63
CA HIS E 35 -6.20 22.13 4.28
C HIS E 35 -6.10 20.70 4.82
N TRP E 36 -5.19 19.94 4.23
CA TRP E 36 -4.95 18.56 4.66
C TRP E 36 -3.46 18.38 4.88
N VAL E 37 -3.11 17.73 5.99
CA VAL E 37 -1.73 17.53 6.40
C VAL E 37 -1.50 16.04 6.63
N LYS E 38 -0.36 15.55 6.17
CA LYS E 38 0.04 14.16 6.39
C LYS E 38 1.10 14.11 7.48
N GLN E 39 0.96 13.15 8.39
CA GLN E 39 1.97 12.90 9.41
C GLN E 39 2.48 11.47 9.22
N SER E 40 3.59 11.34 8.51
CA SER E 40 4.12 10.01 8.18
C SER E 40 4.80 9.38 9.41
N HIS E 41 5.89 9.98 9.86
CA HIS E 41 6.66 9.43 10.97
C HIS E 41 6.17 10.08 12.27
N VAL E 42 7.00 10.04 13.31
CA VAL E 42 6.60 10.60 14.60
C VAL E 42 6.54 12.12 14.54
N LYS E 43 7.46 12.73 13.79
CA LYS E 43 7.61 14.18 13.79
C LYS E 43 7.72 14.73 12.37
N SER E 44 7.07 14.09 11.41
CA SER E 44 7.12 14.52 10.00
C SER E 44 5.75 15.05 9.61
N LEU E 45 5.70 16.31 9.20
CA LEU E 45 4.47 16.96 8.78
C LEU E 45 4.61 17.46 7.34
N GLU E 46 3.71 17.03 6.46
CA GLU E 46 3.70 17.46 5.07
C GLU E 46 2.34 18.08 4.74
N TRP E 47 2.37 19.21 4.04
CA TRP E 47 1.16 19.87 3.60
C TRP E 47 0.70 19.26 2.28
N ILE E 48 -0.51 18.71 2.27
CA ILE E 48 -1.04 18.04 1.08
C ILE E 48 -1.70 19.02 0.13
N GLY E 49 -2.58 19.87 0.64
CA GLY E 49 -3.25 20.84 -0.21
C GLY E 49 -4.40 21.49 0.51
N ARG E 50 -5.08 22.37 -0.22
CA ARG E 50 -6.21 23.11 0.30
C ARG E 50 -7.34 23.09 -0.72
N ILE E 51 -8.54 23.43 -0.27
CA ILE E 51 -9.71 23.49 -1.14
C ILE E 51 -10.57 24.68 -0.72
N ASP E 52 -11.13 25.36 -1.71
CA ASP E 52 -12.10 26.42 -1.46
C ASP E 52 -13.48 25.77 -1.48
N PRO E 53 -14.14 25.61 -0.33
CA PRO E 53 -15.43 24.90 -0.32
C PRO E 53 -16.55 25.58 -1.09
N TYR E 54 -16.40 26.85 -1.45
CA TYR E 54 -17.45 27.54 -2.19
C TYR E 54 -17.57 26.99 -3.62
N ASP E 55 -16.46 26.96 -4.35
CA ASP E 55 -16.46 26.50 -5.73
C ASP E 55 -15.65 25.23 -5.97
N GLY E 56 -15.07 24.65 -4.91
CA GLY E 56 -14.28 23.45 -5.06
C GLY E 56 -12.91 23.64 -5.64
N ALA E 57 -12.43 24.88 -5.75
CA ALA E 57 -11.10 25.12 -6.29
C ALA E 57 -10.05 24.52 -5.38
N THR E 58 -9.12 23.77 -5.96
CA THR E 58 -8.13 23.01 -5.21
C THR E 58 -6.71 23.46 -5.57
N SER E 59 -5.83 23.45 -4.57
CA SER E 59 -4.41 23.70 -4.76
C SER E 59 -3.63 22.58 -4.10
N TYR E 60 -2.81 21.88 -4.87
CA TYR E 60 -2.12 20.70 -4.37
C TYR E 60 -0.62 20.94 -4.25
N ASN E 61 -0.02 20.25 -3.29
CA ASN E 61 1.43 20.10 -3.25
C ASN E 61 1.87 19.23 -4.41
N GLN E 62 2.96 19.62 -5.07
CA GLN E 62 3.44 18.87 -6.23
C GLN E 62 3.72 17.42 -5.89
N ASN E 63 4.12 17.15 -4.64
CA ASN E 63 4.39 15.76 -4.24
C ASN E 63 3.13 14.91 -4.20
N PHE E 64 1.98 15.52 -3.88
CA PHE E 64 0.74 14.78 -3.72
C PHE E 64 -0.21 14.93 -4.90
N LYS E 65 0.23 15.60 -5.97
CA LYS E 65 -0.57 15.60 -7.19
C LYS E 65 -0.64 14.17 -7.70
N ASP E 66 -1.80 13.81 -8.25
CA ASP E 66 -2.09 12.46 -8.74
C ASP E 66 -2.16 11.45 -7.61
N LYS E 67 -2.07 11.88 -6.36
CA LYS E 67 -2.19 11.02 -5.18
C LYS E 67 -3.38 11.38 -4.33
N ALA E 68 -3.69 12.66 -4.20
CA ALA E 68 -4.78 13.15 -3.38
C ALA E 68 -5.78 13.90 -4.23
N SER E 69 -7.06 13.77 -3.89
CA SER E 69 -8.13 14.51 -4.53
C SER E 69 -9.00 15.13 -3.44
N LEU E 70 -9.23 16.44 -3.53
CA LEU E 70 -9.99 17.17 -2.53
C LEU E 70 -11.36 17.52 -3.09
N THR E 71 -12.41 17.14 -2.36
CA THR E 71 -13.78 17.50 -2.70
C THR E 71 -14.50 17.96 -1.44
N VAL E 72 -15.61 18.67 -1.63
CA VAL E 72 -16.44 19.13 -0.52
C VAL E 72 -17.90 18.83 -0.85
N ASP E 73 -18.69 18.64 0.20
CA ASP E 73 -20.15 18.53 0.12
C ASP E 73 -20.71 19.73 0.88
N LYS E 74 -21.17 20.75 0.15
CA LYS E 74 -21.66 21.96 0.79
C LYS E 74 -22.92 21.70 1.59
N SER E 75 -23.71 20.69 1.20
CA SER E 75 -24.96 20.44 1.93
C SER E 75 -24.70 19.82 3.30
N SER E 76 -23.70 18.93 3.40
CA SER E 76 -23.33 18.35 4.67
C SER E 76 -22.15 19.05 5.33
N THR E 77 -21.64 20.13 4.70
CA THR E 77 -20.50 20.89 5.20
C THR E 77 -19.35 19.96 5.58
N THR E 78 -19.05 19.03 4.70
CA THR E 78 -18.00 18.05 4.91
C THR E 78 -16.98 18.13 3.78
N GLY E 79 -15.70 18.07 4.14
CA GLY E 79 -14.62 18.00 3.19
C GLY E 79 -14.08 16.59 3.08
N PHE E 80 -13.62 16.25 1.88
CA PHE E 80 -13.15 14.89 1.59
C PHE E 80 -11.78 14.92 0.96
N MET E 81 -10.96 13.93 1.29
CA MET E 81 -9.70 13.68 0.59
C MET E 81 -9.67 12.23 0.17
N GLU E 82 -9.48 11.99 -1.13
CA GLU E 82 -9.33 10.65 -1.67
C GLU E 82 -7.87 10.40 -2.02
N LEU E 83 -7.33 9.28 -1.54
CA LEU E 83 -5.98 8.86 -1.85
C LEU E 83 -6.02 7.70 -2.85
N HIS E 84 -5.24 7.82 -3.91
CA HIS E 84 -5.29 6.88 -5.03
C HIS E 84 -4.06 5.98 -5.03
N SER E 85 -4.26 4.73 -5.45
CA SER E 85 -3.20 3.74 -5.64
C SER E 85 -2.26 3.70 -4.43
N LEU E 86 -2.82 3.28 -3.31
CA LEU E 86 -2.10 3.35 -2.06
C LEU E 86 -0.96 2.35 -2.00
N THR E 87 0.16 2.78 -1.44
CA THR E 87 1.30 1.93 -1.13
C THR E 87 1.57 2.02 0.37
N SER E 88 2.58 1.27 0.82
CA SER E 88 2.93 1.30 2.24
C SER E 88 3.37 2.69 2.66
N GLU E 89 3.89 3.49 1.72
CA GLU E 89 4.29 4.87 2.02
C GLU E 89 3.12 5.75 2.40
N ASP E 90 1.89 5.35 2.07
CA ASP E 90 0.72 6.15 2.39
C ASP E 90 0.14 5.86 3.77
N SER E 91 0.63 4.83 4.46
CA SER E 91 0.19 4.56 5.83
C SER E 91 0.65 5.70 6.74
N ALA E 92 -0.29 6.52 7.20
CA ALA E 92 0.06 7.68 8.01
C ALA E 92 -1.20 8.18 8.72
N VAL E 93 -1.03 9.26 9.47
CA VAL E 93 -2.14 9.97 10.09
C VAL E 93 -2.38 11.25 9.31
N TYR E 94 -3.60 11.44 8.86
CA TYR E 94 -3.96 12.59 8.03
C TYR E 94 -4.86 13.53 8.82
N TYR E 95 -4.54 14.82 8.78
CA TYR E 95 -5.30 15.85 9.47
C TYR E 95 -5.96 16.77 8.46
N CYS E 96 -7.10 17.34 8.87
CA CYS E 96 -7.69 18.49 8.19
C CYS E 96 -7.62 19.69 9.11
N ALA E 97 -7.43 20.87 8.51
CA ALA E 97 -7.37 22.10 9.28
C ALA E 97 -8.13 23.20 8.55
N ARG E 98 -8.62 24.17 9.32
CA ARG E 98 -9.25 25.35 8.78
C ARG E 98 -8.27 26.51 8.88
N GLU E 99 -8.16 27.29 7.82
CA GLU E 99 -7.37 28.51 7.85
C GLU E 99 -8.32 29.64 8.24
N GLY E 100 -8.34 29.96 9.54
CA GLY E 100 -9.27 30.92 10.08
C GLY E 100 -8.79 32.36 9.94
N HIS E 101 -9.65 33.27 10.38
CA HIS E 101 -9.41 34.70 10.24
C HIS E 101 -9.47 35.35 11.62
N TRP E 102 -8.42 36.11 11.96
CA TRP E 102 -8.40 36.87 13.20
C TRP E 102 -7.58 38.14 12.99
N ASP E 103 -8.24 39.30 13.10
CA ASP E 103 -7.58 40.60 13.00
C ASP E 103 -6.92 40.79 11.63
N GLY E 104 -7.57 40.31 10.58
CA GLY E 104 -7.04 40.47 9.25
C GLY E 104 -5.92 39.53 8.89
N ASP E 105 -5.61 38.57 9.74
CA ASP E 105 -4.54 37.60 9.50
C ASP E 105 -5.12 36.19 9.45
N TRP E 106 -4.43 35.30 8.74
CA TRP E 106 -4.90 33.96 8.48
C TRP E 106 -3.89 32.94 8.97
N TYR E 107 -4.39 31.89 9.65
CA TYR E 107 -3.55 30.81 10.14
C TYR E 107 -4.43 29.62 10.46
N PHE E 108 -3.78 28.48 10.74
CA PHE E 108 -4.47 27.23 11.03
C PHE E 108 -4.96 27.25 12.48
N ASP E 109 -6.20 27.71 12.67
CA ASP E 109 -6.73 27.89 14.01
C ASP E 109 -7.57 26.71 14.51
N VAL E 110 -8.00 25.82 13.63
CA VAL E 110 -8.80 24.66 14.03
C VAL E 110 -8.25 23.44 13.31
N TRP E 111 -8.07 22.34 14.06
CA TRP E 111 -7.58 21.09 13.51
C TRP E 111 -8.52 19.95 13.90
N GLY E 112 -8.61 18.95 13.01
CA GLY E 112 -9.31 17.73 13.34
C GLY E 112 -8.43 16.79 14.14
N ALA E 113 -9.05 15.75 14.70
CA ALA E 113 -8.31 14.82 15.55
C ALA E 113 -7.38 13.91 14.77
N GLY E 114 -7.53 13.82 13.46
CA GLY E 114 -6.67 12.96 12.67
C GLY E 114 -7.33 11.64 12.32
N THR E 115 -7.01 11.13 11.13
CA THR E 115 -7.49 9.84 10.66
C THR E 115 -6.30 8.94 10.37
N THR E 116 -6.26 7.77 11.01
CA THR E 116 -5.18 6.82 10.80
C THR E 116 -5.52 5.94 9.61
N VAL E 117 -4.63 5.91 8.62
CA VAL E 117 -4.78 5.09 7.43
C VAL E 117 -3.64 4.09 7.41
N THR E 118 -3.99 2.79 7.35
CA THR E 118 -3.02 1.71 7.26
C THR E 118 -3.22 0.99 5.93
N VAL E 119 -2.15 0.90 5.15
CA VAL E 119 -2.16 0.21 3.87
C VAL E 119 -1.55 -1.18 4.08
N SER E 120 -2.36 -2.23 3.90
CA SER E 120 -1.92 -3.58 4.18
C SER E 120 -2.74 -4.58 3.38
N SER E 121 -2.14 -5.74 3.10
CA SER E 121 -2.83 -6.84 2.45
C SER E 121 -3.56 -7.75 3.43
N ALA E 122 -3.28 -7.65 4.73
CA ALA E 122 -3.89 -8.52 5.72
C ALA E 122 -5.30 -8.04 6.07
N SER E 123 -6.11 -8.98 6.53
CA SER E 123 -7.46 -8.67 6.97
C SER E 123 -7.44 -8.15 8.40
N THR E 124 -8.50 -7.44 8.77
CA THR E 124 -8.62 -6.97 10.14
C THR E 124 -8.80 -8.13 11.10
N LYS E 125 -8.29 -7.97 12.30
CA LYS E 125 -8.51 -8.92 13.38
C LYS E 125 -8.91 -8.15 14.62
N GLY E 126 -10.01 -8.56 15.22
CA GLY E 126 -10.51 -7.90 16.41
C GLY E 126 -9.69 -8.30 17.61
N PRO E 127 -9.63 -7.42 18.60
CA PRO E 127 -8.85 -7.71 19.80
C PRO E 127 -9.59 -8.62 20.75
N SER E 128 -8.82 -9.35 21.55
CA SER E 128 -9.34 -10.05 22.71
C SER E 128 -9.09 -9.18 23.93
N VAL E 129 -10.12 -8.98 24.74
CA VAL E 129 -10.03 -8.12 25.92
C VAL E 129 -10.07 -9.02 27.15
N PHE E 130 -8.99 -9.01 27.92
CA PHE E 130 -8.93 -9.79 29.13
C PHE E 130 -8.75 -8.85 30.33
N PRO E 131 -9.35 -9.16 31.47
CA PRO E 131 -9.23 -8.27 32.63
C PRO E 131 -7.92 -8.45 33.35
N LEU E 132 -7.38 -7.33 33.84
CA LEU E 132 -6.24 -7.33 34.75
C LEU E 132 -6.82 -7.07 36.13
N ALA E 133 -7.16 -8.15 36.83
CA ALA E 133 -7.97 -8.04 38.05
C ALA E 133 -7.12 -7.53 39.22
N PRO E 134 -7.67 -6.62 40.03
CA PRO E 134 -6.94 -6.16 41.21
C PRO E 134 -6.99 -7.19 42.33
N SER E 135 -5.88 -7.30 43.05
CA SER E 135 -5.77 -8.23 44.16
C SER E 135 -4.80 -7.65 45.18
N SER E 136 -4.42 -8.47 46.17
CA SER E 136 -3.45 -8.02 47.16
C SER E 136 -2.09 -7.75 46.54
N LYS E 137 -1.80 -8.35 45.39
CA LYS E 137 -0.54 -8.13 44.70
C LYS E 137 -0.55 -6.89 43.82
N SER E 138 -1.67 -6.17 43.76
CA SER E 138 -1.76 -4.91 43.04
C SER E 138 -2.26 -3.76 43.91
N THR E 139 -2.11 -3.86 45.22
CA THR E 139 -2.49 -2.80 46.15
C THR E 139 -1.26 -2.32 46.90
N SER E 140 -1.02 -1.01 46.88
CA SER E 140 0.12 -0.40 47.58
C SER E 140 -0.37 0.82 48.35
N GLY E 141 -0.50 0.68 49.67
CA GLY E 141 -0.89 1.78 50.53
C GLY E 141 -2.26 2.37 50.25
N GLY E 142 -3.31 1.54 50.32
CA GLY E 142 -4.66 2.00 50.13
C GLY E 142 -5.08 2.27 48.69
N THR E 143 -4.16 2.20 47.74
CA THR E 143 -4.47 2.43 46.33
C THR E 143 -4.31 1.10 45.59
N ALA E 144 -5.33 0.74 44.82
CA ALA E 144 -5.32 -0.48 44.03
C ALA E 144 -5.12 -0.16 42.56
N ALA E 145 -4.62 -1.15 41.82
CA ALA E 145 -4.40 -1.03 40.39
C ALA E 145 -5.18 -2.12 39.66
N LEU E 146 -5.90 -1.73 38.62
CA LEU E 146 -6.64 -2.68 37.79
C LEU E 146 -6.58 -2.20 36.35
N GLY E 147 -6.92 -3.08 35.43
CA GLY E 147 -6.82 -2.70 34.04
C GLY E 147 -7.40 -3.74 33.11
N CYS E 148 -7.14 -3.55 31.81
CA CYS E 148 -7.59 -4.44 30.76
C CYS E 148 -6.46 -4.68 29.78
N LEU E 149 -6.42 -5.89 29.23
CA LEU E 149 -5.41 -6.29 28.25
C LEU E 149 -6.09 -6.46 26.90
N VAL E 150 -5.78 -5.57 25.97
CA VAL E 150 -6.34 -5.58 24.62
C VAL E 150 -5.31 -6.22 23.71
N LYS E 151 -5.55 -7.49 23.32
CA LYS E 151 -4.52 -8.33 22.72
C LYS E 151 -4.93 -8.82 21.34
N ASP E 152 -3.95 -8.87 20.43
CA ASP E 152 -4.04 -9.51 19.12
C ASP E 152 -5.10 -8.84 18.24
N TYR E 153 -4.78 -7.61 17.82
CA TYR E 153 -5.61 -6.86 16.92
C TYR E 153 -4.78 -6.21 15.81
N PHE E 154 -5.44 -5.93 14.69
CA PHE E 154 -4.82 -5.25 13.56
C PHE E 154 -5.91 -4.59 12.74
N PRO E 155 -5.72 -3.34 12.29
CA PRO E 155 -4.55 -2.51 12.57
C PRO E 155 -4.75 -1.54 13.74
N GLU E 156 -4.01 -0.45 13.71
CA GLU E 156 -4.15 0.63 14.66
C GLU E 156 -5.31 1.54 14.26
N PRO E 157 -5.89 2.29 15.20
CA PRO E 157 -5.67 2.24 16.65
C PRO E 157 -6.80 1.54 17.40
N VAL E 158 -6.80 1.67 18.72
CA VAL E 158 -7.88 1.19 19.57
C VAL E 158 -8.17 2.28 20.59
N THR E 159 -9.46 2.51 20.85
CA THR E 159 -9.89 3.48 21.84
C THR E 159 -10.33 2.75 23.10
N VAL E 160 -9.75 3.12 24.22
CA VAL E 160 -10.08 2.54 25.53
C VAL E 160 -10.50 3.66 26.46
N SER E 161 -11.72 3.57 26.98
CA SER E 161 -12.18 4.45 28.04
C SER E 161 -12.62 3.59 29.23
N TRP E 162 -12.83 4.25 30.36
CA TRP E 162 -13.25 3.58 31.59
C TRP E 162 -14.57 4.19 32.05
N ASN E 163 -15.53 3.32 32.37
CA ASN E 163 -16.85 3.75 32.87
C ASN E 163 -17.49 4.75 31.91
N SER E 164 -17.36 4.48 30.61
CA SER E 164 -17.96 5.31 29.57
C SER E 164 -17.47 6.76 29.65
N GLY E 165 -16.21 6.93 30.01
CA GLY E 165 -15.62 8.24 30.13
C GLY E 165 -15.80 8.91 31.48
N ALA E 166 -16.48 8.26 32.43
CA ALA E 166 -16.67 8.86 33.75
C ALA E 166 -15.39 8.81 34.57
N LEU E 167 -14.56 7.79 34.38
CA LEU E 167 -13.31 7.61 35.13
C LEU E 167 -12.14 7.98 34.23
N THR E 168 -11.46 9.08 34.56
CA THR E 168 -10.30 9.51 33.77
C THR E 168 -9.06 9.68 34.65
N SER E 169 -9.27 10.01 35.92
CA SER E 169 -8.14 10.24 36.82
C SER E 169 -7.43 8.93 37.14
N GLY E 170 -6.11 8.92 36.94
CA GLY E 170 -5.31 7.74 37.22
C GLY E 170 -5.27 6.71 36.12
N VAL E 171 -5.83 7.00 34.94
CA VAL E 171 -5.86 6.06 33.83
C VAL E 171 -4.60 6.19 33.00
N HIS E 172 -4.00 5.05 32.64
CA HIS E 172 -2.87 5.01 31.74
C HIS E 172 -3.18 3.99 30.64
N THR E 173 -3.30 4.47 29.40
CA THR E 173 -3.48 3.59 28.24
C THR E 173 -2.14 3.51 27.51
N PHE E 174 -1.51 2.36 27.58
CA PHE E 174 -0.15 2.22 27.05
C PHE E 174 -0.15 2.17 25.52
N PRO E 175 0.89 2.67 24.89
CA PRO E 175 1.03 2.52 23.43
C PRO E 175 1.09 1.07 23.03
N ALA E 176 0.50 0.76 21.87
CA ALA E 176 0.49 -0.59 21.36
C ALA E 176 1.90 -1.06 21.02
N VAL E 177 2.18 -2.33 21.30
CA VAL E 177 3.43 -2.96 20.92
C VAL E 177 3.18 -3.97 19.82
N LEU E 178 4.15 -4.12 18.93
CA LEU E 178 4.04 -5.06 17.82
C LEU E 178 4.56 -6.41 18.30
N GLN E 179 3.69 -7.42 18.27
CA GLN E 179 4.07 -8.76 18.69
C GLN E 179 4.78 -9.49 17.55
N SER E 180 5.43 -10.60 17.89
CA SER E 180 6.09 -11.39 16.87
C SER E 180 5.10 -11.99 15.88
N SER E 181 3.84 -12.14 16.28
CA SER E 181 2.80 -12.64 15.40
C SER E 181 2.38 -11.63 14.33
N GLY E 182 2.83 -10.38 14.43
CA GLY E 182 2.41 -9.34 13.53
C GLY E 182 1.22 -8.53 14.00
N LEU E 183 0.64 -8.88 15.13
CA LEU E 183 -0.53 -8.20 15.69
C LEU E 183 -0.11 -7.28 16.83
N TYR E 184 -0.97 -6.29 17.10
CA TYR E 184 -0.73 -5.32 18.16
C TYR E 184 -1.33 -5.77 19.48
N SER E 185 -0.79 -5.22 20.57
CA SER E 185 -1.30 -5.46 21.92
C SER E 185 -1.05 -4.21 22.76
N LEU E 186 -2.02 -3.86 23.60
CA LEU E 186 -1.84 -2.78 24.54
C LEU E 186 -2.56 -3.12 25.84
N SER E 187 -2.22 -2.36 26.89
CA SER E 187 -2.87 -2.45 28.18
C SER E 187 -3.36 -1.07 28.59
N SER E 188 -4.48 -1.04 29.28
CA SER E 188 -5.00 0.19 29.89
C SER E 188 -5.24 -0.09 31.36
N VAL E 189 -4.64 0.70 32.23
CA VAL E 189 -4.73 0.51 33.67
C VAL E 189 -5.22 1.80 34.32
N VAL E 190 -5.68 1.68 35.56
CA VAL E 190 -6.13 2.81 36.35
C VAL E 190 -5.91 2.50 37.82
N THR E 191 -5.45 3.51 38.57
CA THR E 191 -5.29 3.39 40.01
C THR E 191 -6.51 3.96 40.70
N VAL E 192 -7.10 3.17 41.59
CA VAL E 192 -8.32 3.58 42.29
C VAL E 192 -8.13 3.32 43.78
N PRO E 193 -8.95 3.95 44.62
CA PRO E 193 -8.90 3.62 46.06
C PRO E 193 -9.30 2.17 46.29
N SER E 194 -8.51 1.48 47.13
CA SER E 194 -8.80 0.09 47.44
C SER E 194 -10.10 -0.06 48.21
N SER E 195 -10.61 1.03 48.80
CA SER E 195 -11.88 0.97 49.52
C SER E 195 -13.06 0.86 48.55
N SER E 196 -12.91 1.39 47.34
CA SER E 196 -14.00 1.40 46.37
C SER E 196 -14.11 0.10 45.59
N LEU E 197 -13.24 -0.89 45.85
CA LEU E 197 -13.28 -2.12 45.09
C LEU E 197 -14.58 -2.88 45.31
N GLY E 198 -15.11 -2.85 46.53
CA GLY E 198 -16.36 -3.54 46.82
C GLY E 198 -17.59 -2.78 46.38
N THR E 199 -17.50 -1.44 46.32
CA THR E 199 -18.64 -0.59 46.04
C THR E 199 -18.73 -0.15 44.58
N GLN E 200 -17.62 0.35 44.03
CA GLN E 200 -17.61 0.95 42.70
C GLN E 200 -17.40 -0.10 41.62
N THR E 201 -18.18 0.00 40.55
CA THR E 201 -18.04 -0.86 39.38
C THR E 201 -17.10 -0.23 38.37
N TYR E 202 -16.13 -1.01 37.90
CA TYR E 202 -15.12 -0.54 36.94
C TYR E 202 -15.25 -1.32 35.64
N ILE E 203 -15.48 -0.60 34.55
CA ILE E 203 -15.67 -1.18 33.22
C ILE E 203 -14.71 -0.49 32.26
N CYS E 204 -13.96 -1.28 31.50
CA CYS E 204 -13.14 -0.75 30.42
C CYS E 204 -13.89 -0.91 29.11
N ASN E 205 -13.92 0.17 28.32
CA ASN E 205 -14.66 0.19 27.05
C ASN E 205 -13.65 0.17 25.92
N VAL E 206 -13.57 -0.97 25.22
CA VAL E 206 -12.62 -1.17 24.13
C VAL E 206 -13.38 -1.10 22.82
N ASN E 207 -12.94 -0.22 21.92
CA ASN E 207 -13.56 -0.06 20.61
C ASN E 207 -12.47 -0.13 19.55
N HIS E 208 -12.55 -1.12 18.68
CA HIS E 208 -11.64 -1.28 17.55
C HIS E 208 -12.46 -1.06 16.27
N LYS E 209 -12.44 0.18 15.78
CA LYS E 209 -13.30 0.54 14.66
C LYS E 209 -13.02 -0.23 13.38
N PRO E 210 -11.78 -0.54 12.99
CA PRO E 210 -11.58 -1.28 11.73
C PRO E 210 -12.29 -2.63 11.67
N SER E 211 -12.61 -3.23 12.81
CA SER E 211 -13.31 -4.52 12.84
C SER E 211 -14.70 -4.43 13.46
N ASN E 212 -15.16 -3.23 13.81
CA ASN E 212 -16.46 -3.03 14.45
C ASN E 212 -16.57 -3.86 15.73
N THR E 213 -15.54 -3.78 16.56
CA THR E 213 -15.47 -4.53 17.81
C THR E 213 -15.65 -3.55 18.97
N LYS E 214 -16.80 -3.65 19.64
CA LYS E 214 -17.07 -2.88 20.84
C LYS E 214 -17.21 -3.85 22.01
N VAL E 215 -16.31 -3.74 22.98
CA VAL E 215 -16.29 -4.61 24.15
C VAL E 215 -16.35 -3.75 25.39
N ASP E 216 -17.24 -4.10 26.31
CA ASP E 216 -17.32 -3.47 27.62
C ASP E 216 -17.08 -4.58 28.64
N LYS E 217 -15.87 -4.65 29.17
CA LYS E 217 -15.47 -5.70 30.10
C LYS E 217 -15.36 -5.11 31.49
N LYS E 218 -16.13 -5.66 32.43
CA LYS E 218 -16.08 -5.24 33.82
C LYS E 218 -14.96 -5.99 34.54
N VAL E 219 -14.12 -5.23 35.24
CA VAL E 219 -12.99 -5.79 35.99
C VAL E 219 -13.43 -5.97 37.43
N GLU E 220 -13.41 -7.22 37.91
CA GLU E 220 -13.82 -7.55 39.26
C GLU E 220 -12.62 -7.88 40.12
N PRO E 221 -12.66 -7.53 41.41
CA PRO E 221 -11.53 -7.83 42.29
C PRO E 221 -11.34 -9.33 42.49
N LYS E 222 -10.14 -9.69 42.94
CA LYS E 222 -9.79 -11.06 43.27
C LYS E 222 -9.16 -11.10 44.65
N SER E 223 -9.24 -12.26 45.30
CA SER E 223 -8.70 -12.42 46.64
C SER E 223 -7.19 -12.67 46.60
N ASP F 3 -49.61 16.23 -16.89
CA ASP F 3 -48.26 16.65 -16.52
C ASP F 3 -47.84 17.86 -17.33
N ILE F 4 -46.96 18.68 -16.75
CA ILE F 4 -46.50 19.89 -17.42
C ILE F 4 -45.59 19.51 -18.58
N VAL F 5 -45.83 20.13 -19.73
CA VAL F 5 -45.02 19.92 -20.93
C VAL F 5 -43.96 21.01 -20.99
N MET F 6 -42.70 20.60 -21.11
CA MET F 6 -41.56 21.52 -21.14
C MET F 6 -40.97 21.50 -22.55
N THR F 7 -41.13 22.61 -23.26
CA THR F 7 -40.65 22.73 -24.64
C THR F 7 -39.39 23.58 -24.68
N GLN F 8 -38.29 23.00 -25.17
CA GLN F 8 -37.03 23.70 -25.30
C GLN F 8 -36.80 24.09 -26.75
N THR F 9 -36.30 25.31 -26.96
CA THR F 9 -35.94 25.82 -28.27
C THR F 9 -34.62 26.56 -28.16
N PRO F 10 -33.63 26.27 -29.03
CA PRO F 10 -33.72 25.21 -30.05
C PRO F 10 -33.39 23.84 -29.47
N LEU F 11 -33.43 22.79 -30.30
CA LEU F 11 -33.07 21.46 -29.83
C LEU F 11 -31.60 21.15 -30.07
N SER F 12 -30.95 21.83 -31.01
CA SER F 12 -29.52 21.76 -31.21
C SER F 12 -29.01 23.17 -31.49
N LEU F 13 -27.77 23.43 -31.12
CA LEU F 13 -27.23 24.78 -31.20
C LEU F 13 -25.73 24.72 -31.43
N SER F 14 -25.25 25.47 -32.42
CA SER F 14 -23.84 25.55 -32.76
C SER F 14 -23.34 26.95 -32.45
N VAL F 15 -22.38 27.06 -31.54
CA VAL F 15 -21.86 28.35 -31.07
C VAL F 15 -20.34 28.34 -31.16
N THR F 16 -19.77 29.45 -31.61
CA THR F 16 -18.31 29.62 -31.63
C THR F 16 -17.80 30.00 -30.24
N ILE F 17 -16.56 29.59 -29.96
CA ILE F 17 -15.95 29.89 -28.66
C ILE F 17 -15.88 31.39 -28.46
N GLY F 18 -16.38 31.85 -27.31
CA GLY F 18 -16.39 33.26 -26.97
C GLY F 18 -17.67 34.00 -27.28
N GLN F 19 -18.58 33.39 -27.99
CA GLN F 19 -19.83 34.01 -28.41
C GLN F 19 -20.97 33.66 -27.45
N PRO F 20 -21.99 34.52 -27.38
CA PRO F 20 -23.13 34.23 -26.50
C PRO F 20 -23.95 33.07 -27.02
N ALA F 21 -24.76 32.50 -26.11
CA ALA F 21 -25.67 31.43 -26.42
C ALA F 21 -26.95 31.61 -25.61
N SER F 22 -28.08 31.26 -26.21
CA SER F 22 -29.38 31.37 -25.56
C SER F 22 -30.17 30.09 -25.77
N ILE F 23 -30.80 29.60 -24.71
CA ILE F 23 -31.69 28.46 -24.76
C ILE F 23 -32.99 28.85 -24.04
N SER F 24 -34.12 28.63 -24.70
CA SER F 24 -35.41 28.96 -24.14
C SER F 24 -36.16 27.70 -23.72
N CYS F 25 -36.99 27.86 -22.69
CA CYS F 25 -37.83 26.79 -22.18
C CYS F 25 -39.21 27.39 -21.92
N LYS F 26 -40.24 26.76 -22.48
CA LYS F 26 -41.62 27.19 -22.29
C LYS F 26 -42.41 26.06 -21.64
N SER F 27 -43.16 26.40 -20.60
CA SER F 27 -43.96 25.43 -19.87
C SER F 27 -45.43 25.60 -20.23
N SER F 28 -46.16 24.47 -20.25
CA SER F 28 -47.57 24.50 -20.63
C SER F 28 -48.43 25.27 -19.64
N GLN F 29 -47.99 25.39 -18.39
CA GLN F 29 -48.69 26.19 -17.39
C GLN F 29 -47.67 27.03 -16.62
N SER F 30 -48.18 28.07 -15.96
CA SER F 30 -47.34 28.96 -15.18
C SER F 30 -46.67 28.21 -14.04
N LEU F 31 -45.34 28.30 -13.98
CA LEU F 31 -44.56 27.60 -12.96
C LEU F 31 -44.45 28.37 -11.65
N LEU F 32 -45.24 29.42 -11.46
CA LEU F 32 -45.24 30.17 -10.20
C LEU F 32 -46.09 29.44 -9.17
N HIS F 33 -45.45 28.91 -8.13
CA HIS F 33 -46.15 28.18 -7.09
C HIS F 33 -46.87 29.17 -6.16
N SER F 34 -47.82 28.65 -5.38
CA SER F 34 -48.60 29.49 -4.49
C SER F 34 -47.74 30.14 -3.41
N ASN F 35 -46.65 29.48 -3.01
CA ASN F 35 -45.79 30.02 -1.97
C ASN F 35 -44.89 31.15 -2.46
N GLY F 36 -44.97 31.52 -3.75
CA GLY F 36 -44.21 32.63 -4.28
C GLY F 36 -42.95 32.23 -5.02
N LYS F 37 -42.54 30.98 -4.94
CA LYS F 37 -41.34 30.52 -5.62
C LYS F 37 -41.69 29.99 -7.02
N THR F 38 -40.74 30.13 -7.94
CA THR F 38 -40.88 29.62 -9.30
C THR F 38 -39.83 28.53 -9.50
N TYR F 39 -40.24 27.27 -9.35
CA TYR F 39 -39.32 26.14 -9.35
C TYR F 39 -39.00 25.75 -10.79
N LEU F 40 -38.09 26.52 -11.40
CA LEU F 40 -37.51 26.19 -12.70
C LEU F 40 -36.03 25.89 -12.51
N ASN F 41 -35.60 24.74 -13.03
CA ASN F 41 -34.23 24.28 -12.88
C ASN F 41 -33.61 24.06 -14.24
N TRP F 42 -32.34 24.42 -14.37
CA TRP F 42 -31.56 24.15 -15.57
C TRP F 42 -30.45 23.16 -15.24
N LEU F 43 -30.31 22.13 -16.07
CA LEU F 43 -29.32 21.09 -15.87
C LEU F 43 -28.44 20.97 -17.11
N GLN F 44 -27.20 20.53 -16.88
CA GLN F 44 -26.23 20.30 -17.94
C GLN F 44 -25.77 18.85 -17.86
N GLN F 45 -25.71 18.18 -19.00
CA GLN F 45 -25.21 16.81 -19.08
C GLN F 45 -24.09 16.77 -20.11
N ARG F 46 -22.86 16.65 -19.64
CA ARG F 46 -21.71 16.49 -20.51
C ARG F 46 -21.63 15.04 -20.98
N PRO F 47 -20.98 14.80 -22.11
CA PRO F 47 -20.94 13.42 -22.66
C PRO F 47 -20.37 12.44 -21.65
N GLY F 48 -21.11 11.35 -21.42
CA GLY F 48 -20.68 10.28 -20.55
C GLY F 48 -20.78 10.56 -19.07
N GLN F 49 -21.46 11.64 -18.67
CA GLN F 49 -21.58 11.99 -17.26
C GLN F 49 -23.04 12.14 -16.88
N ALA F 50 -23.29 12.16 -15.58
CA ALA F 50 -24.64 12.36 -15.08
C ALA F 50 -25.01 13.83 -15.18
N PRO F 51 -26.31 14.14 -15.25
CA PRO F 51 -26.73 15.54 -15.25
C PRO F 51 -26.32 16.24 -13.96
N LYS F 52 -26.12 17.55 -14.05
CA LYS F 52 -25.79 18.37 -12.89
C LYS F 52 -26.55 19.68 -12.98
N ILE F 53 -27.07 20.12 -11.83
CA ILE F 53 -27.83 21.37 -11.78
C ILE F 53 -26.90 22.56 -12.04
N LEU F 54 -27.28 23.38 -13.01
CA LEU F 54 -26.60 24.66 -13.21
C LEU F 54 -27.27 25.76 -12.39
N MET F 55 -28.59 25.89 -12.52
CA MET F 55 -29.34 26.93 -11.85
C MET F 55 -30.64 26.37 -11.32
N TYR F 56 -31.10 26.94 -10.21
CA TYR F 56 -32.37 26.61 -9.60
C TYR F 56 -33.12 27.90 -9.30
N LEU F 57 -34.44 27.80 -9.16
CA LEU F 57 -35.29 28.96 -8.93
C LEU F 57 -35.05 30.05 -9.96
N VAL F 58 -35.14 29.65 -11.23
CA VAL F 58 -35.04 30.52 -12.40
C VAL F 58 -33.61 31.04 -12.58
N SER F 59 -33.08 31.78 -11.60
CA SER F 59 -31.85 32.52 -11.82
C SER F 59 -30.76 32.31 -10.76
N LYS F 60 -30.95 31.40 -9.80
CA LYS F 60 -29.95 31.21 -8.75
C LYS F 60 -28.96 30.12 -9.17
N LEU F 61 -27.67 30.48 -9.21
CA LEU F 61 -26.63 29.56 -9.62
C LEU F 61 -26.14 28.74 -8.43
N ASP F 62 -25.80 27.48 -8.70
CA ASP F 62 -25.07 26.69 -7.73
C ASP F 62 -23.66 27.28 -7.59
N PRO F 63 -23.16 27.43 -6.36
CA PRO F 63 -21.88 28.15 -6.17
C PRO F 63 -20.72 27.65 -7.01
N GLY F 64 -20.69 26.38 -7.39
CA GLY F 64 -19.62 25.89 -8.23
C GLY F 64 -19.72 26.33 -9.69
N ILE F 65 -20.90 26.74 -10.13
CA ILE F 65 -21.10 27.08 -11.55
C ILE F 65 -20.42 28.40 -11.86
N PRO F 66 -19.69 28.51 -12.98
CA PRO F 66 -19.07 29.80 -13.33
C PRO F 66 -20.11 30.86 -13.66
N ASP F 67 -19.74 32.12 -13.43
CA ASP F 67 -20.68 33.23 -13.52
C ASP F 67 -21.15 33.50 -14.94
N ARG F 68 -20.52 32.91 -15.96
CA ARG F 68 -20.95 33.16 -17.32
C ARG F 68 -22.33 32.58 -17.63
N PHE F 69 -22.85 31.70 -16.76
CA PHE F 69 -24.22 31.23 -16.87
C PHE F 69 -25.16 32.19 -16.14
N SER F 70 -26.31 32.45 -16.75
CA SER F 70 -27.32 33.31 -16.15
C SER F 70 -28.71 32.81 -16.56
N GLY F 71 -29.70 33.16 -15.74
CA GLY F 71 -31.06 32.71 -15.98
C GLY F 71 -32.03 33.85 -15.78
N SER F 72 -33.12 33.81 -16.55
CA SER F 72 -34.18 34.80 -16.42
C SER F 72 -35.51 34.17 -16.81
N GLY F 73 -36.58 34.93 -16.64
CA GLY F 73 -37.89 34.53 -17.07
C GLY F 73 -38.89 34.34 -15.94
N SER F 74 -40.15 34.65 -16.21
CA SER F 74 -41.23 34.42 -15.25
C SER F 74 -42.27 33.48 -15.86
N GLU F 75 -43.21 33.06 -15.01
CA GLU F 75 -44.40 32.32 -15.42
C GLU F 75 -44.13 31.15 -16.36
N THR F 76 -44.20 31.39 -17.67
CA THR F 76 -44.14 30.33 -18.68
C THR F 76 -42.91 30.38 -19.58
N ASP F 77 -42.31 31.55 -19.79
CA ASP F 77 -41.13 31.66 -20.64
C ASP F 77 -39.88 31.81 -19.78
N PHE F 78 -38.85 31.03 -20.11
CA PHE F 78 -37.59 31.05 -19.39
C PHE F 78 -36.45 30.95 -20.38
N THR F 79 -35.28 31.48 -20.00
CA THR F 79 -34.15 31.57 -20.91
C THR F 79 -32.85 31.36 -20.15
N LEU F 80 -32.02 30.46 -20.65
CA LEU F 80 -30.67 30.26 -20.13
C LEU F 80 -29.68 30.92 -21.08
N LYS F 81 -28.79 31.76 -20.54
CA LYS F 81 -27.84 32.52 -21.33
C LYS F 81 -26.42 32.18 -20.90
N ILE F 82 -25.54 31.99 -21.88
CA ILE F 82 -24.11 31.89 -21.66
C ILE F 82 -23.47 33.10 -22.31
N SER F 83 -22.82 33.94 -21.51
CA SER F 83 -22.25 35.18 -22.04
C SER F 83 -21.11 34.89 -23.02
N ARG F 84 -20.18 34.02 -22.62
CA ARG F 84 -19.06 33.64 -23.47
C ARG F 84 -18.92 32.13 -23.42
N VAL F 85 -19.26 31.46 -24.51
CA VAL F 85 -19.22 30.00 -24.56
C VAL F 85 -17.77 29.53 -24.59
N GLU F 86 -17.44 28.58 -23.73
CA GLU F 86 -16.11 27.97 -23.71
C GLU F 86 -16.22 26.51 -24.13
N ALA F 87 -15.06 25.90 -24.34
CA ALA F 87 -15.02 24.53 -24.86
C ALA F 87 -15.64 23.54 -23.89
N GLU F 88 -15.55 23.79 -22.58
CA GLU F 88 -16.11 22.88 -21.60
C GLU F 88 -17.63 22.93 -21.55
N ASP F 89 -18.25 23.90 -22.22
CA ASP F 89 -19.70 24.06 -22.17
C ASP F 89 -20.44 23.10 -23.11
N LEU F 90 -19.72 22.21 -23.80
CA LEU F 90 -20.37 21.23 -24.66
C LEU F 90 -21.21 20.26 -23.84
N GLY F 91 -22.37 19.91 -24.37
CA GLY F 91 -23.24 18.94 -23.72
C GLY F 91 -24.68 19.23 -24.06
N VAL F 92 -25.57 18.53 -23.36
CA VAL F 92 -27.01 18.66 -23.53
C VAL F 92 -27.56 19.40 -22.32
N TYR F 93 -28.41 20.39 -22.59
CA TYR F 93 -28.99 21.24 -21.55
C TYR F 93 -30.48 20.97 -21.43
N TYR F 94 -30.94 20.76 -20.20
CA TYR F 94 -32.33 20.49 -19.89
C TYR F 94 -32.89 21.59 -19.00
N CYS F 95 -34.20 21.82 -19.10
CA CYS F 95 -34.94 22.54 -18.09
C CYS F 95 -35.81 21.57 -17.31
N LEU F 96 -35.95 21.81 -16.01
CA LEU F 96 -36.71 20.93 -15.14
C LEU F 96 -37.59 21.79 -14.24
N GLN F 97 -38.89 21.52 -14.22
CA GLN F 97 -39.82 22.24 -13.37
C GLN F 97 -40.12 21.43 -12.11
N GLY F 98 -40.22 22.13 -10.99
CA GLY F 98 -40.50 21.48 -9.72
C GLY F 98 -41.75 22.00 -9.05
N THR F 99 -42.60 22.70 -9.81
CA THR F 99 -43.80 23.30 -9.26
C THR F 99 -44.96 22.32 -9.17
N TYR F 100 -45.24 21.63 -10.28
CA TYR F 100 -46.39 20.73 -10.36
C TYR F 100 -45.91 19.28 -10.33
N TYR F 101 -46.58 18.47 -9.52
CA TYR F 101 -46.31 17.04 -9.51
C TYR F 101 -46.81 16.42 -10.81
N PRO F 102 -46.01 15.58 -11.49
CA PRO F 102 -44.64 15.19 -11.12
C PRO F 102 -43.56 16.05 -11.76
N PHE F 103 -42.31 15.88 -11.32
CA PHE F 103 -41.18 16.51 -11.99
C PHE F 103 -41.19 16.15 -13.47
N THR F 104 -41.02 17.15 -14.32
CA THR F 104 -40.96 16.92 -15.75
C THR F 104 -39.77 17.68 -16.35
N PHE F 105 -39.02 16.99 -17.20
CA PHE F 105 -37.88 17.55 -17.90
C PHE F 105 -38.26 18.01 -19.30
N GLY F 106 -37.43 18.87 -19.86
CA GLY F 106 -37.54 19.23 -21.25
C GLY F 106 -36.91 18.17 -22.14
N SER F 107 -37.05 18.37 -23.45
CA SER F 107 -36.49 17.43 -24.41
C SER F 107 -34.96 17.48 -24.44
N GLY F 108 -34.36 18.60 -24.03
CA GLY F 108 -32.91 18.70 -24.04
C GLY F 108 -32.38 19.41 -25.28
N THR F 109 -31.41 20.29 -25.09
CA THR F 109 -30.83 21.05 -26.17
C THR F 109 -29.35 20.70 -26.27
N LYS F 110 -28.93 20.25 -27.45
CA LYS F 110 -27.54 19.87 -27.68
C LYS F 110 -26.76 21.10 -28.12
N LEU F 111 -25.76 21.48 -27.32
CA LEU F 111 -24.91 22.62 -27.63
C LEU F 111 -23.62 22.11 -28.24
N GLU F 112 -23.37 22.46 -29.50
CA GLU F 112 -22.19 22.05 -30.23
C GLU F 112 -21.29 23.25 -30.43
N ILE F 113 -19.99 23.02 -30.39
CA ILE F 113 -19.01 24.09 -30.54
C ILE F 113 -18.63 24.19 -32.01
N LYS F 114 -18.55 25.44 -32.50
CA LYS F 114 -18.03 25.72 -33.82
C LYS F 114 -16.60 26.22 -33.71
N ARG F 115 -15.71 25.61 -34.50
CA ARG F 115 -14.31 26.01 -34.53
C ARG F 115 -13.85 26.00 -35.98
N THR F 116 -12.59 26.41 -36.18
CA THR F 116 -12.02 26.44 -37.52
C THR F 116 -11.81 25.03 -38.05
N VAL F 117 -11.68 24.92 -39.37
CA VAL F 117 -11.40 23.64 -40.00
C VAL F 117 -10.09 23.09 -39.45
N ALA F 118 -10.06 21.78 -39.22
CA ALA F 118 -8.85 21.12 -38.77
C ALA F 118 -8.73 19.81 -39.54
N ALA F 119 -7.58 19.62 -40.18
CA ALA F 119 -7.41 18.40 -40.94
C ALA F 119 -7.14 17.23 -40.00
N PRO F 120 -7.59 16.02 -40.36
CA PRO F 120 -7.34 14.86 -39.50
C PRO F 120 -5.93 14.31 -39.69
N SER F 121 -5.40 13.73 -38.62
CA SER F 121 -4.20 12.93 -38.69
C SER F 121 -4.63 11.48 -38.90
N VAL F 122 -4.11 10.85 -39.94
CA VAL F 122 -4.56 9.52 -40.35
C VAL F 122 -3.51 8.49 -39.94
N PHE F 123 -3.96 7.43 -39.28
CA PHE F 123 -3.10 6.32 -38.89
C PHE F 123 -3.80 5.02 -39.24
N ILE F 124 -3.01 4.00 -39.56
CA ILE F 124 -3.53 2.68 -39.91
C ILE F 124 -2.85 1.64 -39.02
N PHE F 125 -3.60 0.62 -38.62
CA PHE F 125 -3.10 -0.41 -37.72
C PHE F 125 -3.31 -1.77 -38.35
N PRO F 126 -2.25 -2.56 -38.57
CA PRO F 126 -2.43 -3.91 -39.11
C PRO F 126 -3.10 -4.82 -38.10
N PRO F 127 -3.68 -5.93 -38.54
CA PRO F 127 -4.26 -6.88 -37.58
C PRO F 127 -3.19 -7.50 -36.70
N SER F 128 -3.53 -7.69 -35.43
CA SER F 128 -2.59 -8.21 -34.46
C SER F 128 -2.41 -9.71 -34.64
N ASP F 129 -1.29 -10.22 -34.10
CA ASP F 129 -1.05 -11.66 -34.15
C ASP F 129 -2.03 -12.43 -33.27
N GLU F 130 -2.50 -11.81 -32.18
CA GLU F 130 -3.46 -12.48 -31.32
C GLU F 130 -4.78 -12.73 -32.04
N GLN F 131 -5.22 -11.76 -32.83
CA GLN F 131 -6.50 -11.92 -33.53
C GLN F 131 -6.37 -12.89 -34.70
N LEU F 132 -5.24 -12.85 -35.41
CA LEU F 132 -5.04 -13.76 -36.53
C LEU F 132 -5.04 -15.22 -36.08
N LYS F 133 -4.64 -15.49 -34.84
CA LYS F 133 -4.73 -16.84 -34.31
C LYS F 133 -6.16 -17.29 -34.15
N SER F 134 -7.07 -16.34 -33.87
CA SER F 134 -8.49 -16.67 -33.68
C SER F 134 -9.22 -16.93 -35.00
N GLY F 135 -8.65 -16.50 -36.13
CA GLY F 135 -9.25 -16.73 -37.42
C GLY F 135 -9.85 -15.53 -38.11
N THR F 136 -9.71 -14.33 -37.55
CA THR F 136 -10.20 -13.10 -38.17
C THR F 136 -9.09 -12.06 -38.20
N ALA F 137 -9.33 -10.99 -38.95
CA ALA F 137 -8.37 -9.91 -39.09
C ALA F 137 -9.12 -8.59 -39.16
N SER F 138 -8.70 -7.63 -38.33
CA SER F 138 -9.31 -6.32 -38.29
C SER F 138 -8.23 -5.28 -38.55
N VAL F 139 -8.43 -4.47 -39.59
CA VAL F 139 -7.56 -3.35 -39.91
C VAL F 139 -8.28 -2.07 -39.49
N VAL F 140 -7.60 -1.25 -38.70
CA VAL F 140 -8.21 -0.06 -38.09
C VAL F 140 -7.57 1.17 -38.72
N CYS F 141 -8.42 2.11 -39.12
CA CYS F 141 -7.99 3.41 -39.65
C CYS F 141 -8.46 4.48 -38.68
N LEU F 142 -7.53 5.28 -38.18
CA LEU F 142 -7.81 6.29 -37.17
C LEU F 142 -7.65 7.68 -37.76
N LEU F 143 -8.68 8.50 -37.63
CA LEU F 143 -8.64 9.92 -37.97
C LEU F 143 -8.70 10.70 -36.67
N ASN F 144 -7.66 11.47 -36.38
CA ASN F 144 -7.48 12.09 -35.08
C ASN F 144 -7.57 13.61 -35.17
N ASN F 145 -8.43 14.20 -34.33
CA ASN F 145 -8.52 15.63 -34.15
C ASN F 145 -8.81 16.39 -35.45
N PHE F 146 -10.05 16.34 -35.91
CA PHE F 146 -10.47 17.03 -37.12
C PHE F 146 -11.77 17.76 -36.88
N TYR F 147 -12.08 18.69 -37.79
CA TYR F 147 -13.34 19.43 -37.79
C TYR F 147 -13.60 19.92 -39.20
N PRO F 148 -14.83 19.84 -39.70
CA PRO F 148 -16.06 19.39 -39.02
C PRO F 148 -16.19 17.88 -38.90
N ARG F 149 -17.34 17.44 -38.37
CA ARG F 149 -17.57 16.03 -38.08
C ARG F 149 -17.71 15.18 -39.33
N GLU F 150 -18.10 15.78 -40.45
CA GLU F 150 -18.32 15.03 -41.68
C GLU F 150 -16.98 14.57 -42.26
N ALA F 151 -16.82 13.25 -42.43
CA ALA F 151 -15.61 12.70 -43.02
C ALA F 151 -15.93 11.38 -43.72
N LYS F 152 -15.23 11.13 -44.82
CA LYS F 152 -15.43 9.96 -45.66
C LYS F 152 -14.19 9.07 -45.58
N VAL F 153 -14.38 7.82 -45.16
CA VAL F 153 -13.30 6.85 -45.07
C VAL F 153 -13.62 5.68 -45.99
N GLN F 154 -12.74 5.41 -46.95
CA GLN F 154 -12.93 4.33 -47.91
C GLN F 154 -11.79 3.33 -47.79
N TRP F 155 -12.14 2.05 -47.77
CA TRP F 155 -11.16 0.96 -47.70
C TRP F 155 -10.91 0.39 -49.09
N LYS F 156 -9.64 0.30 -49.46
CA LYS F 156 -9.22 -0.30 -50.72
C LYS F 156 -8.30 -1.47 -50.41
N VAL F 157 -8.69 -2.66 -50.86
CA VAL F 157 -7.90 -3.88 -50.69
C VAL F 157 -7.42 -4.29 -52.07
N ASP F 158 -6.12 -4.14 -52.31
CA ASP F 158 -5.53 -4.30 -53.64
C ASP F 158 -6.21 -3.35 -54.64
N ASN F 159 -6.41 -2.11 -54.21
CA ASN F 159 -7.06 -1.06 -55.01
C ASN F 159 -8.48 -1.44 -55.39
N ALA F 160 -9.13 -2.28 -54.60
CA ALA F 160 -10.52 -2.66 -54.81
C ALA F 160 -11.35 -2.09 -53.67
N LEU F 161 -12.34 -1.27 -54.03
CA LEU F 161 -13.13 -0.59 -53.01
C LEU F 161 -13.96 -1.59 -52.23
N GLN F 162 -13.95 -1.46 -50.90
CA GLN F 162 -14.66 -2.36 -50.01
C GLN F 162 -15.94 -1.70 -49.50
N SER F 163 -17.02 -2.48 -49.46
CA SER F 163 -18.29 -2.01 -48.96
C SER F 163 -18.96 -3.13 -48.18
N GLY F 164 -19.54 -2.78 -47.03
CA GLY F 164 -20.29 -3.72 -46.23
C GLY F 164 -19.47 -4.56 -45.28
N ASN F 165 -18.15 -4.33 -45.19
CA ASN F 165 -17.29 -5.10 -44.30
C ASN F 165 -16.54 -4.20 -43.32
N SER F 166 -17.02 -2.98 -43.11
CA SER F 166 -16.39 -2.06 -42.17
C SER F 166 -17.44 -1.23 -41.47
N GLN F 167 -17.17 -0.89 -40.20
CA GLN F 167 -18.00 0.03 -39.45
C GLN F 167 -17.11 1.12 -38.87
N GLU F 168 -17.68 2.31 -38.73
CA GLU F 168 -16.95 3.46 -38.21
C GLU F 168 -17.58 3.94 -36.92
N SER F 169 -16.78 4.62 -36.11
CA SER F 169 -17.25 5.25 -34.89
C SER F 169 -16.63 6.63 -34.78
N VAL F 170 -17.42 7.59 -34.30
CA VAL F 170 -16.97 8.97 -34.17
C VAL F 170 -17.16 9.38 -32.71
N THR F 171 -16.10 9.91 -32.11
CA THR F 171 -16.19 10.37 -30.73
C THR F 171 -17.05 11.63 -30.64
N GLU F 172 -17.51 11.90 -29.42
CA GLU F 172 -18.14 13.18 -29.13
CA GLU F 172 -18.14 13.17 -29.15
C GLU F 172 -17.11 14.30 -29.30
N GLN F 173 -17.62 15.52 -29.40
CA GLN F 173 -16.72 16.67 -29.54
C GLN F 173 -15.82 16.76 -28.31
N ASP F 174 -14.57 17.17 -28.53
CA ASP F 174 -13.61 17.24 -27.43
C ASP F 174 -13.91 18.44 -26.55
N SER F 175 -13.70 18.26 -25.24
CA SER F 175 -13.99 19.31 -24.28
C SER F 175 -12.89 20.37 -24.20
N LYS F 176 -11.76 20.16 -24.88
CA LYS F 176 -10.65 21.11 -24.83
C LYS F 176 -10.46 21.84 -26.16
N ASP F 177 -10.28 21.12 -27.26
CA ASP F 177 -10.06 21.74 -28.57
C ASP F 177 -11.25 21.59 -29.52
N SER F 178 -12.34 21.00 -29.07
CA SER F 178 -13.60 20.95 -29.82
C SER F 178 -13.48 20.21 -31.14
N THR F 179 -12.61 19.20 -31.19
CA THR F 179 -12.44 18.42 -32.42
C THR F 179 -13.12 17.06 -32.28
N TYR F 180 -13.18 16.35 -33.40
CA TYR F 180 -13.72 15.00 -33.47
C TYR F 180 -12.62 14.03 -33.87
N SER F 181 -12.83 12.76 -33.54
CA SER F 181 -11.97 11.69 -33.97
C SER F 181 -12.83 10.53 -34.46
N LEU F 182 -12.32 9.81 -35.45
CA LEU F 182 -13.06 8.75 -36.11
C LEU F 182 -12.18 7.51 -36.22
N SER F 183 -12.78 6.35 -36.02
CA SER F 183 -12.09 5.07 -36.19
C SER F 183 -12.93 4.17 -37.09
N SER F 184 -12.31 3.68 -38.16
CA SER F 184 -12.96 2.75 -39.08
C SER F 184 -12.27 1.40 -38.99
N THR F 185 -13.06 0.34 -38.78
CA THR F 185 -12.53 -1.01 -38.59
C THR F 185 -13.00 -1.88 -39.75
N LEU F 186 -12.05 -2.34 -40.56
CA LEU F 186 -12.30 -3.29 -41.63
C LEU F 186 -11.99 -4.69 -41.12
N THR F 187 -13.01 -5.54 -41.02
CA THR F 187 -12.87 -6.89 -40.50
C THR F 187 -13.04 -7.89 -41.64
N LEU F 188 -12.04 -8.77 -41.80
CA LEU F 188 -12.07 -9.83 -42.79
C LEU F 188 -11.63 -11.12 -42.15
N SER F 189 -12.03 -12.24 -42.75
CA SER F 189 -11.54 -13.53 -42.29
C SER F 189 -10.04 -13.63 -42.56
N LYS F 190 -9.37 -14.47 -41.76
CA LYS F 190 -7.93 -14.69 -41.97
C LYS F 190 -7.67 -15.28 -43.35
N ALA F 191 -8.58 -16.13 -43.84
CA ALA F 191 -8.42 -16.69 -45.19
C ALA F 191 -8.50 -15.59 -46.24
N ASP F 192 -9.51 -14.74 -46.14
CA ASP F 192 -9.64 -13.62 -47.09
C ASP F 192 -8.51 -12.62 -46.91
N TYR F 193 -8.04 -12.43 -45.68
CA TYR F 193 -6.95 -11.49 -45.42
C TYR F 193 -5.66 -11.93 -46.08
N GLU F 194 -5.36 -13.23 -46.05
CA GLU F 194 -4.16 -13.75 -46.66
C GLU F 194 -4.24 -13.81 -48.18
N LYS F 195 -5.42 -13.64 -48.77
CA LYS F 195 -5.55 -13.67 -50.22
C LYS F 195 -5.10 -12.37 -50.88
N HIS F 196 -4.96 -11.30 -50.11
CA HIS F 196 -4.59 -9.99 -50.66
C HIS F 196 -3.30 -9.49 -50.03
N LYS F 197 -2.77 -8.41 -50.59
CA LYS F 197 -1.45 -7.90 -50.22
C LYS F 197 -1.49 -6.49 -49.64
N VAL F 198 -2.11 -5.54 -50.35
CA VAL F 198 -2.07 -4.13 -49.99
C VAL F 198 -3.39 -3.74 -49.34
N TYR F 199 -3.32 -3.08 -48.19
CA TYR F 199 -4.50 -2.62 -47.46
C TYR F 199 -4.35 -1.13 -47.17
N ALA F 200 -5.36 -0.35 -47.55
CA ALA F 200 -5.29 1.10 -47.41
C ALA F 200 -6.67 1.66 -47.10
N CYS F 201 -6.69 2.74 -46.33
CA CYS F 201 -7.88 3.56 -46.14
C CYS F 201 -7.65 4.92 -46.76
N GLU F 202 -8.62 5.37 -47.55
CA GLU F 202 -8.56 6.67 -48.21
C GLU F 202 -9.49 7.63 -47.48
N VAL F 203 -8.95 8.77 -47.06
CA VAL F 203 -9.67 9.71 -46.21
C VAL F 203 -9.94 10.98 -47.01
N THR F 204 -11.21 11.38 -47.07
CA THR F 204 -11.62 12.64 -47.68
C THR F 204 -12.24 13.52 -46.61
N HIS F 205 -11.73 14.75 -46.48
CA HIS F 205 -12.20 15.67 -45.45
C HIS F 205 -11.97 17.10 -45.93
N GLN F 206 -12.73 18.03 -45.35
CA GLN F 206 -12.64 19.42 -45.79
C GLN F 206 -11.29 20.04 -45.47
N GLY F 207 -10.65 19.61 -44.38
CA GLY F 207 -9.33 20.09 -44.04
C GLY F 207 -8.23 19.57 -44.94
N LEU F 208 -8.49 18.54 -45.72
CA LEU F 208 -7.52 17.95 -46.63
C LEU F 208 -7.70 18.54 -48.01
N SER F 209 -6.61 19.07 -48.57
CA SER F 209 -6.67 19.59 -49.93
C SER F 209 -6.87 18.48 -50.95
N SER F 210 -6.31 17.31 -50.70
CA SER F 210 -6.48 16.14 -51.54
C SER F 210 -6.65 14.92 -50.64
N PRO F 211 -7.37 13.90 -51.09
CA PRO F 211 -7.61 12.73 -50.22
C PRO F 211 -6.30 12.07 -49.80
N VAL F 212 -6.24 11.70 -48.52
CA VAL F 212 -5.06 11.09 -47.92
C VAL F 212 -5.22 9.58 -47.91
N THR F 213 -4.14 8.86 -48.19
CA THR F 213 -4.13 7.41 -48.22
C THR F 213 -3.03 6.89 -47.31
N LYS F 214 -3.39 6.04 -46.35
CA LYS F 214 -2.44 5.32 -45.52
C LYS F 214 -2.55 3.84 -45.84
N SER F 215 -1.41 3.19 -46.05
CA SER F 215 -1.39 1.81 -46.51
C SER F 215 -0.28 1.03 -45.82
N PHE F 216 -0.35 -0.29 -45.97
CA PHE F 216 0.70 -1.19 -45.54
C PHE F 216 0.59 -2.47 -46.36
N ASN F 217 1.74 -3.12 -46.58
CA ASN F 217 1.78 -4.40 -47.26
C ASN F 217 1.76 -5.52 -46.23
N ARG F 218 0.91 -6.51 -46.45
CA ARG F 218 0.80 -7.64 -45.54
C ARG F 218 2.12 -8.42 -45.52
N GLY F 219 2.76 -8.44 -44.35
CA GLY F 219 4.01 -9.16 -44.17
C GLY F 219 5.26 -8.30 -44.13
N GLU F 220 5.12 -6.99 -44.02
CA GLU F 220 6.28 -6.10 -43.92
C GLU F 220 6.26 -5.27 -42.65
N GLN G 3 -20.10 10.82 -3.77
CA GLN G 3 -21.08 10.96 -2.69
C GLN G 3 -22.21 9.93 -2.81
N LEU G 4 -22.54 9.53 -4.04
CA LEU G 4 -23.52 8.49 -4.31
C LEU G 4 -22.91 7.46 -5.23
N GLN G 5 -22.93 6.20 -4.82
CA GLN G 5 -22.30 5.11 -5.57
C GLN G 5 -23.38 4.09 -5.94
N GLN G 6 -23.56 3.88 -7.24
CA GLN G 6 -24.61 3.00 -7.75
C GLN G 6 -24.02 1.63 -8.08
N SER G 7 -24.91 0.63 -8.10
CA SER G 7 -24.49 -0.73 -8.41
C SER G 7 -24.11 -0.85 -9.88
N GLY G 8 -23.52 -1.99 -10.23
CA GLY G 8 -23.00 -2.19 -11.56
C GLY G 8 -24.07 -2.46 -12.58
N PRO G 9 -23.65 -2.63 -13.84
CA PRO G 9 -24.61 -2.85 -14.92
C PRO G 9 -25.29 -4.20 -14.80
N GLU G 10 -26.52 -4.27 -15.31
CA GLU G 10 -27.34 -5.46 -15.19
C GLU G 10 -27.83 -5.89 -16.57
N LEU G 11 -27.78 -7.21 -16.81
CA LEU G 11 -28.40 -7.83 -17.98
C LEU G 11 -29.53 -8.70 -17.45
N VAL G 12 -30.77 -8.34 -17.79
CA VAL G 12 -31.96 -8.95 -17.24
C VAL G 12 -32.79 -9.54 -18.38
N LYS G 13 -33.27 -10.76 -18.20
CA LYS G 13 -34.16 -11.36 -19.17
C LYS G 13 -35.53 -10.68 -19.13
N PRO G 14 -36.20 -10.57 -20.27
CA PRO G 14 -37.54 -9.97 -20.29
C PRO G 14 -38.52 -10.76 -19.43
N GLY G 15 -39.36 -10.03 -18.70
CA GLY G 15 -40.30 -10.63 -17.77
C GLY G 15 -39.75 -10.85 -16.38
N ALA G 16 -38.45 -10.63 -16.16
CA ALA G 16 -37.84 -10.80 -14.86
C ALA G 16 -37.82 -9.46 -14.13
N SER G 17 -37.24 -9.46 -12.93
CA SER G 17 -37.10 -8.27 -12.11
C SER G 17 -35.62 -8.01 -11.83
N VAL G 18 -35.31 -6.75 -11.54
CA VAL G 18 -33.96 -6.35 -11.18
C VAL G 18 -34.05 -5.32 -10.06
N LYS G 19 -33.04 -5.34 -9.18
CA LYS G 19 -32.96 -4.42 -8.05
C LYS G 19 -31.59 -3.77 -8.06
N ILE G 20 -31.54 -2.44 -8.18
CA ILE G 20 -30.30 -1.70 -8.22
C ILE G 20 -30.20 -0.84 -6.96
N SER G 21 -28.96 -0.54 -6.56
CA SER G 21 -28.70 0.12 -5.29
C SER G 21 -28.01 1.46 -5.50
N CYS G 22 -28.09 2.32 -4.48
CA CYS G 22 -27.45 3.64 -4.48
C CYS G 22 -26.89 3.86 -3.09
N LYS G 23 -25.58 3.64 -2.93
CA LYS G 23 -24.93 3.76 -1.64
C LYS G 23 -24.57 5.22 -1.37
N ALA G 24 -25.07 5.76 -0.27
CA ALA G 24 -24.80 7.14 0.12
C ALA G 24 -23.70 7.19 1.18
N SER G 25 -22.93 8.26 1.15
CA SER G 25 -21.82 8.42 2.08
C SER G 25 -21.45 9.90 2.14
N GLY G 26 -20.94 10.32 3.30
CA GLY G 26 -20.51 11.69 3.47
C GLY G 26 -21.59 12.68 3.84
N TYR G 27 -22.82 12.22 4.08
CA TYR G 27 -23.88 13.11 4.51
C TYR G 27 -24.89 12.33 5.33
N SER G 28 -25.75 13.06 6.05
CA SER G 28 -26.78 12.43 6.87
C SER G 28 -27.82 11.79 5.96
N PHE G 29 -27.84 10.45 5.95
CA PHE G 29 -28.65 9.71 4.98
C PHE G 29 -30.14 10.02 5.14
N THR G 30 -30.63 10.07 6.37
CA THR G 30 -32.05 10.24 6.63
C THR G 30 -32.52 11.69 6.53
N GLY G 31 -31.63 12.62 6.18
CA GLY G 31 -31.98 14.01 6.08
C GLY G 31 -32.28 14.54 4.69
N TYR G 32 -32.25 13.70 3.65
CA TYR G 32 -32.40 14.16 2.28
C TYR G 32 -33.20 13.14 1.47
N TYR G 33 -34.04 13.65 0.58
CA TYR G 33 -34.74 12.77 -0.35
C TYR G 33 -33.75 12.12 -1.31
N MET G 34 -34.04 10.88 -1.67
CA MET G 34 -33.31 10.18 -2.73
C MET G 34 -34.27 9.96 -3.88
N HIS G 35 -34.00 10.61 -5.02
CA HIS G 35 -34.82 10.50 -6.22
C HIS G 35 -34.18 9.52 -7.20
N TRP G 36 -34.98 9.05 -8.13
CA TRP G 36 -34.50 8.16 -9.19
C TRP G 36 -34.97 8.69 -10.54
N VAL G 37 -34.05 8.74 -11.50
CA VAL G 37 -34.31 9.30 -12.81
C VAL G 37 -33.95 8.26 -13.87
N LYS G 38 -34.80 8.12 -14.87
CA LYS G 38 -34.58 7.22 -15.99
C LYS G 38 -34.18 8.01 -17.22
N GLN G 39 -33.17 7.52 -17.94
CA GLN G 39 -32.76 8.10 -19.21
C GLN G 39 -32.97 7.05 -20.29
N SER G 40 -34.12 7.14 -20.96
CA SER G 40 -34.51 6.12 -21.94
C SER G 40 -33.71 6.26 -23.23
N HIS G 41 -33.93 7.34 -23.95
CA HIS G 41 -33.27 7.56 -25.23
C HIS G 41 -32.01 8.41 -25.03
N VAL G 42 -31.55 9.06 -26.10
CA VAL G 42 -30.32 9.83 -26.02
C VAL G 42 -30.49 11.06 -25.13
N LYS G 43 -31.66 11.69 -25.20
CA LYS G 43 -31.89 12.97 -24.52
C LYS G 43 -33.20 12.99 -23.75
N SER G 44 -33.63 11.84 -23.24
CA SER G 44 -34.91 11.73 -22.54
C SER G 44 -34.68 11.49 -21.06
N LEU G 45 -35.18 12.39 -20.22
CA LEU G 45 -35.06 12.27 -18.77
C LEU G 45 -36.46 12.25 -18.17
N GLU G 46 -36.77 11.19 -17.43
CA GLU G 46 -38.06 11.04 -16.77
C GLU G 46 -37.84 10.86 -15.27
N TRP G 47 -38.64 11.55 -14.47
CA TRP G 47 -38.56 11.42 -13.02
C TRP G 47 -39.39 10.24 -12.58
N ILE G 48 -38.75 9.27 -11.92
CA ILE G 48 -39.44 8.06 -11.49
C ILE G 48 -40.13 8.26 -10.14
N GLY G 49 -39.40 8.79 -9.17
CA GLY G 49 -39.97 9.00 -7.85
C GLY G 49 -38.91 9.32 -6.84
N ARG G 50 -39.36 9.50 -5.60
CA ARG G 50 -38.47 9.83 -4.50
C ARG G 50 -38.85 8.99 -3.29
N ILE G 51 -37.94 8.93 -2.33
CA ILE G 51 -38.16 8.22 -1.08
C ILE G 51 -37.55 9.04 0.05
N ASP G 52 -38.26 9.08 1.18
CA ASP G 52 -37.71 9.68 2.40
C ASP G 52 -37.01 8.58 3.20
N PRO G 53 -35.69 8.56 3.26
CA PRO G 53 -35.01 7.47 4.00
C PRO G 53 -35.30 7.49 5.49
N TYR G 54 -35.84 8.58 6.03
CA TYR G 54 -36.10 8.66 7.47
C TYR G 54 -37.22 7.70 7.88
N ASP G 55 -38.37 7.78 7.20
CA ASP G 55 -39.52 6.94 7.51
C ASP G 55 -39.90 6.00 6.38
N GLY G 56 -39.16 6.01 5.27
CA GLY G 56 -39.47 5.16 4.14
C GLY G 56 -40.63 5.64 3.28
N ALA G 57 -41.11 6.85 3.47
CA ALA G 57 -42.21 7.38 2.67
C ALA G 57 -41.79 7.53 1.22
N THR G 58 -42.63 7.03 0.31
CA THR G 58 -42.31 7.01 -1.12
C THR G 58 -43.34 7.81 -1.90
N SER G 59 -42.86 8.50 -2.94
CA SER G 59 -43.70 9.23 -3.87
C SER G 59 -43.31 8.83 -5.29
N TYR G 60 -44.26 8.32 -6.05
CA TYR G 60 -43.99 7.79 -7.38
C TYR G 60 -44.62 8.65 -8.47
N ASN G 61 -43.97 8.67 -9.63
CA ASN G 61 -44.61 9.11 -10.85
C ASN G 61 -45.65 8.08 -11.27
N GLN G 62 -46.83 8.55 -11.68
CA GLN G 62 -47.90 7.63 -12.05
C GLN G 62 -47.48 6.68 -13.16
N ASN G 63 -46.56 7.11 -14.04
CA ASN G 63 -46.11 6.23 -15.11
C ASN G 63 -45.31 5.05 -14.57
N PHE G 64 -44.64 5.22 -13.44
CA PHE G 64 -43.79 4.20 -12.83
C PHE G 64 -44.43 3.58 -11.59
N LYS G 65 -45.74 3.80 -11.38
CA LYS G 65 -46.43 3.27 -10.19
C LYS G 65 -46.30 1.76 -10.09
N ASP G 66 -46.72 1.05 -11.13
CA ASP G 66 -46.71 -0.41 -11.13
C ASP G 66 -45.40 -0.99 -11.65
N LYS G 67 -44.38 -0.17 -11.87
CA LYS G 67 -43.12 -0.62 -12.42
C LYS G 67 -41.93 -0.54 -11.47
N ALA G 68 -41.88 0.47 -10.60
CA ALA G 68 -40.74 0.67 -9.71
C ALA G 68 -41.17 0.58 -8.25
N SER G 69 -40.27 0.05 -7.42
CA SER G 69 -40.45 0.02 -5.97
C SER G 69 -39.19 0.55 -5.29
N LEU G 70 -39.36 1.54 -4.43
CA LEU G 70 -38.24 2.20 -3.76
C LEU G 70 -38.20 1.76 -2.30
N THR G 71 -37.03 1.28 -1.87
CA THR G 71 -36.79 0.91 -0.48
C THR G 71 -35.44 1.46 -0.05
N VAL G 72 -35.24 1.52 1.27
CA VAL G 72 -33.97 1.96 1.84
C VAL G 72 -33.55 0.99 2.93
N ASP G 73 -32.24 0.87 3.12
CA ASP G 73 -31.65 0.15 4.25
C ASP G 73 -30.88 1.20 5.06
N LYS G 74 -31.45 1.61 6.19
CA LYS G 74 -30.82 2.67 6.98
C LYS G 74 -29.50 2.21 7.59
N SER G 75 -29.35 0.90 7.82
CA SER G 75 -28.12 0.40 8.44
C SER G 75 -26.94 0.51 7.48
N SER G 76 -27.17 0.25 6.20
CA SER G 76 -26.13 0.40 5.18
C SER G 76 -26.22 1.71 4.41
N THR G 77 -27.16 2.59 4.79
CA THR G 77 -27.35 3.90 4.14
C THR G 77 -27.39 3.75 2.61
N THR G 78 -28.19 2.79 2.16
CA THR G 78 -28.34 2.49 0.74
C THR G 78 -29.81 2.56 0.35
N GLY G 79 -30.07 3.18 -0.79
CA GLY G 79 -31.39 3.19 -1.38
C GLY G 79 -31.46 2.20 -2.52
N PHE G 80 -32.64 1.59 -2.69
CA PHE G 80 -32.85 0.56 -3.69
C PHE G 80 -34.06 0.90 -4.56
N MET G 81 -33.96 0.55 -5.84
CA MET G 81 -35.09 0.59 -6.75
C MET G 81 -35.20 -0.76 -7.43
N GLU G 82 -36.36 -1.38 -7.32
CA GLU G 82 -36.65 -2.65 -7.97
C GLU G 82 -37.57 -2.40 -9.15
N LEU G 83 -37.19 -2.92 -10.31
CA LEU G 83 -38.00 -2.84 -11.52
C LEU G 83 -38.64 -4.20 -11.78
N HIS G 84 -39.96 -4.20 -11.99
CA HIS G 84 -40.73 -5.44 -12.11
C HIS G 84 -41.16 -5.67 -13.55
N SER G 85 -41.18 -6.95 -13.95
CA SER G 85 -41.67 -7.41 -15.25
C SER G 85 -41.09 -6.57 -16.39
N LEU G 86 -39.77 -6.68 -16.56
CA LEU G 86 -39.05 -5.82 -17.48
C LEU G 86 -39.38 -6.16 -18.94
N THR G 87 -39.48 -5.11 -19.75
CA THR G 87 -39.60 -5.22 -21.20
C THR G 87 -38.45 -4.45 -21.84
N SER G 88 -38.41 -4.47 -23.17
CA SER G 88 -37.36 -3.75 -23.88
C SER G 88 -37.46 -2.24 -23.63
N GLU G 89 -38.66 -1.75 -23.31
CA GLU G 89 -38.84 -0.33 -23.01
C GLU G 89 -38.13 0.08 -21.72
N ASP G 90 -37.78 -0.89 -20.88
CA ASP G 90 -37.11 -0.61 -19.62
C ASP G 90 -35.59 -0.55 -19.75
N SER G 91 -35.04 -0.91 -20.91
CA SER G 91 -33.61 -0.79 -21.15
C SER G 91 -33.23 0.69 -21.18
N ALA G 92 -32.50 1.14 -20.16
CA ALA G 92 -32.13 2.55 -20.04
C ALA G 92 -30.99 2.67 -19.05
N VAL G 93 -30.56 3.91 -18.82
CA VAL G 93 -29.60 4.24 -17.77
C VAL G 93 -30.38 4.89 -16.65
N TYR G 94 -30.26 4.34 -15.44
CA TYR G 94 -31.01 4.80 -14.28
C TYR G 94 -30.06 5.49 -13.31
N TYR G 95 -30.46 6.68 -12.84
CA TYR G 95 -29.70 7.49 -11.92
C TYR G 95 -30.39 7.59 -10.57
N CYS G 96 -29.59 7.79 -9.52
CA CYS G 96 -30.10 8.27 -8.25
C CYS G 96 -29.54 9.67 -8.01
N ALA G 97 -30.34 10.52 -7.38
CA ALA G 97 -29.90 11.88 -7.10
C ALA G 97 -30.37 12.28 -5.71
N ARG G 98 -29.64 13.19 -5.09
CA ARG G 98 -30.00 13.75 -3.80
C ARG G 98 -30.55 15.17 -3.99
N GLU G 99 -31.65 15.46 -3.29
CA GLU G 99 -32.20 16.81 -3.24
C GLU G 99 -31.55 17.52 -2.06
N GLY G 100 -30.47 18.26 -2.34
CA GLY G 100 -29.68 18.89 -1.30
C GLY G 100 -30.20 20.24 -0.87
N HIS G 101 -29.52 20.82 0.11
CA HIS G 101 -29.92 22.06 0.76
C HIS G 101 -28.80 23.09 0.65
N TRP G 102 -29.14 24.28 0.15
CA TRP G 102 -28.19 25.38 0.12
C TRP G 102 -28.94 26.70 0.30
N ASP G 103 -28.66 27.38 1.41
CA ASP G 103 -29.20 28.71 1.69
C ASP G 103 -30.72 28.70 1.73
N GLY G 104 -31.28 27.63 2.31
CA GLY G 104 -32.71 27.51 2.45
C GLY G 104 -33.47 27.06 1.22
N ASP G 105 -32.77 26.68 0.15
CA ASP G 105 -33.40 26.20 -1.07
C ASP G 105 -32.98 24.77 -1.33
N TRP G 106 -33.81 24.04 -2.08
CA TRP G 106 -33.62 22.61 -2.31
C TRP G 106 -33.55 22.32 -3.81
N TYR G 107 -32.58 21.50 -4.20
CA TYR G 107 -32.41 21.09 -5.59
C TYR G 107 -31.52 19.86 -5.64
N PHE G 108 -31.40 19.28 -6.83
CA PHE G 108 -30.61 18.07 -7.06
C PHE G 108 -29.13 18.43 -7.18
N ASP G 109 -28.42 18.37 -6.06
CA ASP G 109 -27.02 18.80 -6.04
C ASP G 109 -26.01 17.67 -6.22
N VAL G 110 -26.41 16.42 -6.02
CA VAL G 110 -25.51 15.27 -6.13
C VAL G 110 -26.19 14.17 -6.93
N TRP G 111 -25.43 13.57 -7.85
CA TRP G 111 -25.93 12.49 -8.69
C TRP G 111 -25.00 11.29 -8.62
N GLY G 112 -25.59 10.11 -8.77
CA GLY G 112 -24.80 8.91 -8.96
C GLY G 112 -24.33 8.78 -10.41
N ALA G 113 -23.41 7.85 -10.63
CA ALA G 113 -22.84 7.68 -11.96
C ALA G 113 -23.80 7.02 -12.95
N GLY G 114 -24.86 6.39 -12.47
CA GLY G 114 -25.82 5.74 -13.34
C GLY G 114 -25.59 4.25 -13.43
N THR G 115 -26.69 3.50 -13.56
CA THR G 115 -26.65 2.05 -13.73
C THR G 115 -27.29 1.72 -15.06
N THR G 116 -26.55 1.02 -15.92
CA THR G 116 -27.05 0.61 -17.22
C THR G 116 -27.80 -0.71 -17.06
N VAL G 117 -29.06 -0.73 -17.49
CA VAL G 117 -29.90 -1.92 -17.45
C VAL G 117 -30.25 -2.29 -18.89
N THR G 118 -29.90 -3.50 -19.30
CA THR G 118 -30.21 -4.01 -20.63
C THR G 118 -31.18 -5.17 -20.50
N VAL G 119 -32.31 -5.07 -21.17
CA VAL G 119 -33.32 -6.13 -21.18
C VAL G 119 -33.13 -6.90 -22.49
N SER G 120 -32.73 -8.17 -22.37
CA SER G 120 -32.43 -8.98 -23.53
C SER G 120 -32.52 -10.44 -23.14
N SER G 121 -32.83 -11.28 -24.13
CA SER G 121 -32.87 -12.73 -23.92
C SER G 121 -31.51 -13.38 -24.13
N ALA G 122 -30.56 -12.68 -24.74
CA ALA G 122 -29.26 -13.24 -25.04
C ALA G 122 -28.37 -13.22 -23.80
N SER G 123 -27.41 -14.14 -23.78
CA SER G 123 -26.46 -14.22 -22.68
C SER G 123 -25.33 -13.21 -22.88
N THR G 124 -24.68 -12.87 -21.78
CA THR G 124 -23.54 -11.96 -21.83
C THR G 124 -22.37 -12.62 -22.56
N LYS G 125 -21.58 -11.80 -23.25
CA LYS G 125 -20.37 -12.25 -23.90
C LYS G 125 -19.23 -11.30 -23.60
N GLY G 126 -18.09 -11.84 -23.15
CA GLY G 126 -16.94 -11.03 -22.85
C GLY G 126 -16.19 -10.59 -24.09
N PRO G 127 -15.52 -9.44 -24.00
CA PRO G 127 -14.79 -8.91 -25.16
C PRO G 127 -13.43 -9.56 -25.33
N SER G 128 -12.96 -9.52 -26.57
CA SER G 128 -11.57 -9.81 -26.90
C SER G 128 -10.84 -8.49 -27.03
N VAL G 129 -9.67 -8.40 -26.40
CA VAL G 129 -8.88 -7.17 -26.40
C VAL G 129 -7.65 -7.40 -27.28
N PHE G 130 -7.56 -6.63 -28.36
CA PHE G 130 -6.41 -6.73 -29.24
C PHE G 130 -5.66 -5.40 -29.29
N PRO G 131 -4.33 -5.43 -29.37
CA PRO G 131 -3.55 -4.19 -29.37
C PRO G 131 -3.51 -3.56 -30.76
N LEU G 132 -3.55 -2.23 -30.78
CA LEU G 132 -3.31 -1.43 -31.99
C LEU G 132 -1.89 -0.89 -31.87
N ALA G 133 -0.94 -1.66 -32.42
CA ALA G 133 0.47 -1.44 -32.17
C ALA G 133 1.00 -0.24 -32.95
N PRO G 134 1.84 0.59 -32.33
CA PRO G 134 2.44 1.71 -33.05
C PRO G 134 3.59 1.25 -33.94
N SER G 135 3.67 1.85 -35.12
CA SER G 135 4.70 1.55 -36.10
C SER G 135 4.97 2.79 -36.93
N SER G 136 5.72 2.63 -38.02
CA SER G 136 6.00 3.75 -38.91
C SER G 136 4.75 4.28 -39.60
N LYS G 137 3.72 3.44 -39.76
CA LYS G 137 2.47 3.87 -40.37
C LYS G 137 1.50 4.51 -39.39
N SER G 138 1.86 4.60 -38.11
CA SER G 138 1.03 5.29 -37.12
C SER G 138 1.80 6.37 -36.38
N THR G 139 2.87 6.90 -36.96
CA THR G 139 3.64 8.00 -36.40
C THR G 139 3.58 9.19 -37.36
N SER G 140 3.20 10.35 -36.84
CA SER G 140 3.11 11.57 -37.63
C SER G 140 3.78 12.72 -36.88
N GLY G 141 4.99 13.10 -37.31
CA GLY G 141 5.69 14.22 -36.73
C GLY G 141 6.05 14.08 -35.26
N GLY G 142 6.81 13.05 -34.91
CA GLY G 142 7.26 12.85 -33.55
C GLY G 142 6.22 12.36 -32.57
N THR G 143 4.95 12.28 -32.97
CA THR G 143 3.88 11.77 -32.11
C THR G 143 3.39 10.44 -32.67
N ALA G 144 3.34 9.43 -31.81
CA ALA G 144 2.88 8.10 -32.20
C ALA G 144 1.48 7.85 -31.66
N ALA G 145 0.76 6.95 -32.33
CA ALA G 145 -0.59 6.57 -31.95
C ALA G 145 -0.63 5.07 -31.70
N LEU G 146 -1.24 4.68 -30.59
CA LEU G 146 -1.42 3.29 -30.23
C LEU G 146 -2.79 3.14 -29.57
N GLY G 147 -3.25 1.91 -29.45
CA GLY G 147 -4.57 1.73 -28.89
C GLY G 147 -4.90 0.27 -28.65
N CYS G 148 -6.18 0.04 -28.33
CA CYS G 148 -6.71 -1.28 -28.06
C CYS G 148 -8.04 -1.44 -28.77
N LEU G 149 -8.31 -2.67 -29.22
CA LEU G 149 -9.55 -3.00 -29.90
C LEU G 149 -10.36 -3.91 -29.00
N VAL G 150 -11.47 -3.38 -28.47
CA VAL G 150 -12.36 -4.13 -27.60
C VAL G 150 -13.52 -4.62 -28.46
N LYS G 151 -13.49 -5.90 -28.82
CA LYS G 151 -14.32 -6.42 -29.91
C LYS G 151 -15.22 -7.55 -29.41
N ASP G 152 -16.47 -7.54 -29.89
CA ASP G 152 -17.43 -8.63 -29.75
C ASP G 152 -17.80 -8.88 -28.28
N TYR G 153 -18.50 -7.91 -27.70
CA TYR G 153 -19.01 -8.03 -26.34
C TYR G 153 -20.47 -7.60 -26.27
N PHE G 154 -21.15 -8.12 -25.26
CA PHE G 154 -22.56 -7.81 -24.99
C PHE G 154 -22.84 -8.07 -23.53
N PRO G 155 -23.54 -7.18 -22.82
CA PRO G 155 -24.05 -5.90 -23.34
C PRO G 155 -23.13 -4.72 -23.00
N GLU G 156 -23.73 -3.53 -22.93
CA GLU G 156 -23.06 -2.34 -22.49
C GLU G 156 -23.06 -2.28 -20.96
N PRO G 157 -22.11 -1.54 -20.36
CA PRO G 157 -20.97 -0.91 -21.01
C PRO G 157 -19.67 -1.67 -20.80
N VAL G 158 -18.57 -1.04 -21.18
CA VAL G 158 -17.22 -1.54 -20.93
C VAL G 158 -16.37 -0.37 -20.47
N THR G 159 -15.49 -0.62 -19.51
CA THR G 159 -14.59 0.40 -18.98
C THR G 159 -13.19 0.22 -19.56
N VAL G 160 -12.65 1.29 -20.16
CA VAL G 160 -11.31 1.29 -20.71
C VAL G 160 -10.51 2.43 -20.07
N SER G 161 -9.43 2.09 -19.40
CA SER G 161 -8.45 3.07 -18.93
C SER G 161 -7.07 2.69 -19.46
N TRP G 162 -6.13 3.61 -19.34
CA TRP G 162 -4.76 3.42 -19.78
C TRP G 162 -3.81 3.60 -18.61
N ASN G 163 -2.91 2.63 -18.43
CA ASN G 163 -1.91 2.66 -17.36
C ASN G 163 -2.56 2.88 -15.99
N SER G 164 -3.71 2.23 -15.78
CA SER G 164 -4.44 2.27 -14.52
C SER G 164 -4.83 3.70 -14.14
N GLY G 165 -5.18 4.50 -15.15
CA GLY G 165 -5.61 5.86 -14.94
C GLY G 165 -4.50 6.89 -14.89
N ALA G 166 -3.24 6.47 -15.01
CA ALA G 166 -2.14 7.44 -15.00
C ALA G 166 -2.05 8.21 -16.30
N LEU G 167 -2.44 7.61 -17.41
CA LEU G 167 -2.39 8.23 -18.73
C LEU G 167 -3.80 8.62 -19.14
N THR G 168 -4.07 9.92 -19.21
CA THR G 168 -5.39 10.42 -19.61
C THR G 168 -5.27 11.39 -20.78
N SER G 169 -4.14 12.08 -20.87
CA SER G 169 -3.93 13.07 -21.92
C SER G 169 -3.78 12.39 -23.27
N GLY G 170 -4.59 12.83 -24.25
CA GLY G 170 -4.52 12.28 -25.59
C GLY G 170 -5.31 11.02 -25.81
N VAL G 171 -6.09 10.57 -24.83
CA VAL G 171 -6.84 9.33 -24.94
C VAL G 171 -8.18 9.62 -25.59
N HIS G 172 -8.57 8.78 -26.54
CA HIS G 172 -9.89 8.81 -27.16
C HIS G 172 -10.48 7.41 -27.06
N THR G 173 -11.55 7.28 -26.29
CA THR G 173 -12.31 6.04 -26.20
C THR G 173 -13.59 6.22 -27.00
N PHE G 174 -13.69 5.51 -28.11
CA PHE G 174 -14.79 5.70 -29.03
C PHE G 174 -16.08 5.09 -28.48
N PRO G 175 -17.23 5.68 -28.79
CA PRO G 175 -18.50 5.05 -28.43
C PRO G 175 -18.63 3.69 -29.08
N ALA G 176 -19.26 2.76 -28.37
CA ALA G 176 -19.41 1.41 -28.90
C ALA G 176 -20.31 1.43 -30.13
N VAL G 177 -19.93 0.67 -31.15
CA VAL G 177 -20.75 0.49 -32.32
C VAL G 177 -21.24 -0.94 -32.37
N LEU G 178 -22.46 -1.10 -32.89
CA LEU G 178 -23.09 -2.40 -32.97
C LEU G 178 -22.71 -3.05 -34.30
N GLN G 179 -22.08 -4.21 -34.23
CA GLN G 179 -21.69 -4.93 -35.43
C GLN G 179 -22.89 -5.74 -35.96
N SER G 180 -22.77 -6.21 -37.21
CA SER G 180 -23.84 -7.00 -37.79
C SER G 180 -24.04 -8.33 -37.05
N SER G 181 -23.02 -8.78 -36.31
CA SER G 181 -23.15 -10.00 -35.52
C SER G 181 -24.02 -9.80 -34.28
N GLY G 182 -24.42 -8.57 -33.97
CA GLY G 182 -25.19 -8.29 -32.78
C GLY G 182 -24.37 -7.95 -31.56
N LEU G 183 -23.05 -8.02 -31.64
CA LEU G 183 -22.17 -7.73 -30.53
C LEU G 183 -21.57 -6.34 -30.69
N TYR G 184 -21.15 -5.76 -29.56
CA TYR G 184 -20.59 -4.42 -29.58
C TYR G 184 -19.07 -4.48 -29.79
N SER G 185 -18.53 -3.39 -30.31
CA SER G 185 -17.10 -3.25 -30.49
C SER G 185 -16.73 -1.78 -30.37
N LEU G 186 -15.64 -1.50 -29.67
CA LEU G 186 -15.12 -0.14 -29.58
C LEU G 186 -13.59 -0.18 -29.58
N SER G 187 -13.02 0.98 -29.82
CA SER G 187 -11.58 1.18 -29.80
C SER G 187 -11.24 2.30 -28.84
N SER G 188 -10.07 2.19 -28.22
CA SER G 188 -9.52 3.25 -27.40
C SER G 188 -8.11 3.51 -27.89
N VAL G 189 -7.81 4.75 -28.24
CA VAL G 189 -6.51 5.11 -28.79
C VAL G 189 -5.92 6.23 -27.94
N VAL G 190 -4.61 6.42 -28.09
CA VAL G 190 -3.91 7.50 -27.41
C VAL G 190 -2.71 7.91 -28.25
N THR G 191 -2.48 9.21 -28.38
CA THR G 191 -1.31 9.75 -29.04
C THR G 191 -0.25 10.11 -28.01
N VAL G 192 0.96 9.59 -28.20
CA VAL G 192 2.05 9.80 -27.25
C VAL G 192 3.29 10.21 -28.04
N PRO G 193 4.28 10.78 -27.37
CA PRO G 193 5.55 11.07 -28.06
C PRO G 193 6.20 9.78 -28.54
N SER G 194 6.64 9.80 -29.80
CA SER G 194 7.28 8.63 -30.39
C SER G 194 8.60 8.28 -29.70
N SER G 195 9.17 9.20 -28.94
CA SER G 195 10.40 8.92 -28.21
C SER G 195 10.18 7.96 -27.06
N SER G 196 8.98 7.94 -26.49
CA SER G 196 8.66 7.11 -25.34
C SER G 196 8.28 5.68 -25.70
N LEU G 197 8.25 5.34 -27.00
CA LEU G 197 7.80 4.01 -27.39
C LEU G 197 8.73 2.91 -26.88
N GLY G 198 10.04 3.18 -26.85
CA GLY G 198 10.98 2.19 -26.36
C GLY G 198 11.07 2.11 -24.85
N THR G 199 10.79 3.22 -24.17
CA THR G 199 10.95 3.31 -22.72
C THR G 199 9.65 3.11 -21.97
N GLN G 200 8.59 3.81 -22.37
CA GLN G 200 7.35 3.82 -21.60
C GLN G 200 6.49 2.62 -21.98
N THR G 201 5.96 1.94 -20.97
CA THR G 201 5.06 0.82 -21.18
C THR G 201 3.61 1.32 -21.20
N TYR G 202 2.86 0.90 -22.21
CA TYR G 202 1.48 1.32 -22.37
C TYR G 202 0.58 0.11 -22.25
N ILE G 203 -0.32 0.13 -21.27
CA ILE G 203 -1.26 -0.95 -21.02
C ILE G 203 -2.65 -0.35 -20.96
N CYS G 204 -3.59 -0.94 -21.70
CA CYS G 204 -4.99 -0.56 -21.63
C CYS G 204 -5.71 -1.52 -20.69
N ASN G 205 -6.52 -0.97 -19.81
CA ASN G 205 -7.23 -1.75 -18.80
C ASN G 205 -8.70 -1.80 -19.19
N VAL G 206 -9.14 -2.98 -19.62
CA VAL G 206 -10.50 -3.20 -20.08
C VAL G 206 -11.26 -3.99 -19.02
N ASN G 207 -12.40 -3.46 -18.60
CA ASN G 207 -13.25 -4.12 -17.62
C ASN G 207 -14.67 -4.17 -18.17
N HIS G 208 -15.17 -5.39 -18.37
CA HIS G 208 -16.55 -5.63 -18.80
C HIS G 208 -17.24 -6.35 -17.65
N LYS G 209 -17.91 -5.59 -16.80
CA LYS G 209 -18.48 -6.17 -15.57
C LYS G 209 -19.57 -7.22 -15.81
N PRO G 210 -20.49 -7.09 -16.77
CA PRO G 210 -21.52 -8.13 -16.93
C PRO G 210 -20.98 -9.53 -17.17
N SER G 211 -19.76 -9.66 -17.67
CA SER G 211 -19.16 -10.97 -17.89
C SER G 211 -17.94 -11.22 -16.99
N ASN G 212 -17.64 -10.29 -16.08
CA ASN G 212 -16.49 -10.41 -15.18
C ASN G 212 -15.19 -10.61 -15.96
N THR G 213 -14.98 -9.75 -16.96
CA THR G 213 -13.82 -9.80 -17.82
C THR G 213 -12.93 -8.59 -17.49
N LYS G 214 -11.76 -8.87 -16.90
CA LYS G 214 -10.76 -7.85 -16.63
C LYS G 214 -9.51 -8.18 -17.44
N VAL G 215 -9.14 -7.30 -18.36
CA VAL G 215 -8.00 -7.50 -19.24
C VAL G 215 -7.06 -6.30 -19.13
N ASP G 216 -5.77 -6.58 -18.99
CA ASP G 216 -4.70 -5.59 -19.04
C ASP G 216 -3.81 -5.97 -20.21
N LYS G 217 -3.92 -5.25 -21.32
CA LYS G 217 -3.20 -5.56 -22.55
C LYS G 217 -2.08 -4.56 -22.77
N LYS G 218 -0.85 -5.06 -22.88
CA LYS G 218 0.31 -4.23 -23.15
C LYS G 218 0.46 -4.06 -24.67
N VAL G 219 0.58 -2.80 -25.11
CA VAL G 219 0.73 -2.48 -26.52
C VAL G 219 2.21 -2.28 -26.82
N GLU G 220 2.77 -3.12 -27.70
CA GLU G 220 4.18 -3.04 -28.03
C GLU G 220 4.38 -2.51 -29.45
N PRO G 221 5.44 -1.75 -29.70
CA PRO G 221 5.71 -1.26 -31.05
C PRO G 221 6.02 -2.39 -32.02
N LYS G 222 5.95 -2.05 -33.31
CA LYS G 222 6.26 -3.00 -34.39
C LYS G 222 7.30 -2.42 -35.34
N ASP H 1 -33.18 18.74 9.93
CA ASP H 1 -33.10 17.38 10.42
C ASP H 1 -33.82 16.39 9.49
N ARG H 2 -34.92 16.83 8.91
CA ARG H 2 -35.75 16.03 8.02
C ARG H 2 -35.63 16.50 6.59
N ALA H 3 -35.97 15.61 5.65
CA ALA H 3 -35.86 15.91 4.24
C ALA H 3 -36.99 16.83 3.80
N ALA H 4 -36.64 17.81 2.95
CA ALA H 4 -37.61 18.67 2.28
C ALA H 4 -37.22 18.76 0.82
N GLY H 5 -38.15 19.23 -0.01
CA GLY H 5 -37.86 19.28 -1.42
C GLY H 5 -38.82 20.17 -2.18
N GLN H 6 -38.67 20.14 -3.51
CA GLN H 6 -39.51 20.94 -4.38
C GLN H 6 -40.91 20.31 -4.47
N PRO H 7 -41.95 21.14 -4.64
CA PRO H 7 -43.33 20.63 -4.55
C PRO H 7 -43.67 19.53 -5.54
N ALA H 8 -42.98 19.43 -6.68
CA ALA H 8 -43.31 18.41 -7.67
C ALA H 8 -43.01 16.99 -7.20
N GLY H 9 -42.33 16.83 -6.06
CA GLY H 9 -42.02 15.50 -5.58
C GLY H 9 -43.21 14.76 -5.01
N ASP H 10 -44.16 15.47 -4.41
CA ASP H 10 -45.33 14.87 -3.81
C ASP H 10 -46.60 15.39 -4.48
N ARG H 11 -47.62 14.52 -4.54
CA ARG H 11 -48.89 14.94 -5.12
C ARG H 11 -49.60 15.94 -4.23
N ALA H 12 -49.46 15.81 -2.90
CA ALA H 12 -50.05 16.78 -2.00
C ALA H 12 -49.30 18.10 -2.03
N ASP H 13 -48.00 18.08 -2.35
CA ASP H 13 -47.20 19.30 -2.38
C ASP H 13 -47.32 20.03 -3.71
N GLY H 14 -47.44 19.29 -4.81
CA GLY H 14 -47.52 19.93 -6.10
C GLY H 14 -48.77 20.78 -6.24
N GLN H 15 -48.62 21.94 -6.88
CA GLN H 15 -49.72 22.86 -7.04
C GLN H 15 -50.81 22.25 -7.92
N PRO H 16 -52.09 22.66 -7.73
CA PRO H 16 -53.18 22.20 -8.58
C PRO H 16 -52.99 22.58 -10.05
N ASP I 1 55.69 -4.65 4.15
CA ASP I 1 55.96 -5.50 3.01
C ASP I 1 55.61 -6.95 3.29
N ARG I 2 55.72 -7.36 4.55
CA ARG I 2 55.44 -8.73 4.97
C ARG I 2 54.14 -8.78 5.76
N ALA I 3 53.55 -9.97 5.82
CA ALA I 3 52.27 -10.16 6.47
C ALA I 3 52.40 -10.18 7.99
N ALA I 4 51.45 -9.52 8.65
CA ALA I 4 51.26 -9.58 10.10
C ALA I 4 49.77 -9.78 10.37
N GLY I 5 49.44 -10.15 11.60
CA GLY I 5 48.06 -10.42 11.91
C GLY I 5 47.81 -10.42 13.41
N GLN I 6 46.59 -10.81 13.77
CA GLN I 6 46.20 -10.83 15.17
C GLN I 6 46.87 -12.01 15.88
N PRO I 7 47.18 -11.85 17.18
CA PRO I 7 48.01 -12.85 17.87
C PRO I 7 47.45 -14.26 17.86
N ALA I 8 46.13 -14.43 17.71
CA ALA I 8 45.56 -15.77 17.71
C ALA I 8 45.97 -16.58 16.51
N GLY I 9 46.60 -15.96 15.51
CA GLY I 9 47.02 -16.70 14.32
C GLY I 9 48.21 -17.60 14.57
N ASP I 10 49.12 -17.19 15.46
CA ASP I 10 50.30 -17.97 15.80
C ASP I 10 50.26 -18.33 17.28
N ARG I 11 50.80 -19.51 17.60
CA ARG I 11 50.83 -19.94 19.00
C ARG I 11 51.84 -19.13 19.82
N ALA I 12 52.95 -18.71 19.19
CA ALA I 12 53.90 -17.88 19.90
C ALA I 12 53.35 -16.49 20.14
N ASP I 13 52.44 -16.03 19.29
CA ASP I 13 51.86 -14.70 19.40
C ASP I 13 50.70 -14.68 20.39
#